data_3PUZ
#
_entry.id   3PUZ
#
_cell.length_a   80.021
_cell.length_b   93.360
_cell.length_c   119.761
_cell.angle_alpha   90.05
_cell.angle_beta   102.57
_cell.angle_gamma   105.01
#
_symmetry.space_group_name_H-M   'P 1'
#
loop_
_entity.id
_entity.type
_entity.pdbx_description
1 polymer 'Maltose transporter subunit; periplasmic-binding component of ABC superfamily'
2 polymer 'Maltose transporter subunit; membrane component of ABC superfamily'
3 polymer 'Maltose transporter subunit; membrane component of ABC superfamily'
4 polymer 'Fused maltose transport subunit, ATP-binding component of ABC superfamily; regulatory protein'
5 branched alpha-D-glucopyranose-(1-4)-alpha-D-glucopyranose
6 non-polymer '(1R)-2-{[{[(2S)-2,3-DIHYDROXYPROPYL]OXY}(HYDROXY)PHOSPHORYL]OXY}-1-[(PALMITOYLOXY)METHYL]ETHYL (11E)-OCTADEC-11-ENOATE'
7 non-polymer 'MAGNESIUM ION'
8 non-polymer 'PHOSPHOAMINOPHOSPHONIC ACID-ADENYLATE ESTER'
9 water water
#
loop_
_entity_poly.entity_id
_entity_poly.type
_entity_poly.pdbx_seq_one_letter_code
_entity_poly.pdbx_strand_id
1 'polypeptide(L)'
;KIEEGKLVIWINGDKGYNGLAEVGKKFEKDTGIKVTVEHPDKLEEKFPQVAATGDGPDIIFWAHDRFGCYAQSGLLAEIT
PDKAFQDKLYPFTWDAVRYNGKLIAYPIAVEALSLIYNKDLLPNPPKTWEEIPALDKELKAKGKSALMFNLQEPYFTWPL
IAADGGYAFKYENGKYDIKDVGVDNAGAKAGLTFLVDLIKNKHMNADTDYSIAEAAFNKGETAMTINGPWAWSNIDTSKV
NYGVTVLPTFKGQPSKPFVGVLSAGINAASPNKELAKEFLENYLLTDEGLEAVNKDKPLGAVALKSYEEELAKDPRIAAT
MENAQKGEIMPNIPQMCAFWYAVRTAVINAASGRQTVDEALKDAQTRITK
;
E
2 'polypeptide(L)'
;MDVIKKKHWWQSDALKWSVLGLLGLLVGYLVVLMYAQGEYLFAITTLILSSAGLYIFANRKAYAWRYVYPGMAGMGLFVL
FPLVCTIAIAFTNYSSTNQLTFERAQEVLLDRSWQAGKTYNFGLYPAGDEWQLALSDGETGKNYLSDAFKFGGEQKLQLK
ETTAQPEGERANLRVITQNRQALSDITAILPDGNKVMMSSLRQFSGTQPLYTLDGDGTLTNNQSGVKYRPNNQIGFYQSI
TADGNWGDEKLSPGYTVTTGWKNFTRVFTDEGIQKPFLAIFVWTVVFSLITVFLTVAVGMVLACLVQWEALRGKAVYRVL
LILPYAVPSFISILIFKGLFNQSFGEINMMLSALFGVKPAWFSDPTTARTMLIIVNTWLGYPYMMILCMGLLKAIPDDLY
EASAMDGAGPFQNFFKITLPLLIKPLTPLMIASFAFNFNNFVLIQLLTNGGPDRLGTTTPAGYTDLLVNYTYRIAFEGGG
GQDFGLAAAIATLIFLLVGALAIVNLKATRMKFD
;
F
3 'polypeptide(L)'
;MAMVQPKSQKARLFITHLLLLLFIAAIMFPLLMVVAISLRQGNFATGSLIPEQISWDHWKLALGFSVEQADGRITPPPFP
VLLWLWNSVKVAGISAIGIVALSTTCAYAFARMRFPGKATLLKGMLIFQMFPAVLSLVALYALFDRLGEYIPFIGLNTHG
GVIFAYLGGIALHVWTIKGYFETIDSSLEEAAALDGATPWQAFRLVLLPLSVPILAVVFILSFIAAITEVPVASLLLRDV
NSYTLAVGMQQYLNPQNYLWGDFAAAAVMSALPITIVFLLAQRWLVNGLTAGGVKG
;
G
4 'polypeptide(L)'
;MASVQLQNVTKAWGEVVVSKDINLDIHEGEFVVFVGPSGCGKSTLLRMIAGLETITSGDLFIGEKRMNDTPPAERGVGMV
FQSYALYPHLSVAENMSFGLKLAGAKKEVINQRVNQVAEVLQLAHLLDRKPKALSGGQRQRVAIGRTLVAEPSVFLLDEP
LSNLDAALRVQMRIEISRLHKRLGRTMIYVTHDQVEAMTLADKIVVLDAGRVAQVGKPLELYHYPADRFVAGFIGSPKMN
FLPVKVTATAIDQVQVELPMPNRQQVWLPVESRDVQVGANMSLGIRPEHLLPSDIADVILEGEVQVVEQLGNETQIHIQI
PSIRQNLVYRQNDVVLVEEGATFAIGLPPERCHLFREDGTACRRLHKEPGVASASHHHHHH
;
A,B
#
# COMPACT_ATOMS: atom_id res chain seq x y z
N LYS A 1 -14.75 -36.32 -0.63
CA LYS A 1 -16.03 -36.97 -0.23
C LYS A 1 -17.23 -36.38 -1.00
N ILE A 2 -17.85 -37.22 -1.81
CA ILE A 2 -19.13 -36.88 -2.46
C ILE A 2 -20.24 -37.08 -1.45
N GLU A 3 -21.13 -36.10 -1.35
CA GLU A 3 -22.25 -36.16 -0.40
C GLU A 3 -23.25 -37.26 -0.76
N GLU A 4 -23.72 -37.97 0.25
CA GLU A 4 -24.77 -38.98 0.09
C GLU A 4 -26.14 -38.30 0.14
N GLY A 5 -27.10 -38.89 -0.55
CA GLY A 5 -28.49 -38.43 -0.46
C GLY A 5 -28.93 -37.51 -1.58
N LYS A 6 -27.99 -37.18 -2.46
CA LYS A 6 -28.31 -36.37 -3.64
C LYS A 6 -27.49 -36.78 -4.87
N LEU A 7 -27.91 -36.31 -6.04
CA LEU A 7 -27.22 -36.63 -7.29
C LEU A 7 -26.67 -35.39 -7.97
N VAL A 8 -25.35 -35.34 -8.10
CA VAL A 8 -24.67 -34.31 -8.86
C VAL A 8 -24.36 -34.90 -10.24
N ILE A 9 -24.79 -34.21 -11.29
CA ILE A 9 -24.55 -34.66 -12.66
C ILE A 9 -23.74 -33.60 -13.41
N TRP A 10 -22.76 -34.09 -14.18
CA TRP A 10 -21.92 -33.23 -15.01
C TRP A 10 -22.08 -33.57 -16.49
N ILE A 11 -22.38 -32.53 -17.27
CA ILE A 11 -22.63 -32.67 -18.72
C ILE A 11 -22.06 -31.45 -19.45
N ASN A 12 -21.47 -31.68 -20.62
CA ASN A 12 -20.86 -30.59 -21.40
C ASN A 12 -21.88 -29.51 -21.73
N GLY A 13 -21.42 -28.26 -21.73
CA GLY A 13 -22.29 -27.09 -21.88
C GLY A 13 -23.08 -27.00 -23.18
N ASP A 14 -22.61 -27.68 -24.22
CA ASP A 14 -23.26 -27.63 -25.53
C ASP A 14 -24.43 -28.62 -25.67
N LYS A 15 -24.60 -29.47 -24.65
CA LYS A 15 -25.75 -30.36 -24.59
C LYS A 15 -26.88 -29.69 -23.79
N GLY A 16 -28.05 -30.31 -23.77
CA GLY A 16 -29.24 -29.72 -23.17
C GLY A 16 -29.35 -29.94 -21.67
N TYR A 17 -28.55 -29.21 -20.91
CA TYR A 17 -28.49 -29.37 -19.45
C TYR A 17 -29.77 -28.96 -18.73
N ASN A 18 -30.43 -27.93 -19.22
CA ASN A 18 -31.68 -27.47 -18.62
C ASN A 18 -32.80 -28.49 -18.76
N GLY A 19 -32.81 -29.20 -19.89
CA GLY A 19 -33.76 -30.27 -20.13
C GLY A 19 -33.49 -31.45 -19.20
N LEU A 20 -32.21 -31.82 -19.10
CA LEU A 20 -31.78 -32.91 -18.23
C LEU A 20 -32.15 -32.66 -16.77
N ALA A 21 -32.15 -31.39 -16.38
CA ALA A 21 -32.57 -30.96 -15.06
C ALA A 21 -34.05 -31.26 -14.80
N GLU A 22 -34.88 -31.06 -15.83
CA GLU A 22 -36.33 -31.35 -15.76
C GLU A 22 -36.58 -32.81 -15.43
N VAL A 23 -35.75 -33.69 -15.98
CA VAL A 23 -35.76 -35.12 -15.67
C VAL A 23 -35.41 -35.30 -14.19
N GLY A 24 -34.45 -34.51 -13.71
CA GLY A 24 -34.04 -34.55 -12.32
C GLY A 24 -35.13 -34.12 -11.34
N LYS A 25 -35.97 -33.18 -11.76
CA LYS A 25 -37.07 -32.69 -10.93
C LYS A 25 -38.16 -33.77 -10.75
N LYS A 26 -38.38 -34.55 -11.80
CA LYS A 26 -39.31 -35.67 -11.74
C LYS A 26 -38.77 -36.76 -10.81
N PHE A 27 -37.45 -37.00 -10.89
CA PHE A 27 -36.76 -37.95 -10.02
C PHE A 27 -36.85 -37.49 -8.56
N GLU A 28 -36.78 -36.17 -8.37
CA GLU A 28 -36.95 -35.57 -7.05
C GLU A 28 -38.39 -35.70 -6.56
N LYS A 29 -39.34 -35.54 -7.49
CA LYS A 29 -40.76 -35.62 -7.14
C LYS A 29 -41.14 -37.01 -6.63
N ASP A 30 -40.54 -38.04 -7.23
CA ASP A 30 -40.88 -39.42 -6.90
C ASP A 30 -40.08 -39.98 -5.74
N THR A 31 -38.79 -39.63 -5.68
CA THR A 31 -37.91 -40.18 -4.66
C THR A 31 -37.70 -39.24 -3.47
N GLY A 32 -37.81 -37.94 -3.72
CA GLY A 32 -37.55 -36.93 -2.69
C GLY A 32 -36.07 -36.58 -2.64
N ILE A 33 -35.35 -36.91 -3.70
CA ILE A 33 -33.90 -36.70 -3.76
C ILE A 33 -33.54 -35.69 -4.85
N LYS A 34 -32.81 -34.66 -4.45
CA LYS A 34 -32.50 -33.53 -5.33
C LYS A 34 -31.40 -33.83 -6.34
N VAL A 35 -31.68 -33.52 -7.60
CA VAL A 35 -30.72 -33.70 -8.67
C VAL A 35 -30.15 -32.34 -9.09
N THR A 36 -28.84 -32.21 -8.98
CA THR A 36 -28.13 -31.02 -9.45
C THR A 36 -27.40 -31.32 -10.75
N VAL A 37 -27.80 -30.61 -11.81
CA VAL A 37 -27.12 -30.67 -13.09
C VAL A 37 -26.16 -29.47 -13.20
N GLU A 38 -24.93 -29.75 -13.58
CA GLU A 38 -23.92 -28.71 -13.76
C GLU A 38 -23.22 -28.91 -15.08
N HIS A 39 -22.76 -27.81 -15.65
CA HIS A 39 -22.07 -27.82 -16.94
C HIS A 39 -20.73 -27.08 -16.84
N PRO A 40 -19.75 -27.65 -16.11
CA PRO A 40 -18.48 -26.97 -15.92
C PRO A 40 -17.64 -26.89 -17.21
N ASP A 41 -16.86 -25.82 -17.33
CA ASP A 41 -15.98 -25.62 -18.48
C ASP A 41 -14.87 -26.67 -18.51
N LYS A 42 -14.46 -27.05 -19.71
CA LYS A 42 -13.43 -28.09 -19.90
C LYS A 42 -13.74 -29.33 -19.06
N LEU A 43 -14.92 -29.91 -19.30
CA LEU A 43 -15.42 -31.03 -18.51
C LEU A 43 -14.55 -32.29 -18.64
N GLU A 44 -14.08 -32.54 -19.86
CA GLU A 44 -13.21 -33.68 -20.16
C GLU A 44 -11.92 -33.69 -19.32
N GLU A 45 -11.53 -32.51 -18.84
CA GLU A 45 -10.34 -32.36 -18.00
C GLU A 45 -10.67 -32.30 -16.53
N LYS A 46 -11.77 -31.62 -16.19
CA LYS A 46 -12.15 -31.39 -14.79
C LYS A 46 -12.49 -32.70 -14.06
N PHE A 47 -13.28 -33.56 -14.70
CA PHE A 47 -13.68 -34.83 -14.10
C PHE A 47 -12.51 -35.72 -13.64
N PRO A 48 -11.56 -36.06 -14.54
CA PRO A 48 -10.42 -36.87 -14.11
C PRO A 48 -9.68 -36.30 -12.89
N GLN A 49 -9.62 -34.98 -12.81
CA GLN A 49 -8.92 -34.30 -11.72
C GLN A 49 -9.65 -34.49 -10.40
N VAL A 50 -10.94 -34.19 -10.38
CA VAL A 50 -11.73 -34.25 -9.14
C VAL A 50 -12.05 -35.68 -8.69
N ALA A 51 -12.33 -36.55 -9.66
CA ALA A 51 -12.71 -37.94 -9.38
C ALA A 51 -11.59 -38.75 -8.75
N ALA A 52 -10.35 -38.44 -9.13
CA ALA A 52 -9.16 -39.14 -8.62
C ALA A 52 -8.98 -38.97 -7.11
N THR A 53 -9.45 -37.85 -6.58
CA THR A 53 -9.43 -37.61 -5.13
C THR A 53 -10.77 -37.99 -4.47
N GLY A 54 -11.57 -38.76 -5.20
CA GLY A 54 -12.88 -39.22 -4.71
C GLY A 54 -13.94 -38.15 -4.64
N ASP A 55 -13.82 -37.14 -5.50
CA ASP A 55 -14.76 -36.03 -5.53
C ASP A 55 -15.46 -35.97 -6.88
N GLY A 56 -16.17 -34.87 -7.14
CA GLY A 56 -16.87 -34.68 -8.39
C GLY A 56 -18.30 -35.16 -8.36
N PRO A 57 -18.90 -35.40 -9.54
CA PRO A 57 -20.30 -35.76 -9.70
C PRO A 57 -20.55 -37.25 -9.45
N ASP A 58 -21.82 -37.62 -9.35
CA ASP A 58 -22.21 -39.02 -9.24
C ASP A 58 -22.38 -39.63 -10.63
N ILE A 59 -22.86 -38.81 -11.57
CA ILE A 59 -23.06 -39.23 -12.96
C ILE A 59 -22.28 -38.31 -13.89
N ILE A 60 -21.52 -38.89 -14.82
CA ILE A 60 -20.67 -38.12 -15.73
C ILE A 60 -21.01 -38.36 -17.19
N PHE A 61 -21.21 -37.27 -17.93
CA PHE A 61 -21.58 -37.33 -19.34
C PHE A 61 -20.45 -36.89 -20.27
N TRP A 62 -20.09 -37.78 -21.19
CA TRP A 62 -19.22 -37.45 -22.32
C TRP A 62 -19.42 -38.48 -23.44
N ALA A 63 -18.82 -38.22 -24.59
CA ALA A 63 -18.76 -39.22 -25.66
C ALA A 63 -17.92 -40.41 -25.17
N HIS A 64 -18.19 -41.59 -25.71
CA HIS A 64 -17.61 -42.83 -25.23
C HIS A 64 -16.08 -42.92 -25.33
N ASP A 65 -15.48 -42.12 -26.21
CA ASP A 65 -14.05 -42.20 -26.47
C ASP A 65 -13.17 -41.83 -25.27
N ARG A 66 -13.67 -40.94 -24.43
CA ARG A 66 -12.95 -40.53 -23.23
C ARG A 66 -13.13 -41.53 -22.09
N PHE A 67 -14.20 -42.33 -22.17
CA PHE A 67 -14.57 -43.26 -21.09
C PHE A 67 -13.58 -44.40 -20.85
N GLY A 68 -12.77 -44.72 -21.85
CA GLY A 68 -11.74 -45.74 -21.72
C GLY A 68 -10.59 -45.28 -20.84
N CYS A 69 -10.19 -44.03 -21.01
CA CYS A 69 -9.20 -43.39 -20.15
C CYS A 69 -9.71 -43.30 -18.71
N TYR A 70 -10.99 -42.97 -18.56
CA TYR A 70 -11.61 -42.86 -17.23
C TYR A 70 -11.70 -44.20 -16.51
N ALA A 71 -12.01 -45.25 -17.25
CA ALA A 71 -12.19 -46.59 -16.68
C ALA A 71 -10.86 -47.18 -16.22
N GLN A 72 -9.81 -46.94 -17.01
CA GLN A 72 -8.47 -47.43 -16.69
C GLN A 72 -7.89 -46.75 -15.45
N SER A 73 -8.30 -45.51 -15.21
CA SER A 73 -7.82 -44.73 -14.07
C SER A 73 -8.53 -45.07 -12.76
N GLY A 74 -9.54 -45.94 -12.85
CA GLY A 74 -10.32 -46.37 -11.69
C GLY A 74 -11.32 -45.33 -11.22
N LEU A 75 -11.77 -44.49 -12.15
CA LEU A 75 -12.70 -43.40 -11.86
C LEU A 75 -14.16 -43.82 -12.10
N LEU A 76 -14.34 -44.96 -12.75
CA LEU A 76 -15.67 -45.43 -13.14
C LEU A 76 -16.06 -46.72 -12.43
N ALA A 77 -17.31 -46.77 -11.99
CA ALA A 77 -17.90 -47.98 -11.44
C ALA A 77 -18.51 -48.78 -12.58
N GLU A 78 -18.39 -50.10 -12.50
CA GLU A 78 -19.01 -50.99 -13.47
C GLU A 78 -20.53 -50.91 -13.32
N ILE A 79 -21.21 -50.46 -14.38
CA ILE A 79 -22.68 -50.40 -14.37
C ILE A 79 -23.26 -51.80 -14.56
N THR A 80 -24.47 -52.01 -14.05
CA THR A 80 -25.03 -53.36 -13.94
C THR A 80 -26.46 -53.49 -14.48
N PRO A 81 -26.66 -53.27 -15.79
CA PRO A 81 -28.01 -53.44 -16.32
C PRO A 81 -28.32 -54.91 -16.57
N ASP A 82 -29.56 -55.32 -16.26
CA ASP A 82 -30.00 -56.69 -16.52
C ASP A 82 -30.28 -56.93 -18.00
N LYS A 83 -30.74 -58.15 -18.33
CA LYS A 83 -31.02 -58.53 -19.71
C LYS A 83 -32.14 -57.70 -20.33
N ALA A 84 -33.16 -57.39 -19.54
CA ALA A 84 -34.34 -56.67 -20.02
C ALA A 84 -34.01 -55.23 -20.43
N PHE A 85 -33.07 -54.60 -19.72
CA PHE A 85 -32.69 -53.23 -20.00
C PHE A 85 -31.77 -53.12 -21.21
N GLN A 86 -30.81 -54.03 -21.31
CA GLN A 86 -29.88 -54.04 -22.44
C GLN A 86 -30.62 -54.19 -23.77
N ASP A 87 -31.69 -54.99 -23.75
CA ASP A 87 -32.54 -55.21 -24.91
C ASP A 87 -33.38 -53.97 -25.30
N LYS A 88 -33.34 -52.94 -24.47
CA LYS A 88 -34.04 -51.67 -24.76
C LYS A 88 -33.21 -50.71 -25.60
N LEU A 89 -31.90 -50.90 -25.59
CA LEU A 89 -31.00 -50.09 -26.43
C LEU A 89 -30.42 -50.92 -27.57
N TYR A 90 -29.87 -50.23 -28.57
CA TYR A 90 -29.21 -50.90 -29.70
C TYR A 90 -27.86 -51.48 -29.28
N PRO A 91 -27.57 -52.74 -29.72
CA PRO A 91 -26.36 -53.47 -29.33
C PRO A 91 -25.05 -52.78 -29.68
N PHE A 92 -25.02 -52.00 -30.76
CA PHE A 92 -23.79 -51.33 -31.19
C PHE A 92 -23.41 -50.16 -30.28
N THR A 93 -24.40 -49.65 -29.53
CA THR A 93 -24.15 -48.59 -28.55
C THR A 93 -23.56 -49.15 -27.27
N TRP A 94 -23.98 -50.36 -26.88
CA TRP A 94 -23.40 -51.07 -25.75
C TRP A 94 -21.95 -51.46 -26.02
N ASP A 95 -21.63 -51.70 -27.29
CA ASP A 95 -20.26 -52.00 -27.72
C ASP A 95 -19.33 -50.79 -27.57
N ALA A 96 -19.89 -49.58 -27.72
CA ALA A 96 -19.13 -48.35 -27.55
C ALA A 96 -18.76 -48.10 -26.09
N VAL A 97 -19.64 -48.53 -25.18
CA VAL A 97 -19.45 -48.34 -23.75
C VAL A 97 -18.87 -49.58 -23.06
N ARG A 98 -18.28 -50.47 -23.84
CA ARG A 98 -17.64 -51.67 -23.33
C ARG A 98 -16.14 -51.47 -23.28
N TYR A 99 -15.55 -51.66 -22.11
CA TYR A 99 -14.10 -51.60 -21.94
C TYR A 99 -13.61 -52.81 -21.15
N ASN A 100 -12.74 -53.61 -21.79
CA ASN A 100 -12.26 -54.88 -21.22
C ASN A 100 -13.39 -55.81 -20.78
N GLY A 101 -14.36 -55.98 -21.67
CA GLY A 101 -15.48 -56.90 -21.44
C GLY A 101 -16.51 -56.44 -20.42
N LYS A 102 -16.33 -55.23 -19.89
CA LYS A 102 -17.23 -54.68 -18.88
C LYS A 102 -17.91 -53.40 -19.35
N LEU A 103 -19.17 -53.23 -18.95
CA LEU A 103 -19.93 -52.02 -19.27
C LEU A 103 -19.61 -50.93 -18.26
N ILE A 104 -19.13 -49.79 -18.76
CA ILE A 104 -18.62 -48.71 -17.92
C ILE A 104 -19.51 -47.46 -17.91
N ALA A 105 -20.48 -47.42 -18.82
CA ALA A 105 -21.43 -46.29 -18.92
C ALA A 105 -22.70 -46.70 -19.66
N TYR A 106 -23.78 -45.95 -19.45
CA TYR A 106 -24.99 -46.09 -20.23
C TYR A 106 -24.88 -45.20 -21.47
N PRO A 107 -24.97 -45.81 -22.67
CA PRO A 107 -24.97 -45.00 -23.90
C PRO A 107 -26.31 -44.31 -24.09
N ILE A 108 -26.29 -43.01 -24.40
CA ILE A 108 -27.51 -42.21 -24.51
C ILE A 108 -27.89 -41.95 -25.96
N ALA A 109 -27.01 -41.30 -26.71
CA ALA A 109 -27.32 -40.93 -28.10
C ALA A 109 -26.11 -40.97 -29.02
N VAL A 110 -26.34 -41.41 -30.25
CA VAL A 110 -25.32 -41.43 -31.29
C VAL A 110 -25.17 -40.03 -31.88
N GLU A 111 -23.93 -39.55 -31.92
CA GLU A 111 -23.61 -38.22 -32.47
C GLU A 111 -22.78 -38.33 -33.74
N ALA A 112 -23.01 -37.40 -34.67
CA ALA A 112 -22.26 -37.32 -35.92
C ALA A 112 -22.39 -35.95 -36.55
N LEU A 113 -21.28 -35.42 -37.05
CA LEU A 113 -21.27 -34.14 -37.75
C LEU A 113 -21.90 -34.24 -39.12
N SER A 114 -22.60 -33.18 -39.53
CA SER A 114 -23.18 -33.06 -40.86
C SER A 114 -23.00 -31.63 -41.37
N LEU A 115 -23.02 -31.49 -42.69
CA LEU A 115 -22.94 -30.17 -43.31
C LEU A 115 -24.31 -29.47 -43.21
N ILE A 116 -24.33 -28.33 -42.52
CA ILE A 116 -25.56 -27.56 -42.36
C ILE A 116 -25.49 -26.35 -43.29
N TYR A 117 -26.47 -26.24 -44.18
CA TYR A 117 -26.49 -25.19 -45.19
C TYR A 117 -27.71 -24.27 -45.12
N ASN A 118 -27.50 -23.01 -45.46
CA ASN A 118 -28.57 -22.01 -45.53
C ASN A 118 -29.26 -22.11 -46.89
N LYS A 119 -30.53 -22.49 -46.88
CA LYS A 119 -31.29 -22.76 -48.10
C LYS A 119 -31.50 -21.53 -49.00
N ASP A 120 -31.74 -20.38 -48.39
CA ASP A 120 -31.99 -19.14 -49.12
C ASP A 120 -30.76 -18.64 -49.87
N LEU A 121 -29.58 -18.86 -49.27
CA LEU A 121 -28.32 -18.48 -49.89
C LEU A 121 -27.79 -19.58 -50.80
N LEU A 122 -27.99 -20.83 -50.40
CA LEU A 122 -27.47 -21.97 -51.13
C LEU A 122 -28.49 -23.11 -51.19
N PRO A 123 -29.31 -23.14 -52.26
CA PRO A 123 -30.32 -24.18 -52.44
C PRO A 123 -29.70 -25.56 -52.69
N ASN A 124 -28.59 -25.58 -53.42
CA ASN A 124 -27.86 -26.81 -53.73
C ASN A 124 -26.44 -26.81 -53.15
N PRO A 125 -26.28 -27.34 -51.92
CA PRO A 125 -24.98 -27.44 -51.26
C PRO A 125 -23.99 -28.33 -52.04
N PRO A 126 -22.68 -28.02 -51.96
CA PRO A 126 -21.63 -28.76 -52.65
C PRO A 126 -21.54 -30.22 -52.22
N LYS A 127 -21.35 -31.11 -53.18
CA LYS A 127 -21.12 -32.52 -52.92
C LYS A 127 -19.64 -32.80 -52.70
N THR A 128 -18.80 -31.83 -53.07
CA THR A 128 -17.35 -31.97 -53.00
C THR A 128 -16.75 -30.86 -52.15
N TRP A 129 -15.59 -31.13 -51.55
CA TRP A 129 -14.79 -30.11 -50.88
C TRP A 129 -14.14 -29.19 -51.92
N GLU A 130 -13.80 -29.76 -53.07
CA GLU A 130 -13.08 -29.07 -54.13
C GLU A 130 -13.82 -27.87 -54.74
N GLU A 131 -15.15 -27.90 -54.70
CA GLU A 131 -15.97 -26.85 -55.30
C GLU A 131 -16.35 -25.70 -54.35
N ILE A 132 -15.83 -25.74 -53.12
CA ILE A 132 -16.11 -24.70 -52.12
C ILE A 132 -15.35 -23.38 -52.38
N PRO A 133 -14.05 -23.45 -52.73
CA PRO A 133 -13.32 -22.21 -53.05
C PRO A 133 -13.96 -21.43 -54.19
N ALA A 134 -14.41 -22.14 -55.22
CA ALA A 134 -15.13 -21.53 -56.34
C ALA A 134 -16.44 -20.89 -55.88
N LEU A 135 -17.14 -21.59 -55.00
CA LEU A 135 -18.41 -21.11 -54.44
C LEU A 135 -18.19 -19.92 -53.50
N ASP A 136 -17.06 -19.93 -52.78
CA ASP A 136 -16.73 -18.86 -51.86
C ASP A 136 -16.58 -17.52 -52.56
N LYS A 137 -15.89 -17.52 -53.70
CA LYS A 137 -15.72 -16.31 -54.52
C LYS A 137 -17.08 -15.75 -54.95
N GLU A 138 -17.98 -16.64 -55.34
CA GLU A 138 -19.36 -16.28 -55.73
C GLU A 138 -20.10 -15.59 -54.59
N LEU A 139 -19.99 -16.15 -53.39
CA LEU A 139 -20.70 -15.62 -52.23
C LEU A 139 -19.98 -14.45 -51.58
N LYS A 140 -18.66 -14.39 -51.72
CA LYS A 140 -17.86 -13.33 -51.11
C LYS A 140 -18.16 -11.98 -51.76
N ALA A 141 -18.34 -11.98 -53.08
CA ALA A 141 -18.71 -10.79 -53.83
C ALA A 141 -20.14 -10.33 -53.51
N LYS A 142 -20.96 -11.27 -53.04
CA LYS A 142 -22.34 -10.99 -52.66
C LYS A 142 -22.44 -10.42 -51.25
N GLY A 143 -21.28 -10.25 -50.60
CA GLY A 143 -21.21 -9.72 -49.24
C GLY A 143 -21.19 -10.80 -48.18
N LYS A 144 -21.32 -12.06 -48.61
CA LYS A 144 -21.37 -13.20 -47.68
C LYS A 144 -20.11 -14.07 -47.79
N SER A 145 -20.25 -15.35 -47.44
CA SER A 145 -19.15 -16.31 -47.49
C SER A 145 -19.69 -17.73 -47.61
N ALA A 146 -18.84 -18.65 -48.07
CA ALA A 146 -19.25 -20.04 -48.29
C ALA A 146 -19.43 -20.84 -47.00
N LEU A 147 -18.32 -21.12 -46.32
CA LEU A 147 -18.30 -22.06 -45.20
C LEU A 147 -17.49 -21.52 -44.03
N MET A 148 -18.06 -21.63 -42.83
CA MET A 148 -17.36 -21.30 -41.59
C MET A 148 -17.66 -22.31 -40.48
N PHE A 149 -16.63 -23.05 -40.07
CA PHE A 149 -16.77 -24.03 -39.00
C PHE A 149 -15.57 -24.01 -38.05
N ASN A 150 -15.76 -24.56 -36.85
CA ASN A 150 -14.72 -24.60 -35.83
C ASN A 150 -13.46 -25.33 -36.28
N LEU A 151 -12.31 -24.67 -36.16
CA LEU A 151 -11.03 -25.24 -36.56
C LEU A 151 -10.13 -25.54 -35.37
N GLN A 152 -10.54 -25.08 -34.19
CA GLN A 152 -9.73 -25.20 -32.97
C GLN A 152 -9.74 -26.61 -32.38
N GLU A 153 -10.79 -27.37 -32.69
CA GLU A 153 -10.90 -28.76 -32.25
C GLU A 153 -10.78 -29.70 -33.44
N PRO A 154 -10.00 -30.80 -33.27
CA PRO A 154 -9.81 -31.80 -34.33
C PRO A 154 -11.07 -32.56 -34.71
N TYR A 155 -12.00 -32.69 -33.75
CA TYR A 155 -13.30 -33.34 -33.95
C TYR A 155 -14.05 -32.78 -35.16
N PHE A 156 -13.84 -31.49 -35.42
CA PHE A 156 -14.51 -30.79 -36.52
C PHE A 156 -13.70 -30.83 -37.82
N THR A 157 -12.40 -31.08 -37.71
CA THR A 157 -11.52 -31.05 -38.88
C THR A 157 -11.05 -32.44 -39.33
N TRP A 158 -11.37 -33.45 -38.53
CA TRP A 158 -10.99 -34.83 -38.83
C TRP A 158 -11.67 -35.43 -40.08
N PRO A 159 -12.97 -35.12 -40.31
CA PRO A 159 -13.64 -35.60 -41.52
C PRO A 159 -12.84 -35.37 -42.82
N LEU A 160 -12.29 -34.18 -42.98
CA LEU A 160 -11.51 -33.82 -44.17
C LEU A 160 -10.16 -34.54 -44.20
N ILE A 161 -9.53 -34.64 -43.03
CA ILE A 161 -8.23 -35.29 -42.89
C ILE A 161 -8.33 -36.80 -43.16
N ALA A 162 -9.35 -37.43 -42.57
CA ALA A 162 -9.57 -38.87 -42.68
C ALA A 162 -10.32 -39.29 -43.93
N ALA A 163 -10.49 -38.35 -44.86
CA ALA A 163 -11.20 -38.62 -46.11
C ALA A 163 -10.38 -39.52 -47.05
N ASP A 164 -9.22 -39.03 -47.47
CA ASP A 164 -8.38 -39.73 -48.45
C ASP A 164 -7.71 -40.99 -47.90
N GLY A 165 -7.68 -41.13 -46.57
CA GLY A 165 -7.18 -42.35 -45.94
C GLY A 165 -6.58 -42.20 -44.56
N GLY A 166 -6.98 -41.15 -43.83
CA GLY A 166 -6.51 -40.93 -42.47
C GLY A 166 -7.25 -41.81 -41.47
N TYR A 167 -6.55 -42.21 -40.40
CA TYR A 167 -7.14 -42.99 -39.32
C TYR A 167 -6.40 -42.81 -38.00
N ALA A 168 -7.06 -43.16 -36.89
CA ALA A 168 -6.44 -43.06 -35.57
C ALA A 168 -5.62 -44.31 -35.29
N PHE A 169 -6.29 -45.45 -35.23
CA PHE A 169 -5.64 -46.73 -34.96
C PHE A 169 -6.20 -47.80 -35.88
N LYS A 170 -5.31 -48.53 -36.55
CA LYS A 170 -5.70 -49.60 -37.45
C LYS A 170 -6.34 -50.75 -36.67
N TYR A 171 -7.60 -51.02 -36.97
CA TYR A 171 -8.36 -52.05 -36.27
C TYR A 171 -8.25 -53.40 -36.97
N GLU A 172 -7.42 -54.28 -36.41
CA GLU A 172 -7.28 -55.64 -36.91
C GLU A 172 -8.41 -56.49 -36.33
N ASN A 173 -8.74 -57.58 -37.03
CA ASN A 173 -9.83 -58.47 -36.61
C ASN A 173 -9.71 -58.95 -35.16
N GLY A 174 -10.34 -58.19 -34.26
CA GLY A 174 -10.26 -58.46 -32.82
C GLY A 174 -10.07 -57.19 -32.00
N LYS A 175 -8.86 -56.62 -32.08
CA LYS A 175 -8.50 -55.46 -31.25
C LYS A 175 -7.71 -54.39 -31.99
N TYR A 176 -7.72 -53.17 -31.44
CA TYR A 176 -7.02 -52.01 -32.01
C TYR A 176 -5.51 -52.11 -31.83
N ASP A 177 -4.78 -52.10 -32.94
CA ASP A 177 -3.33 -52.08 -32.92
C ASP A 177 -2.86 -50.64 -32.71
N ILE A 178 -2.26 -50.40 -31.54
CA ILE A 178 -1.92 -49.03 -31.11
C ILE A 178 -0.56 -48.55 -31.65
N LYS A 179 0.06 -49.33 -32.51
CA LYS A 179 1.35 -48.98 -33.11
C LYS A 179 1.20 -48.51 -34.55
N ASP A 180 0.02 -48.72 -35.13
CA ASP A 180 -0.28 -48.26 -36.49
C ASP A 180 -1.25 -47.07 -36.45
N VAL A 181 -0.69 -45.87 -36.59
CA VAL A 181 -1.47 -44.63 -36.56
C VAL A 181 -1.42 -43.95 -37.92
N GLY A 182 -2.59 -43.60 -38.44
CA GLY A 182 -2.71 -43.00 -39.77
C GLY A 182 -2.97 -41.51 -39.78
N VAL A 183 -2.12 -40.76 -39.11
CA VAL A 183 -2.16 -39.29 -39.14
C VAL A 183 -0.95 -38.74 -39.92
N ASP A 184 -0.02 -39.63 -40.25
CA ASP A 184 1.22 -39.27 -40.92
C ASP A 184 1.16 -39.56 -42.42
N ASN A 185 0.33 -40.53 -42.79
CA ASN A 185 0.24 -41.02 -44.18
C ASN A 185 -0.17 -39.98 -45.22
N ALA A 186 -0.02 -40.35 -46.50
CA ALA A 186 -0.31 -39.47 -47.63
C ALA A 186 -1.75 -38.92 -47.63
N GLY A 187 -2.69 -39.74 -47.19
CA GLY A 187 -4.10 -39.37 -47.13
C GLY A 187 -4.40 -38.27 -46.11
N ALA A 188 -3.85 -38.42 -44.90
CA ALA A 188 -4.00 -37.43 -43.86
C ALA A 188 -3.38 -36.09 -44.25
N LYS A 189 -2.19 -36.15 -44.86
CA LYS A 189 -1.48 -34.96 -45.31
C LYS A 189 -2.26 -34.19 -46.37
N ALA A 190 -2.75 -34.90 -47.39
CA ALA A 190 -3.50 -34.30 -48.49
C ALA A 190 -4.75 -33.54 -48.01
N GLY A 191 -5.44 -34.11 -47.01
CA GLY A 191 -6.64 -33.50 -46.45
C GLY A 191 -6.37 -32.22 -45.69
N LEU A 192 -5.42 -32.26 -44.76
CA LEU A 192 -5.05 -31.10 -43.95
C LEU A 192 -4.40 -29.99 -44.80
N THR A 193 -3.73 -30.39 -45.87
CA THR A 193 -3.16 -29.42 -46.82
C THR A 193 -4.27 -28.64 -47.51
N PHE A 194 -5.38 -29.32 -47.80
CA PHE A 194 -6.54 -28.70 -48.41
C PHE A 194 -7.15 -27.62 -47.50
N LEU A 195 -7.14 -27.90 -46.20
CA LEU A 195 -7.63 -26.95 -45.20
C LEU A 195 -6.76 -25.70 -45.17
N VAL A 196 -5.44 -25.90 -45.09
CA VAL A 196 -4.46 -24.82 -45.09
C VAL A 196 -4.60 -23.98 -46.36
N ASP A 197 -4.87 -24.65 -47.49
CA ASP A 197 -5.05 -23.99 -48.78
C ASP A 197 -6.32 -23.14 -48.87
N LEU A 198 -7.32 -23.49 -48.05
CA LEU A 198 -8.53 -22.67 -47.94
C LEU A 198 -8.27 -21.41 -47.12
N ILE A 199 -7.36 -21.52 -46.16
CA ILE A 199 -6.93 -20.39 -45.35
C ILE A 199 -6.00 -19.47 -46.15
N LYS A 200 -5.02 -20.07 -46.84
CA LYS A 200 -4.06 -19.34 -47.65
C LYS A 200 -4.70 -18.62 -48.83
N ASN A 201 -5.91 -19.04 -49.21
CA ASN A 201 -6.67 -18.37 -50.25
C ASN A 201 -7.84 -17.55 -49.68
N LYS A 202 -7.72 -17.21 -48.40
CA LYS A 202 -8.64 -16.30 -47.69
C LYS A 202 -10.10 -16.77 -47.60
N HIS A 203 -10.35 -18.04 -47.87
CA HIS A 203 -11.71 -18.60 -47.76
C HIS A 203 -12.09 -18.85 -46.31
N MET A 204 -11.07 -19.05 -45.46
CA MET A 204 -11.25 -19.25 -44.03
C MET A 204 -10.17 -18.55 -43.24
N ASN A 205 -10.45 -18.28 -41.98
CA ASN A 205 -9.45 -17.76 -41.04
C ASN A 205 -8.88 -18.92 -40.22
N ALA A 206 -7.58 -18.86 -39.93
CA ALA A 206 -6.91 -19.91 -39.18
C ALA A 206 -7.45 -20.04 -37.75
N ASP A 207 -8.01 -18.97 -37.22
CA ASP A 207 -8.44 -18.90 -35.83
C ASP A 207 -9.96 -18.87 -35.64
N THR A 208 -10.70 -19.40 -36.62
CA THR A 208 -12.15 -19.48 -36.52
C THR A 208 -12.54 -20.57 -35.53
N ASP A 209 -13.25 -20.18 -34.47
CA ASP A 209 -13.69 -21.12 -33.44
C ASP A 209 -15.18 -21.40 -33.52
N TYR A 210 -15.68 -22.23 -32.60
CA TYR A 210 -17.09 -22.61 -32.53
C TYR A 210 -18.02 -21.42 -32.32
N SER A 211 -17.59 -20.48 -31.46
CA SER A 211 -18.39 -19.29 -31.13
C SER A 211 -18.60 -18.38 -32.34
N ILE A 212 -17.56 -18.21 -33.16
CA ILE A 212 -17.62 -17.36 -34.34
C ILE A 212 -18.40 -18.04 -35.47
N ALA A 213 -18.25 -19.35 -35.58
CA ALA A 213 -18.93 -20.13 -36.61
C ALA A 213 -20.43 -20.12 -36.38
N GLU A 214 -20.85 -20.44 -35.15
CA GLU A 214 -22.26 -20.43 -34.76
C GLU A 214 -22.89 -19.05 -34.94
N ALA A 215 -22.07 -18.00 -34.74
CA ALA A 215 -22.51 -16.64 -34.94
C ALA A 215 -22.72 -16.32 -36.42
N ALA A 216 -21.76 -16.70 -37.25
CA ALA A 216 -21.79 -16.40 -38.69
C ALA A 216 -22.96 -17.06 -39.42
N PHE A 217 -23.28 -18.30 -39.04
CA PHE A 217 -24.37 -19.03 -39.68
C PHE A 217 -25.75 -18.58 -39.22
N ASN A 218 -25.90 -18.36 -37.91
CA ASN A 218 -27.19 -17.98 -37.35
C ASN A 218 -27.58 -16.53 -37.61
N LYS A 219 -26.60 -15.72 -38.04
CA LYS A 219 -26.86 -14.34 -38.43
C LYS A 219 -26.95 -14.20 -39.95
N GLY A 220 -26.77 -15.32 -40.65
CA GLY A 220 -26.91 -15.38 -42.09
C GLY A 220 -25.73 -14.78 -42.85
N GLU A 221 -24.55 -14.83 -42.25
CA GLU A 221 -23.33 -14.31 -42.86
C GLU A 221 -22.60 -15.35 -43.72
N THR A 222 -22.69 -16.61 -43.32
CA THR A 222 -22.12 -17.72 -44.10
C THR A 222 -23.21 -18.68 -44.58
N ALA A 223 -22.98 -19.29 -45.74
CA ALA A 223 -23.94 -20.20 -46.35
C ALA A 223 -23.88 -21.61 -45.77
N MET A 224 -22.71 -21.99 -45.25
CA MET A 224 -22.49 -23.34 -44.73
C MET A 224 -21.75 -23.36 -43.40
N THR A 225 -21.97 -24.43 -42.65
CA THR A 225 -21.22 -24.73 -41.43
C THR A 225 -21.17 -26.25 -41.21
N ILE A 226 -20.21 -26.70 -40.42
CA ILE A 226 -20.10 -28.11 -40.04
C ILE A 226 -20.32 -28.24 -38.53
N ASN A 227 -21.43 -28.86 -38.15
CA ASN A 227 -21.83 -28.94 -36.75
C ASN A 227 -22.69 -30.17 -36.42
N GLY A 228 -22.86 -30.43 -35.12
CA GLY A 228 -23.62 -31.59 -34.66
C GLY A 228 -25.05 -31.28 -34.26
N PRO A 229 -25.83 -32.32 -33.92
CA PRO A 229 -27.25 -32.22 -33.58
C PRO A 229 -27.59 -31.23 -32.47
N TRP A 230 -26.71 -31.13 -31.47
CA TRP A 230 -26.89 -30.21 -30.35
C TRP A 230 -27.06 -28.74 -30.80
N ALA A 231 -26.49 -28.40 -31.95
CA ALA A 231 -26.45 -27.03 -32.42
C ALA A 231 -27.70 -26.60 -33.18
N TRP A 232 -28.60 -27.54 -33.49
CA TRP A 232 -29.79 -27.25 -34.29
C TRP A 232 -30.81 -26.35 -33.56
N SER A 233 -30.84 -26.46 -32.24
CA SER A 233 -31.76 -25.71 -31.39
C SER A 233 -31.54 -24.19 -31.51
N ASN A 234 -30.27 -23.79 -31.58
CA ASN A 234 -29.89 -22.39 -31.77
C ASN A 234 -30.22 -21.87 -33.17
N ILE A 235 -30.18 -22.74 -34.17
CA ILE A 235 -30.48 -22.36 -35.54
C ILE A 235 -31.99 -22.19 -35.72
N ASP A 236 -32.75 -23.01 -35.00
CA ASP A 236 -34.21 -22.88 -34.98
C ASP A 236 -34.63 -21.49 -34.51
N THR A 237 -34.05 -21.05 -33.39
CA THR A 237 -34.32 -19.74 -32.79
C THR A 237 -34.01 -18.59 -33.75
N SER A 238 -32.87 -18.69 -34.43
CA SER A 238 -32.45 -17.66 -35.39
C SER A 238 -33.38 -17.59 -36.61
N LYS A 239 -34.28 -18.57 -36.71
CA LYS A 239 -35.26 -18.66 -37.80
C LYS A 239 -34.62 -18.64 -39.19
N VAL A 240 -33.37 -19.10 -39.27
CA VAL A 240 -32.68 -19.27 -40.54
C VAL A 240 -33.21 -20.52 -41.25
N ASN A 241 -33.56 -20.37 -42.52
CA ASN A 241 -34.01 -21.51 -43.33
C ASN A 241 -32.82 -22.41 -43.67
N TYR A 242 -32.68 -23.49 -42.92
CA TYR A 242 -31.51 -24.36 -43.03
C TYR A 242 -31.85 -25.81 -43.37
N GLY A 243 -30.91 -26.47 -44.04
CA GLY A 243 -30.98 -27.90 -44.30
C GLY A 243 -29.80 -28.62 -43.66
N VAL A 244 -29.95 -29.92 -43.48
CA VAL A 244 -28.89 -30.77 -42.95
C VAL A 244 -28.61 -31.88 -43.97
N THR A 245 -27.37 -31.95 -44.44
CA THR A 245 -27.02 -32.87 -45.52
C THR A 245 -25.68 -33.59 -45.33
N VAL A 246 -25.34 -34.44 -46.31
CA VAL A 246 -24.09 -35.18 -46.35
C VAL A 246 -22.90 -34.24 -46.34
N LEU A 247 -21.82 -34.66 -45.68
CA LEU A 247 -20.56 -33.93 -45.74
C LEU A 247 -19.96 -34.05 -47.14
N PRO A 248 -19.32 -32.97 -47.62
CA PRO A 248 -18.67 -32.98 -48.94
C PRO A 248 -17.55 -34.02 -49.02
N THR A 249 -17.29 -34.51 -50.23
CA THR A 249 -16.26 -35.52 -50.44
C THR A 249 -14.93 -34.86 -50.79
N PHE A 250 -13.83 -35.44 -50.32
CA PHE A 250 -12.49 -34.99 -50.70
C PHE A 250 -11.75 -36.06 -51.50
N LYS A 251 -11.21 -35.66 -52.65
CA LYS A 251 -10.56 -36.57 -53.59
C LYS A 251 -11.42 -37.80 -53.87
N GLY A 252 -12.69 -37.56 -54.20
CA GLY A 252 -13.66 -38.63 -54.48
C GLY A 252 -14.11 -39.37 -53.24
N GLN A 253 -13.20 -39.55 -52.30
CA GLN A 253 -13.46 -40.25 -51.04
C GLN A 253 -14.35 -39.42 -50.11
N PRO A 254 -15.28 -40.08 -49.39
CA PRO A 254 -16.18 -39.35 -48.49
C PRO A 254 -15.49 -38.91 -47.20
N SER A 255 -15.98 -37.81 -46.62
CA SER A 255 -15.53 -37.37 -45.29
C SER A 255 -15.92 -38.45 -44.29
N LYS A 256 -15.02 -38.72 -43.34
CA LYS A 256 -15.24 -39.80 -42.38
C LYS A 256 -15.20 -39.30 -40.93
N PRO A 257 -16.32 -38.71 -40.47
CA PRO A 257 -16.37 -38.10 -39.13
C PRO A 257 -16.37 -39.14 -38.01
N PHE A 258 -15.55 -38.90 -36.98
CA PHE A 258 -15.52 -39.77 -35.81
C PHE A 258 -16.85 -39.74 -35.08
N VAL A 259 -17.50 -40.91 -35.00
CA VAL A 259 -18.81 -41.04 -34.39
C VAL A 259 -18.70 -41.16 -32.87
N GLY A 260 -19.40 -40.28 -32.16
CA GLY A 260 -19.43 -40.32 -30.72
C GLY A 260 -20.76 -40.83 -30.20
N VAL A 261 -20.73 -41.44 -29.02
CA VAL A 261 -21.94 -41.87 -28.34
C VAL A 261 -21.95 -41.22 -26.96
N LEU A 262 -22.79 -40.22 -26.78
CA LEU A 262 -22.97 -39.59 -25.47
C LEU A 262 -23.29 -40.66 -24.44
N SER A 263 -22.44 -40.75 -23.42
CA SER A 263 -22.54 -41.84 -22.45
C SER A 263 -22.52 -41.32 -21.02
N ALA A 264 -23.25 -42.01 -20.13
CA ALA A 264 -23.35 -41.61 -18.74
C ALA A 264 -22.73 -42.66 -17.81
N GLY A 265 -21.60 -42.32 -17.20
CA GLY A 265 -20.90 -43.21 -16.28
C GLY A 265 -21.18 -42.87 -14.83
N ILE A 266 -20.94 -43.84 -13.95
CA ILE A 266 -21.12 -43.64 -12.51
C ILE A 266 -19.76 -43.56 -11.83
N ASN A 267 -19.54 -42.46 -11.11
CA ASN A 267 -18.29 -42.23 -10.38
C ASN A 267 -17.99 -43.36 -9.42
N ALA A 268 -16.78 -43.90 -9.51
CA ALA A 268 -16.34 -45.01 -8.66
C ALA A 268 -16.27 -44.64 -7.17
N ALA A 269 -16.50 -43.36 -6.87
CA ALA A 269 -16.41 -42.84 -5.51
C ALA A 269 -17.76 -42.33 -4.99
N SER A 270 -18.83 -42.65 -5.70
CA SER A 270 -20.18 -42.21 -5.29
C SER A 270 -20.80 -43.13 -4.25
N PRO A 271 -21.36 -42.54 -3.17
CA PRO A 271 -22.17 -43.29 -2.22
C PRO A 271 -23.64 -43.31 -2.64
N ASN A 272 -23.90 -43.02 -3.91
CA ASN A 272 -25.24 -43.00 -4.47
C ASN A 272 -25.37 -43.85 -5.74
N LYS A 273 -24.61 -44.94 -5.81
CA LYS A 273 -24.58 -45.80 -7.00
C LYS A 273 -25.92 -46.46 -7.33
N GLU A 274 -26.72 -46.71 -6.30
CA GLU A 274 -28.04 -47.31 -6.47
C GLU A 274 -29.04 -46.29 -7.00
N LEU A 275 -29.00 -45.08 -6.46
CA LEU A 275 -29.86 -44.00 -6.92
C LEU A 275 -29.46 -43.54 -8.32
N ALA A 276 -28.16 -43.54 -8.58
CA ALA A 276 -27.62 -43.20 -9.89
C ALA A 276 -28.12 -44.18 -10.94
N LYS A 277 -28.23 -45.45 -10.55
CA LYS A 277 -28.76 -46.48 -11.45
C LYS A 277 -30.23 -46.24 -11.80
N GLU A 278 -31.05 -45.99 -10.77
CA GLU A 278 -32.47 -45.73 -10.95
C GLU A 278 -32.76 -44.51 -11.82
N PHE A 279 -32.03 -43.42 -11.57
CA PHE A 279 -32.23 -42.20 -12.34
C PHE A 279 -32.01 -42.46 -13.83
N LEU A 280 -30.81 -42.95 -14.16
CA LEU A 280 -30.45 -43.20 -15.56
C LEU A 280 -31.33 -44.23 -16.24
N GLU A 281 -31.58 -45.35 -15.57
CA GLU A 281 -32.30 -46.46 -16.19
C GLU A 281 -33.80 -46.25 -16.29
N ASN A 282 -34.39 -45.67 -15.24
CA ASN A 282 -35.84 -45.53 -15.16
C ASN A 282 -36.38 -44.11 -15.34
N TYR A 283 -35.48 -43.13 -15.44
CA TYR A 283 -35.89 -41.74 -15.62
C TYR A 283 -35.33 -41.12 -16.89
N LEU A 284 -34.01 -41.12 -17.04
CA LEU A 284 -33.38 -40.56 -18.23
C LEU A 284 -33.65 -41.39 -19.47
N LEU A 285 -33.29 -42.68 -19.41
CA LEU A 285 -33.43 -43.55 -20.57
C LEU A 285 -34.85 -44.11 -20.72
N THR A 286 -35.81 -43.18 -20.75
CA THR A 286 -37.20 -43.48 -21.10
C THR A 286 -37.62 -42.52 -22.20
N ASP A 287 -38.77 -42.78 -22.81
CA ASP A 287 -39.32 -41.92 -23.84
C ASP A 287 -39.48 -40.48 -23.36
N GLU A 288 -39.89 -40.31 -22.11
CA GLU A 288 -40.18 -39.00 -21.53
C GLU A 288 -38.91 -38.23 -21.20
N GLY A 289 -37.98 -38.90 -20.53
CA GLY A 289 -36.73 -38.30 -20.10
C GLY A 289 -35.90 -37.80 -21.28
N LEU A 290 -35.71 -38.66 -22.27
CA LEU A 290 -34.93 -38.31 -23.45
C LEU A 290 -35.55 -37.17 -24.24
N GLU A 291 -36.88 -37.17 -24.35
CA GLU A 291 -37.62 -36.08 -24.98
C GLU A 291 -37.33 -34.75 -24.30
N ALA A 292 -37.32 -34.75 -22.97
CA ALA A 292 -37.04 -33.53 -22.19
C ALA A 292 -35.68 -32.92 -22.53
N VAL A 293 -34.68 -33.78 -22.72
CA VAL A 293 -33.33 -33.35 -23.09
C VAL A 293 -33.27 -32.94 -24.56
N ASN A 294 -33.85 -33.77 -25.44
CA ASN A 294 -33.85 -33.52 -26.88
C ASN A 294 -34.62 -32.25 -27.24
N LYS A 295 -35.65 -31.93 -26.46
CA LYS A 295 -36.45 -30.72 -26.65
C LYS A 295 -35.66 -29.46 -26.30
N ASP A 296 -34.71 -29.59 -25.38
CA ASP A 296 -33.78 -28.50 -25.05
C ASP A 296 -32.78 -28.37 -26.19
N LYS A 297 -31.87 -29.34 -26.28
CA LYS A 297 -30.90 -29.40 -27.37
C LYS A 297 -30.82 -30.85 -27.88
N PRO A 298 -31.07 -31.05 -29.18
CA PRO A 298 -31.20 -32.38 -29.79
C PRO A 298 -30.03 -33.31 -29.50
N LEU A 299 -30.34 -34.53 -29.09
CA LEU A 299 -29.33 -35.55 -28.79
C LEU A 299 -28.77 -36.18 -30.06
N GLY A 300 -29.60 -36.24 -31.10
CA GLY A 300 -29.23 -36.93 -32.34
C GLY A 300 -30.08 -38.17 -32.52
N ALA A 301 -29.45 -39.26 -32.90
CA ALA A 301 -30.13 -40.55 -32.99
C ALA A 301 -29.88 -41.34 -31.71
N VAL A 302 -30.88 -41.37 -30.84
CA VAL A 302 -30.74 -41.94 -29.49
C VAL A 302 -30.53 -43.45 -29.49
N ALA A 303 -29.98 -43.95 -28.38
CA ALA A 303 -29.73 -45.38 -28.21
C ALA A 303 -31.00 -46.15 -27.82
N LEU A 304 -31.94 -45.49 -27.16
CA LEU A 304 -33.21 -46.12 -26.76
C LEU A 304 -34.09 -46.41 -27.97
N LYS A 305 -34.27 -47.70 -28.25
CA LYS A 305 -34.97 -48.16 -29.45
C LYS A 305 -36.37 -47.56 -29.62
N SER A 306 -37.14 -47.50 -28.53
CA SER A 306 -38.50 -46.96 -28.57
C SER A 306 -38.57 -45.52 -29.08
N TYR A 307 -37.74 -44.64 -28.53
CA TYR A 307 -37.73 -43.22 -28.91
C TYR A 307 -37.02 -42.96 -30.23
N GLU A 308 -36.08 -43.83 -30.58
CA GLU A 308 -35.35 -43.73 -31.85
C GLU A 308 -36.28 -43.81 -33.06
N GLU A 309 -37.26 -44.71 -33.00
CA GLU A 309 -38.19 -44.91 -34.10
C GLU A 309 -39.17 -43.75 -34.27
N GLU A 310 -39.46 -43.04 -33.18
CA GLU A 310 -40.23 -41.79 -33.23
C GLU A 310 -39.38 -40.70 -33.87
N LEU A 311 -38.07 -40.79 -33.65
CA LEU A 311 -37.13 -39.75 -33.99
C LEU A 311 -36.53 -39.92 -35.40
N ALA A 312 -36.64 -41.12 -35.94
CA ALA A 312 -36.03 -41.46 -37.22
C ALA A 312 -36.71 -40.78 -38.41
N LYS A 313 -37.97 -40.38 -38.23
CA LYS A 313 -38.76 -39.73 -39.27
C LYS A 313 -38.24 -38.33 -39.64
N ASP A 314 -37.50 -37.72 -38.72
CA ASP A 314 -36.89 -36.40 -38.94
C ASP A 314 -35.70 -36.50 -39.89
N PRO A 315 -35.78 -35.82 -41.06
CA PRO A 315 -34.72 -35.87 -42.07
C PRO A 315 -33.36 -35.41 -41.57
N ARG A 316 -33.35 -34.53 -40.56
CA ARG A 316 -32.11 -34.07 -39.94
C ARG A 316 -31.34 -35.24 -39.32
N ILE A 317 -32.08 -36.12 -38.66
CA ILE A 317 -31.51 -37.30 -38.00
C ILE A 317 -31.13 -38.38 -39.02
N ALA A 318 -31.86 -38.41 -40.13
CA ALA A 318 -31.53 -39.30 -41.24
C ALA A 318 -30.17 -38.96 -41.83
N ALA A 319 -29.92 -37.66 -42.01
CA ALA A 319 -28.64 -37.16 -42.52
C ALA A 319 -27.52 -37.34 -41.50
N THR A 320 -27.86 -37.26 -40.22
CA THR A 320 -26.91 -37.51 -39.14
C THR A 320 -26.42 -38.96 -39.21
N MET A 321 -27.37 -39.88 -39.39
CA MET A 321 -27.06 -41.28 -39.52
C MET A 321 -26.33 -41.60 -40.83
N GLU A 322 -26.67 -40.88 -41.89
CA GLU A 322 -26.04 -41.09 -43.20
C GLU A 322 -24.54 -40.79 -43.15
N ASN A 323 -24.18 -39.69 -42.49
CA ASN A 323 -22.77 -39.32 -42.31
C ASN A 323 -22.08 -40.24 -41.31
N ALA A 324 -22.84 -40.71 -40.32
CA ALA A 324 -22.34 -41.65 -39.31
C ALA A 324 -21.93 -42.98 -39.96
N GLN A 325 -22.71 -43.44 -40.94
CA GLN A 325 -22.41 -44.67 -41.67
C GLN A 325 -21.12 -44.53 -42.47
N LYS A 326 -20.91 -43.35 -43.06
CA LYS A 326 -19.73 -43.08 -43.89
C LYS A 326 -18.46 -42.91 -43.08
N GLY A 327 -18.60 -42.42 -41.85
CA GLY A 327 -17.48 -42.37 -40.91
C GLY A 327 -17.41 -43.66 -40.11
N GLU A 328 -16.39 -43.77 -39.26
CA GLU A 328 -16.26 -44.93 -38.38
C GLU A 328 -16.36 -44.56 -36.90
N ILE A 329 -16.84 -45.52 -36.11
CA ILE A 329 -17.05 -45.34 -34.67
C ILE A 329 -15.74 -45.01 -33.94
N MET A 330 -15.83 -44.08 -33.00
CA MET A 330 -14.67 -43.64 -32.22
C MET A 330 -14.25 -44.76 -31.26
N PRO A 331 -12.96 -45.12 -31.28
CA PRO A 331 -12.45 -46.14 -30.35
C PRO A 331 -12.45 -45.61 -28.91
N ASN A 332 -12.51 -46.52 -27.95
CA ASN A 332 -12.55 -46.13 -26.54
C ASN A 332 -11.26 -46.44 -25.79
N ILE A 333 -10.27 -46.98 -26.50
CA ILE A 333 -8.97 -47.30 -25.91
C ILE A 333 -8.31 -46.08 -25.26
N PRO A 334 -7.61 -46.28 -24.12
CA PRO A 334 -6.97 -45.20 -23.37
C PRO A 334 -6.02 -44.30 -24.19
N GLN A 335 -5.56 -44.81 -25.33
CA GLN A 335 -4.66 -44.07 -26.21
C GLN A 335 -5.41 -43.08 -27.11
N MET A 336 -6.74 -43.14 -27.07
CA MET A 336 -7.58 -42.25 -27.88
C MET A 336 -7.64 -40.83 -27.35
N CYS A 337 -7.75 -40.68 -26.03
CA CYS A 337 -7.78 -39.34 -25.44
C CYS A 337 -6.40 -38.69 -25.50
N ALA A 338 -5.37 -39.49 -25.72
CA ALA A 338 -4.02 -39.00 -26.01
C ALA A 338 -3.83 -38.76 -27.52
N PHE A 339 -4.77 -39.30 -28.31
CA PHE A 339 -4.78 -39.10 -29.77
C PHE A 339 -5.18 -37.67 -30.12
N TRP A 340 -6.18 -37.16 -29.42
CA TRP A 340 -6.75 -35.84 -29.70
C TRP A 340 -5.81 -34.67 -29.41
N TYR A 341 -5.04 -34.78 -28.33
CA TYR A 341 -4.15 -33.70 -27.90
C TYR A 341 -3.10 -33.38 -28.96
N ALA A 342 -2.52 -34.42 -29.55
CA ALA A 342 -1.48 -34.24 -30.56
C ALA A 342 -2.04 -33.70 -31.87
N VAL A 343 -3.21 -34.21 -32.28
CA VAL A 343 -3.88 -33.76 -33.51
C VAL A 343 -4.34 -32.31 -33.38
N ARG A 344 -4.72 -31.91 -32.17
CA ARG A 344 -5.08 -30.52 -31.87
C ARG A 344 -3.89 -29.61 -32.15
N THR A 345 -2.75 -29.94 -31.55
CA THR A 345 -1.51 -29.18 -31.71
C THR A 345 -1.07 -29.17 -33.17
N ALA A 346 -1.21 -30.32 -33.84
CA ALA A 346 -0.81 -30.48 -35.24
C ALA A 346 -1.60 -29.59 -36.18
N VAL A 347 -2.94 -29.65 -36.09
CA VAL A 347 -3.82 -28.90 -36.98
C VAL A 347 -3.70 -27.38 -36.78
N ILE A 348 -3.74 -26.94 -35.52
CA ILE A 348 -3.65 -25.50 -35.21
C ILE A 348 -2.33 -24.87 -35.69
N ASN A 349 -1.22 -25.57 -35.45
CA ASN A 349 0.11 -25.12 -35.90
C ASN A 349 0.29 -25.18 -37.42
N ALA A 350 -0.47 -26.05 -38.07
CA ALA A 350 -0.44 -26.15 -39.54
C ALA A 350 -1.29 -25.07 -40.18
N ALA A 351 -2.45 -24.80 -39.57
CA ALA A 351 -3.39 -23.77 -40.03
C ALA A 351 -2.85 -22.36 -39.86
N SER A 352 -2.14 -22.13 -38.76
CA SER A 352 -1.53 -20.84 -38.46
C SER A 352 -0.42 -20.49 -39.44
N GLY A 353 0.28 -21.51 -39.93
CA GLY A 353 1.41 -21.33 -40.84
C GLY A 353 2.76 -21.41 -40.13
N ARG A 354 2.73 -21.87 -38.89
CA ARG A 354 3.95 -22.06 -38.10
C ARG A 354 4.71 -23.29 -38.56
N GLN A 355 3.94 -24.30 -39.01
CA GLN A 355 4.50 -25.54 -39.54
C GLN A 355 3.82 -25.92 -40.85
N THR A 356 4.57 -26.61 -41.72
CA THR A 356 3.98 -27.25 -42.89
C THR A 356 3.19 -28.47 -42.40
N VAL A 357 2.18 -28.86 -43.17
CA VAL A 357 1.35 -30.04 -42.88
C VAL A 357 2.21 -31.27 -42.60
N ASP A 358 3.26 -31.45 -43.40
CA ASP A 358 4.18 -32.59 -43.30
C ASP A 358 4.94 -32.61 -41.98
N GLU A 359 5.40 -31.44 -41.54
CA GLU A 359 6.12 -31.30 -40.28
C GLU A 359 5.17 -31.37 -39.08
N ALA A 360 4.00 -30.76 -39.22
CA ALA A 360 3.01 -30.68 -38.14
C ALA A 360 2.43 -32.05 -37.76
N LEU A 361 2.25 -32.91 -38.76
CA LEU A 361 1.68 -34.24 -38.54
C LEU A 361 2.72 -35.24 -38.05
N LYS A 362 3.96 -35.06 -38.51
CA LYS A 362 5.07 -35.93 -38.13
C LYS A 362 5.37 -35.86 -36.62
N ASP A 363 5.20 -34.66 -36.05
CA ASP A 363 5.35 -34.47 -34.60
C ASP A 363 4.26 -35.21 -33.85
N ALA A 364 3.03 -35.16 -34.35
CA ALA A 364 1.89 -35.85 -33.75
C ALA A 364 2.03 -37.36 -33.83
N GLN A 365 2.56 -37.84 -34.95
CA GLN A 365 2.77 -39.28 -35.19
C GLN A 365 3.72 -39.90 -34.17
N THR A 366 4.83 -39.21 -33.90
CA THR A 366 5.84 -39.70 -32.96
C THR A 366 5.41 -39.51 -31.50
N ARG A 367 4.34 -38.72 -31.29
CA ARG A 367 3.82 -38.46 -29.96
C ARG A 367 2.80 -39.50 -29.49
N ILE A 368 1.95 -39.98 -30.40
CA ILE A 368 0.95 -40.99 -30.07
C ILE A 368 1.60 -42.31 -29.66
N THR A 369 2.61 -42.71 -30.41
CA THR A 369 3.34 -43.96 -30.16
C THR A 369 4.20 -43.86 -28.89
N LYS A 370 5.32 -43.14 -29.01
CA LYS A 370 6.32 -42.99 -27.92
C LYS A 370 6.94 -44.32 -27.50
N SER B 18 -7.19 -18.87 33.91
CA SER B 18 -8.54 -18.51 33.38
C SER B 18 -8.66 -18.88 31.90
N VAL B 19 -7.81 -18.27 31.07
CA VAL B 19 -7.78 -18.52 29.63
C VAL B 19 -6.59 -19.42 29.29
N LEU B 20 -5.60 -19.43 30.18
CA LEU B 20 -4.41 -20.29 30.06
C LEU B 20 -4.78 -21.77 30.09
N GLY B 21 -5.70 -22.12 31.00
CA GLY B 21 -6.16 -23.49 31.16
C GLY B 21 -7.06 -23.98 30.05
N LEU B 22 -7.96 -23.10 29.60
CA LEU B 22 -8.90 -23.43 28.51
C LEU B 22 -8.20 -23.60 27.16
N LEU B 23 -7.19 -22.79 26.91
CA LEU B 23 -6.33 -22.94 25.73
C LEU B 23 -5.33 -24.09 25.94
N GLY B 24 -5.01 -24.36 27.20
CA GLY B 24 -4.18 -25.50 27.57
C GLY B 24 -4.92 -26.82 27.44
N LEU B 25 -6.25 -26.75 27.48
CA LEU B 25 -7.12 -27.92 27.29
C LEU B 25 -7.04 -28.48 25.88
N LEU B 26 -6.99 -27.59 24.88
CA LEU B 26 -6.85 -27.97 23.48
C LEU B 26 -5.47 -28.57 23.18
N VAL B 27 -4.47 -28.14 23.95
CA VAL B 27 -3.13 -28.75 23.93
C VAL B 27 -3.21 -30.06 24.70
N GLY B 28 -3.60 -31.12 24.00
CA GLY B 28 -3.90 -32.41 24.61
C GLY B 28 -5.22 -32.97 24.10
N TYR B 29 -6.08 -32.07 23.62
CA TYR B 29 -7.34 -32.46 22.98
C TYR B 29 -7.13 -32.55 21.47
N LEU B 30 -6.19 -31.77 20.96
CA LEU B 30 -5.76 -31.85 19.56
C LEU B 30 -4.43 -32.57 19.44
N VAL B 31 -3.46 -32.17 20.28
CA VAL B 31 -2.09 -32.69 20.25
C VAL B 31 -2.01 -34.23 20.34
N VAL B 32 -2.76 -34.81 21.27
CA VAL B 32 -2.77 -36.26 21.47
C VAL B 32 -3.47 -36.99 20.31
N LEU B 33 -4.55 -36.40 19.81
CA LEU B 33 -5.28 -36.97 18.66
C LEU B 33 -4.54 -36.81 17.32
N MET B 34 -3.57 -35.90 17.29
CA MET B 34 -2.68 -35.75 16.12
C MET B 34 -1.75 -36.95 16.00
N TYR B 35 -1.36 -37.51 17.15
CA TYR B 35 -0.53 -38.71 17.21
C TYR B 35 -1.34 -39.93 16.78
N ALA B 36 -2.60 -39.99 17.21
CA ALA B 36 -3.52 -41.06 16.83
C ALA B 36 -4.02 -40.86 15.40
N GLN B 37 -4.61 -41.91 14.83
CA GLN B 37 -5.16 -41.91 13.47
C GLN B 37 -4.10 -41.59 12.40
N GLY B 38 -2.85 -41.94 12.69
CA GLY B 38 -1.74 -41.69 11.78
C GLY B 38 -1.34 -40.23 11.71
N GLU B 39 -1.22 -39.72 10.48
CA GLU B 39 -0.89 -38.32 10.21
C GLU B 39 0.35 -37.81 10.96
N TYR B 40 1.46 -38.54 10.82
CA TYR B 40 2.71 -38.22 11.50
C TYR B 40 3.37 -36.95 10.94
N LEU B 41 3.15 -36.70 9.65
CA LEU B 41 3.75 -35.56 8.94
C LEU B 41 3.24 -34.21 9.44
N PHE B 42 1.97 -34.19 9.86
CA PHE B 42 1.32 -32.96 10.30
C PHE B 42 1.27 -32.81 11.83
N ALA B 43 1.55 -33.91 12.53
CA ALA B 43 1.52 -33.94 14.00
C ALA B 43 2.70 -33.23 14.64
N ILE B 44 3.80 -33.06 13.89
CA ILE B 44 5.02 -32.44 14.40
C ILE B 44 4.85 -30.92 14.54
N THR B 45 4.50 -30.26 13.44
CA THR B 45 4.43 -28.81 13.38
C THR B 45 3.27 -28.20 14.18
N THR B 46 2.22 -28.99 14.40
CA THR B 46 1.04 -28.54 15.15
C THR B 46 1.34 -28.28 16.62
N LEU B 47 2.30 -29.01 17.19
CA LEU B 47 2.71 -28.82 18.58
C LEU B 47 3.79 -27.75 18.69
N ILE B 48 4.73 -27.74 17.75
CA ILE B 48 5.82 -26.77 17.71
C ILE B 48 5.31 -25.33 17.66
N LEU B 49 4.30 -25.10 16.82
CA LEU B 49 3.68 -23.78 16.68
C LEU B 49 2.79 -23.43 17.88
N SER B 50 2.14 -24.43 18.46
CA SER B 50 1.22 -24.22 19.59
C SER B 50 1.96 -23.94 20.90
N SER B 51 3.01 -24.70 21.17
CA SER B 51 3.80 -24.55 22.40
C SER B 51 4.61 -23.25 22.42
N ALA B 52 4.98 -22.76 21.25
CA ALA B 52 5.67 -21.48 21.11
C ALA B 52 4.74 -20.31 21.40
N GLY B 53 3.46 -20.47 21.05
CA GLY B 53 2.45 -19.44 21.28
C GLY B 53 2.07 -19.28 22.74
N LEU B 54 2.10 -20.38 23.48
CA LEU B 54 1.81 -20.37 24.91
C LEU B 54 2.96 -19.75 25.71
N TYR B 55 4.20 -20.08 25.32
CA TYR B 55 5.39 -19.56 26.00
C TYR B 55 5.55 -18.06 25.83
N ILE B 56 5.15 -17.55 24.67
CA ILE B 56 5.24 -16.12 24.35
C ILE B 56 4.17 -15.30 25.08
N PHE B 57 2.91 -15.73 24.96
CA PHE B 57 1.77 -14.95 25.44
C PHE B 57 1.56 -15.01 26.95
N ALA B 58 2.16 -16.00 27.62
CA ALA B 58 1.99 -16.18 29.06
C ALA B 58 2.79 -15.16 29.88
N ASN B 59 4.03 -15.51 30.23
CA ASN B 59 4.90 -14.64 31.02
C ASN B 59 5.32 -13.38 30.26
N ARG B 60 5.51 -12.29 31.00
CA ARG B 60 5.77 -10.99 30.38
C ARG B 60 7.26 -10.73 30.04
N LYS B 61 8.05 -11.80 30.05
CA LYS B 61 9.45 -11.74 29.63
C LYS B 61 9.58 -11.61 28.11
N ALA B 62 8.62 -12.19 27.39
CA ALA B 62 8.56 -12.08 25.93
C ALA B 62 7.31 -11.31 25.50
N TYR B 63 7.46 -10.00 25.34
CA TYR B 63 6.34 -9.11 25.04
C TYR B 63 6.34 -8.66 23.58
N ALA B 64 7.54 -8.46 23.02
CA ALA B 64 7.68 -8.02 21.63
C ALA B 64 7.17 -9.06 20.64
N TRP B 65 7.27 -10.34 21.01
CA TRP B 65 6.85 -11.44 20.16
C TRP B 65 5.34 -11.62 20.08
N ARG B 66 4.62 -11.04 21.04
CA ARG B 66 3.15 -11.10 21.08
C ARG B 66 2.52 -10.40 19.89
N TYR B 67 3.18 -9.34 19.43
CA TYR B 67 2.72 -8.58 18.27
C TYR B 67 3.15 -9.25 16.96
N VAL B 68 4.16 -10.10 17.05
CA VAL B 68 4.76 -10.76 15.88
C VAL B 68 4.23 -12.18 15.64
N TYR B 69 4.04 -12.93 16.72
CA TYR B 69 3.61 -14.34 16.64
C TYR B 69 2.41 -14.63 15.72
N PRO B 70 1.25 -13.97 15.95
CA PRO B 70 0.07 -14.29 15.13
C PRO B 70 0.30 -14.02 13.64
N GLY B 71 1.22 -13.12 13.34
CA GLY B 71 1.60 -12.83 11.95
C GLY B 71 2.39 -13.96 11.33
N MET B 72 3.46 -14.38 12.01
CA MET B 72 4.35 -15.44 11.53
C MET B 72 3.73 -16.84 11.59
N ALA B 73 2.72 -17.01 12.45
CA ALA B 73 1.98 -18.26 12.50
C ALA B 73 1.18 -18.47 11.21
N GLY B 74 0.68 -17.36 10.65
CA GLY B 74 0.02 -17.38 9.35
C GLY B 74 1.01 -17.64 8.23
N MET B 75 2.17 -16.98 8.32
CA MET B 75 3.30 -17.19 7.41
C MET B 75 3.75 -18.64 7.37
N GLY B 76 3.82 -19.26 8.55
CA GLY B 76 4.28 -20.64 8.67
C GLY B 76 3.30 -21.64 8.11
N LEU B 77 2.06 -21.57 8.60
CA LEU B 77 1.02 -22.52 8.20
C LEU B 77 0.65 -22.45 6.73
N PHE B 78 0.55 -21.23 6.20
CA PHE B 78 -0.06 -21.01 4.89
C PHE B 78 0.89 -20.50 3.79
N VAL B 79 2.16 -20.30 4.15
CA VAL B 79 3.19 -19.92 3.16
C VAL B 79 4.38 -20.87 3.27
N LEU B 80 4.96 -20.97 4.46
CA LEU B 80 6.17 -21.76 4.68
C LEU B 80 5.95 -23.26 4.60
N PHE B 81 4.85 -23.75 5.18
CA PHE B 81 4.55 -25.18 5.14
C PHE B 81 4.28 -25.71 3.73
N PRO B 82 3.30 -25.11 3.00
CA PRO B 82 3.02 -25.63 1.66
C PRO B 82 4.21 -25.53 0.70
N LEU B 83 5.26 -24.80 1.11
CA LEU B 83 6.50 -24.74 0.35
C LEU B 83 7.42 -25.90 0.70
N VAL B 84 7.63 -26.13 1.99
CA VAL B 84 8.42 -27.26 2.48
C VAL B 84 7.78 -28.56 1.98
N CYS B 85 6.45 -28.62 2.09
CA CYS B 85 5.68 -29.76 1.60
C CYS B 85 5.82 -29.93 0.09
N THR B 86 5.82 -28.82 -0.65
CA THR B 86 5.98 -28.87 -2.11
C THR B 86 7.37 -29.37 -2.53
N ILE B 87 8.37 -29.13 -1.69
CA ILE B 87 9.73 -29.62 -1.91
C ILE B 87 9.79 -31.12 -1.62
N ALA B 88 8.98 -31.58 -0.67
CA ALA B 88 8.86 -33.00 -0.37
C ALA B 88 8.18 -33.76 -1.51
N ILE B 89 7.26 -33.08 -2.20
CA ILE B 89 6.57 -33.61 -3.37
C ILE B 89 7.56 -33.89 -4.51
N ALA B 90 8.66 -33.16 -4.53
CA ALA B 90 9.67 -33.28 -5.58
C ALA B 90 10.50 -34.57 -5.49
N PHE B 91 10.68 -35.06 -4.27
CA PHE B 91 11.43 -36.30 -4.04
C PHE B 91 10.62 -37.56 -4.33
N THR B 92 9.36 -37.38 -4.75
CA THR B 92 8.49 -38.50 -5.08
C THR B 92 7.97 -38.43 -6.52
N ASN B 93 7.26 -39.48 -6.95
CA ASN B 93 6.73 -39.56 -8.31
C ASN B 93 5.28 -39.10 -8.45
N TYR B 94 4.89 -38.13 -7.62
CA TYR B 94 3.53 -37.59 -7.62
C TYR B 94 3.08 -37.27 -9.05
N SER B 95 2.02 -37.96 -9.47
CA SER B 95 1.58 -37.92 -10.86
C SER B 95 0.04 -37.97 -10.94
N SER B 96 -0.50 -37.82 -12.15
CA SER B 96 -1.93 -38.00 -12.39
C SER B 96 -2.39 -39.43 -12.07
N THR B 97 -1.46 -40.37 -12.22
CA THR B 97 -1.69 -41.76 -11.84
C THR B 97 -1.34 -42.00 -10.37
N ASN B 98 -0.13 -41.60 -9.98
CA ASN B 98 0.32 -41.72 -8.59
C ASN B 98 -0.07 -40.50 -7.77
N GLN B 99 -1.27 -40.57 -7.18
CA GLN B 99 -1.92 -39.38 -6.62
C GLN B 99 -2.35 -39.56 -5.16
N LEU B 100 -2.59 -40.80 -4.77
CA LEU B 100 -3.10 -41.10 -3.44
C LEU B 100 -2.05 -41.82 -2.60
N THR B 101 -2.29 -41.90 -1.29
CA THR B 101 -1.46 -42.72 -0.41
C THR B 101 -1.81 -44.19 -0.62
N PHE B 102 -0.92 -45.08 -0.18
CA PHE B 102 -1.13 -46.52 -0.35
C PHE B 102 -2.43 -47.01 0.29
N GLU B 103 -2.73 -46.51 1.49
CA GLU B 103 -3.93 -46.91 2.23
C GLU B 103 -5.21 -46.34 1.60
N ARG B 104 -5.06 -45.30 0.77
CA ARG B 104 -6.18 -44.77 0.00
C ARG B 104 -6.31 -45.51 -1.34
N ALA B 105 -5.19 -46.00 -1.85
CA ALA B 105 -5.17 -46.75 -3.10
C ALA B 105 -5.87 -48.10 -2.95
N GLN B 106 -5.50 -48.84 -1.91
CA GLN B 106 -6.14 -50.13 -1.62
C GLN B 106 -7.60 -49.96 -1.21
N GLU B 107 -7.91 -48.83 -0.58
CA GLU B 107 -9.27 -48.49 -0.17
C GLU B 107 -10.19 -48.37 -1.40
N VAL B 108 -9.65 -47.80 -2.47
CA VAL B 108 -10.35 -47.71 -3.75
C VAL B 108 -10.49 -49.09 -4.38
N LEU B 109 -9.38 -49.83 -4.40
CA LEU B 109 -9.33 -51.16 -5.02
C LEU B 109 -10.23 -52.18 -4.33
N LEU B 110 -10.34 -52.07 -3.00
CA LEU B 110 -11.19 -52.96 -2.22
C LEU B 110 -12.68 -52.61 -2.34
N ASP B 111 -12.96 -51.35 -2.68
CA ASP B 111 -14.33 -50.86 -2.78
C ASP B 111 -15.05 -51.38 -4.02
N ARG B 112 -14.34 -51.44 -5.15
CA ARG B 112 -14.92 -51.91 -6.43
C ARG B 112 -15.35 -53.37 -6.33
N SER B 113 -16.41 -53.71 -7.06
CA SER B 113 -17.03 -55.04 -6.95
C SER B 113 -17.62 -55.52 -8.26
N TRP B 114 -17.63 -56.84 -8.44
CA TRP B 114 -18.17 -57.46 -9.64
C TRP B 114 -19.52 -58.10 -9.36
N GLN B 115 -20.40 -58.07 -10.36
CA GLN B 115 -21.72 -58.70 -10.25
C GLN B 115 -21.61 -60.19 -10.58
N ALA B 116 -22.01 -61.02 -9.61
CA ALA B 116 -21.97 -62.48 -9.79
C ALA B 116 -23.36 -63.02 -10.15
N GLY B 117 -24.27 -62.98 -9.18
CA GLY B 117 -25.62 -63.52 -9.36
C GLY B 117 -26.51 -62.68 -10.25
N LYS B 118 -27.67 -63.24 -10.58
CA LYS B 118 -28.65 -62.58 -11.45
C LYS B 118 -29.52 -61.57 -10.70
N THR B 119 -30.21 -60.70 -11.44
CA THR B 119 -31.02 -59.65 -10.85
C THR B 119 -32.44 -60.10 -10.49
N TYR B 120 -33.00 -59.50 -9.45
CA TYR B 120 -34.37 -59.76 -8.99
C TYR B 120 -35.10 -58.44 -8.80
N ASN B 121 -36.41 -58.43 -9.02
CA ASN B 121 -37.22 -57.26 -8.73
C ASN B 121 -37.82 -57.36 -7.33
N PHE B 122 -37.52 -56.37 -6.48
CA PHE B 122 -37.97 -56.41 -5.09
C PHE B 122 -39.12 -55.47 -4.76
N GLY B 123 -39.84 -55.79 -3.69
CA GLY B 123 -40.92 -54.97 -3.20
C GLY B 123 -40.88 -54.86 -1.68
N LEU B 124 -41.30 -53.71 -1.17
CA LEU B 124 -41.34 -53.47 0.27
C LEU B 124 -42.78 -53.41 0.75
N TYR B 125 -43.12 -54.26 1.70
CA TYR B 125 -44.51 -54.40 2.15
C TYR B 125 -44.62 -54.30 3.67
N PRO B 126 -45.43 -53.33 4.16
CA PRO B 126 -45.61 -53.15 5.60
C PRO B 126 -46.48 -54.24 6.23
N ALA B 127 -46.07 -54.70 7.41
CA ALA B 127 -46.85 -55.63 8.21
C ALA B 127 -46.86 -55.14 9.66
N GLY B 128 -47.80 -54.23 9.95
CA GLY B 128 -47.84 -53.55 11.24
C GLY B 128 -46.73 -52.52 11.31
N ASP B 129 -45.89 -52.64 12.34
CA ASP B 129 -44.73 -51.76 12.50
C ASP B 129 -43.52 -52.31 11.74
N GLU B 130 -43.54 -53.60 11.46
CA GLU B 130 -42.42 -54.27 10.81
C GLU B 130 -42.62 -54.39 9.30
N TRP B 131 -41.51 -54.55 8.58
CA TRP B 131 -41.53 -54.58 7.12
C TRP B 131 -41.35 -56.00 6.57
N GLN B 132 -41.55 -56.16 5.27
CA GLN B 132 -41.44 -57.46 4.62
C GLN B 132 -40.95 -57.32 3.17
N LEU B 133 -39.91 -58.09 2.84
CA LEU B 133 -39.26 -58.01 1.53
C LEU B 133 -39.72 -59.14 0.61
N ALA B 134 -39.68 -58.88 -0.70
CA ALA B 134 -40.09 -59.86 -1.71
C ALA B 134 -39.27 -59.71 -2.99
N LEU B 135 -38.70 -60.81 -3.45
CA LEU B 135 -37.98 -60.83 -4.72
C LEU B 135 -38.74 -61.69 -5.73
N SER B 136 -38.38 -61.55 -7.01
CA SER B 136 -39.05 -62.29 -8.08
C SER B 136 -38.06 -62.67 -9.18
N ASP B 137 -37.85 -63.98 -9.35
CA ASP B 137 -37.00 -64.53 -10.39
C ASP B 137 -37.75 -64.55 -11.72
N GLY B 138 -37.10 -64.03 -12.76
CA GLY B 138 -37.69 -63.94 -14.09
C GLY B 138 -37.49 -65.19 -14.94
N GLU B 139 -36.43 -65.93 -14.64
CA GLU B 139 -36.09 -67.17 -15.35
C GLU B 139 -37.10 -68.27 -15.05
N THR B 140 -37.44 -68.43 -13.76
CA THR B 140 -38.33 -69.49 -13.30
C THR B 140 -39.78 -69.00 -13.12
N GLY B 141 -39.94 -67.71 -12.87
CA GLY B 141 -41.25 -67.11 -12.66
C GLY B 141 -41.72 -67.17 -11.21
N LYS B 142 -41.02 -67.98 -10.41
CA LYS B 142 -41.32 -68.13 -8.99
C LYS B 142 -41.07 -66.85 -8.21
N ASN B 143 -41.79 -66.69 -7.11
CA ASN B 143 -41.63 -65.55 -6.21
C ASN B 143 -41.18 -66.00 -4.83
N TYR B 144 -40.43 -65.14 -4.14
CA TYR B 144 -39.91 -65.44 -2.81
C TYR B 144 -40.23 -64.29 -1.86
N LEU B 145 -40.48 -64.62 -0.59
CA LEU B 145 -40.86 -63.62 0.39
C LEU B 145 -40.28 -63.92 1.78
N SER B 146 -39.72 -62.89 2.41
CA SER B 146 -39.06 -63.03 3.70
C SER B 146 -40.05 -62.91 4.85
N ASP B 147 -39.61 -63.29 6.05
CA ASP B 147 -40.38 -63.08 7.28
C ASP B 147 -40.35 -61.61 7.67
N ALA B 148 -41.17 -61.23 8.65
CA ALA B 148 -41.24 -59.85 9.13
C ALA B 148 -39.93 -59.42 9.80
N PHE B 149 -39.49 -58.21 9.50
CA PHE B 149 -38.22 -57.70 10.02
C PHE B 149 -38.28 -56.21 10.38
N LYS B 150 -37.34 -55.77 11.19
CA LYS B 150 -37.22 -54.38 11.58
C LYS B 150 -35.97 -53.78 10.95
N PHE B 151 -36.17 -52.68 10.22
CA PHE B 151 -35.06 -51.98 9.57
C PHE B 151 -33.98 -51.55 10.57
N GLY B 152 -32.72 -51.71 10.19
CA GLY B 152 -31.60 -51.26 11.02
C GLY B 152 -30.49 -52.28 11.18
N GLY B 153 -29.28 -51.90 10.79
CA GLY B 153 -28.10 -52.74 10.92
C GLY B 153 -27.97 -53.77 9.81
N GLU B 154 -26.81 -54.45 9.78
CA GLU B 154 -26.55 -55.51 8.82
C GLU B 154 -27.25 -56.79 9.27
N GLN B 155 -28.26 -57.21 8.50
CA GLN B 155 -29.00 -58.42 8.79
C GLN B 155 -29.22 -59.26 7.53
N LYS B 156 -29.28 -60.57 7.71
CA LYS B 156 -29.54 -61.50 6.61
C LYS B 156 -30.97 -62.00 6.68
N LEU B 157 -31.63 -62.06 5.53
CA LEU B 157 -33.00 -62.56 5.45
C LEU B 157 -33.07 -63.78 4.53
N GLN B 158 -33.58 -64.88 5.06
CA GLN B 158 -33.79 -66.07 4.26
C GLN B 158 -35.19 -66.03 3.67
N LEU B 159 -35.26 -65.87 2.35
CA LEU B 159 -36.53 -65.78 1.63
C LEU B 159 -37.13 -67.17 1.41
N LYS B 160 -38.46 -67.23 1.40
CA LYS B 160 -39.19 -68.49 1.23
C LYS B 160 -40.15 -68.40 0.04
N GLU B 161 -40.21 -69.47 -0.76
CA GLU B 161 -41.06 -69.49 -1.95
C GLU B 161 -42.54 -69.42 -1.56
N THR B 162 -43.30 -68.62 -2.30
CA THR B 162 -44.73 -68.43 -2.03
C THR B 162 -45.55 -68.23 -3.30
N THR B 163 -46.83 -68.57 -3.20
CA THR B 163 -47.78 -68.39 -4.30
C THR B 163 -48.80 -67.29 -3.97
N ALA B 164 -48.78 -66.84 -2.72
CA ALA B 164 -49.73 -65.85 -2.21
C ALA B 164 -49.18 -64.42 -2.27
N GLN B 165 -50.08 -63.46 -2.03
CA GLN B 165 -49.72 -62.04 -2.00
C GLN B 165 -49.53 -61.59 -0.55
N PRO B 166 -48.52 -60.72 -0.31
CA PRO B 166 -48.34 -60.15 1.02
C PRO B 166 -49.47 -59.19 1.37
N GLU B 167 -49.83 -59.16 2.66
CA GLU B 167 -50.84 -58.23 3.15
C GLU B 167 -50.24 -56.83 3.24
N GLY B 168 -51.04 -55.83 2.92
CA GLY B 168 -50.57 -54.45 2.90
C GLY B 168 -49.98 -54.05 1.57
N GLU B 169 -50.31 -52.84 1.12
CA GLU B 169 -49.93 -52.35 -0.20
C GLU B 169 -48.43 -52.14 -0.35
N ARG B 170 -47.94 -52.33 -1.58
CA ARG B 170 -46.54 -52.10 -1.92
C ARG B 170 -46.13 -50.66 -1.61
N ALA B 171 -44.92 -50.51 -1.07
CA ALA B 171 -44.39 -49.19 -0.74
C ALA B 171 -43.96 -48.44 -1.99
N ASN B 172 -44.38 -47.17 -2.08
CA ASN B 172 -43.98 -46.30 -3.19
C ASN B 172 -42.52 -45.90 -3.08
N LEU B 173 -41.91 -45.55 -4.22
CA LEU B 173 -40.49 -45.21 -4.31
C LEU B 173 -40.00 -44.31 -3.18
N ARG B 174 -40.79 -43.28 -2.87
CA ARG B 174 -40.44 -42.32 -1.82
C ARG B 174 -40.16 -42.99 -0.49
N VAL B 175 -41.01 -43.94 -0.11
CA VAL B 175 -40.87 -44.69 1.15
C VAL B 175 -39.64 -45.60 1.14
N ILE B 176 -39.38 -46.26 0.01
CA ILE B 176 -38.22 -47.15 -0.11
C ILE B 176 -36.92 -46.33 -0.14
N THR B 177 -37.00 -45.13 -0.71
CA THR B 177 -35.87 -44.19 -0.75
C THR B 177 -35.54 -43.67 0.65
N GLN B 178 -36.57 -43.48 1.48
CA GLN B 178 -36.38 -43.01 2.86
C GLN B 178 -35.69 -44.06 3.72
N ASN B 179 -35.92 -45.33 3.40
CA ASN B 179 -35.32 -46.45 4.12
C ASN B 179 -34.17 -47.10 3.35
N ARG B 180 -33.53 -46.32 2.47
CA ARG B 180 -32.48 -46.81 1.58
C ARG B 180 -31.25 -47.34 2.32
N GLN B 181 -30.86 -46.66 3.39
CA GLN B 181 -29.66 -47.00 4.15
C GLN B 181 -29.80 -48.33 4.86
N ALA B 182 -30.92 -48.52 5.55
CA ALA B 182 -31.21 -49.76 6.26
C ALA B 182 -31.41 -50.92 5.27
N LEU B 183 -31.90 -50.61 4.08
CA LEU B 183 -32.17 -51.60 3.04
C LEU B 183 -30.90 -52.09 2.36
N SER B 184 -29.87 -51.24 2.33
CA SER B 184 -28.61 -51.58 1.68
C SER B 184 -27.77 -52.53 2.53
N ASP B 185 -28.04 -52.55 3.83
CA ASP B 185 -27.34 -53.43 4.77
C ASP B 185 -28.00 -54.82 4.89
N ILE B 186 -29.23 -54.92 4.40
CA ILE B 186 -29.94 -56.20 4.35
C ILE B 186 -29.42 -57.03 3.19
N THR B 187 -28.89 -58.21 3.52
CA THR B 187 -28.37 -59.13 2.51
C THR B 187 -29.24 -60.39 2.42
N ALA B 188 -30.26 -60.32 1.56
CA ALA B 188 -31.22 -61.41 1.37
C ALA B 188 -30.59 -62.62 0.69
N ILE B 189 -31.14 -63.81 0.96
CA ILE B 189 -30.62 -65.05 0.39
C ILE B 189 -31.73 -66.03 -0.01
N LEU B 190 -31.63 -66.52 -1.26
CA LEU B 190 -32.62 -67.43 -1.84
C LEU B 190 -32.49 -68.84 -1.26
N PRO B 191 -33.57 -69.64 -1.35
CA PRO B 191 -33.53 -71.05 -0.95
C PRO B 191 -32.55 -71.86 -1.81
N ASP B 192 -32.29 -71.40 -3.04
CA ASP B 192 -31.45 -72.12 -3.98
C ASP B 192 -30.15 -71.38 -4.33
N GLY B 193 -30.26 -70.08 -4.58
CA GLY B 193 -29.12 -69.28 -5.04
C GLY B 193 -28.18 -68.88 -3.93
N ASN B 194 -27.69 -67.65 -4.02
CA ASN B 194 -26.77 -67.11 -3.02
C ASN B 194 -27.18 -65.70 -2.59
N LYS B 195 -26.28 -65.03 -1.84
CA LYS B 195 -26.54 -63.70 -1.29
C LYS B 195 -26.89 -62.68 -2.37
N VAL B 196 -27.80 -61.77 -2.02
CA VAL B 196 -28.32 -60.78 -2.96
C VAL B 196 -28.67 -59.47 -2.23
N MET B 197 -28.12 -58.37 -2.71
CA MET B 197 -28.30 -57.06 -2.07
C MET B 197 -28.91 -56.01 -3.01
N MET B 198 -29.47 -54.97 -2.42
CA MET B 198 -30.11 -53.88 -3.17
C MET B 198 -29.17 -53.28 -4.21
N SER B 199 -29.64 -53.20 -5.45
CA SER B 199 -28.85 -52.66 -6.57
C SER B 199 -29.42 -51.34 -7.07
N SER B 200 -30.73 -51.17 -6.91
CA SER B 200 -31.43 -49.92 -7.22
C SER B 200 -32.69 -49.84 -6.36
N LEU B 201 -33.51 -48.82 -6.59
CA LEU B 201 -34.76 -48.67 -5.84
C LEU B 201 -35.81 -49.73 -6.22
N ARG B 202 -35.52 -50.50 -7.26
CA ARG B 202 -36.45 -51.51 -7.75
C ARG B 202 -35.86 -52.92 -7.85
N GLN B 203 -34.53 -53.04 -7.77
CA GLN B 203 -33.85 -54.31 -8.00
C GLN B 203 -32.89 -54.78 -6.90
N PHE B 204 -32.67 -56.10 -6.88
CA PHE B 204 -31.68 -56.76 -6.01
C PHE B 204 -30.81 -57.66 -6.89
N SER B 205 -29.49 -57.55 -6.76
CA SER B 205 -28.56 -58.43 -7.48
C SER B 205 -27.36 -58.83 -6.62
N GLY B 206 -26.75 -59.97 -6.96
CA GLY B 206 -25.61 -60.49 -6.21
C GLY B 206 -24.32 -59.78 -6.54
N THR B 207 -23.91 -58.86 -5.66
CA THR B 207 -22.69 -58.09 -5.84
C THR B 207 -21.68 -58.36 -4.73
N GLN B 208 -20.64 -59.12 -5.07
CA GLN B 208 -19.57 -59.44 -4.14
C GLN B 208 -18.32 -58.60 -4.44
N PRO B 209 -17.51 -58.30 -3.40
CA PRO B 209 -16.27 -57.52 -3.59
C PRO B 209 -15.31 -58.18 -4.56
N LEU B 210 -14.67 -57.38 -5.40
CA LEU B 210 -13.77 -57.86 -6.44
C LEU B 210 -12.51 -58.49 -5.86
N TYR B 211 -11.99 -57.89 -4.80
CA TYR B 211 -10.75 -58.34 -4.16
C TYR B 211 -10.94 -58.64 -2.68
N THR B 212 -10.05 -59.46 -2.14
CA THR B 212 -9.96 -59.68 -0.70
C THR B 212 -8.52 -59.50 -0.24
N LEU B 213 -8.37 -58.85 0.92
CA LEU B 213 -7.05 -58.54 1.47
C LEU B 213 -6.78 -59.37 2.73
N ASP B 214 -5.83 -60.30 2.63
CA ASP B 214 -5.47 -61.18 3.74
C ASP B 214 -4.43 -60.56 4.68
N GLY B 215 -3.71 -61.40 5.42
CA GLY B 215 -2.70 -60.98 6.40
C GLY B 215 -1.70 -59.97 5.86
N ASP B 216 -0.96 -60.39 4.84
CA ASP B 216 -0.06 -59.48 4.11
C ASP B 216 -0.85 -58.62 3.12
N GLY B 217 -0.22 -57.56 2.64
CA GLY B 217 -0.91 -56.59 1.76
C GLY B 217 -1.13 -57.06 0.33
N THR B 218 -1.49 -58.33 0.19
CA THR B 218 -1.66 -58.95 -1.13
C THR B 218 -3.14 -59.05 -1.51
N LEU B 219 -3.53 -58.29 -2.52
CA LEU B 219 -4.90 -58.34 -3.04
C LEU B 219 -5.06 -59.53 -3.98
N THR B 220 -6.11 -60.31 -3.77
CA THR B 220 -6.42 -61.44 -4.64
C THR B 220 -7.81 -61.28 -5.28
N ASN B 221 -7.85 -61.45 -6.60
CA ASN B 221 -9.08 -61.32 -7.37
C ASN B 221 -10.08 -62.44 -7.08
N ASN B 222 -11.37 -62.11 -7.17
CA ASN B 222 -12.44 -63.08 -6.90
C ASN B 222 -13.16 -63.58 -8.16
N GLN B 223 -12.94 -62.91 -9.29
CA GLN B 223 -13.50 -63.34 -10.57
C GLN B 223 -12.47 -64.09 -11.42
N SER B 224 -11.31 -63.47 -11.64
CA SER B 224 -10.23 -64.07 -12.42
C SER B 224 -9.32 -64.93 -11.55
N GLY B 225 -9.16 -64.54 -10.29
CA GLY B 225 -8.33 -65.27 -9.33
C GLY B 225 -6.87 -64.84 -9.30
N VAL B 226 -6.55 -63.80 -10.08
CA VAL B 226 -5.18 -63.29 -10.19
C VAL B 226 -4.79 -62.52 -8.94
N LYS B 227 -3.63 -62.86 -8.37
CA LYS B 227 -3.12 -62.18 -7.19
C LYS B 227 -2.23 -60.98 -7.56
N TYR B 228 -2.25 -59.96 -6.71
CA TYR B 228 -1.51 -58.72 -6.96
C TYR B 228 -0.74 -58.27 -5.72
N ARG B 229 0.51 -57.86 -5.92
CA ARG B 229 1.36 -57.37 -4.82
C ARG B 229 1.84 -55.94 -5.09
N PRO B 230 1.93 -55.11 -4.04
CA PRO B 230 2.33 -53.70 -4.20
C PRO B 230 3.79 -53.53 -4.66
N ASN B 231 3.95 -53.05 -5.89
CA ASN B 231 5.27 -52.75 -6.45
C ASN B 231 5.65 -51.31 -6.12
N ASN B 232 6.52 -51.14 -5.13
CA ASN B 232 6.89 -49.83 -4.62
C ASN B 232 8.02 -49.14 -5.39
N GLN B 233 8.39 -49.72 -6.53
CA GLN B 233 9.36 -49.10 -7.45
C GLN B 233 8.63 -48.19 -8.43
N ILE B 234 7.49 -48.66 -8.94
CA ILE B 234 6.69 -47.88 -9.88
C ILE B 234 5.46 -47.22 -9.22
N GLY B 235 4.99 -47.82 -8.13
CA GLY B 235 3.88 -47.27 -7.36
C GLY B 235 2.51 -47.83 -7.69
N PHE B 236 2.47 -49.09 -8.10
CA PHE B 236 1.22 -49.75 -8.48
C PHE B 236 1.10 -51.15 -7.87
N TYR B 237 -0.11 -51.69 -7.87
CA TYR B 237 -0.35 -53.10 -7.66
C TYR B 237 -0.12 -53.80 -9.00
N GLN B 238 0.80 -54.77 -9.01
CA GLN B 238 1.16 -55.48 -10.24
C GLN B 238 0.93 -56.98 -10.08
N SER B 239 0.69 -57.66 -11.20
CA SER B 239 0.47 -59.11 -11.21
C SER B 239 1.79 -59.87 -11.14
N ILE B 240 1.79 -60.92 -10.33
CA ILE B 240 2.96 -61.77 -10.17
C ILE B 240 2.67 -63.16 -10.72
N THR B 241 3.69 -63.77 -11.34
CA THR B 241 3.58 -65.13 -11.86
C THR B 241 4.15 -66.13 -10.85
N ALA B 242 3.70 -67.38 -10.94
CA ALA B 242 4.16 -68.43 -10.05
C ALA B 242 5.56 -68.90 -10.41
N ASP B 248 2.30 -58.69 -18.19
CA ASP B 248 2.15 -58.31 -16.79
C ASP B 248 1.04 -57.27 -16.58
N GLU B 249 0.01 -57.66 -15.84
CA GLU B 249 -1.12 -56.80 -15.52
C GLU B 249 -0.73 -55.76 -14.49
N LYS B 250 -1.24 -54.54 -14.66
CA LYS B 250 -1.01 -53.45 -13.71
C LYS B 250 -2.33 -52.76 -13.34
N LEU B 251 -2.75 -52.94 -12.08
CA LEU B 251 -3.96 -52.30 -11.57
C LEU B 251 -3.66 -50.81 -11.39
N SER B 252 -4.53 -49.98 -11.96
CA SER B 252 -4.20 -48.56 -12.16
C SER B 252 -5.10 -47.50 -11.50
N PRO B 253 -5.42 -47.66 -10.20
CA PRO B 253 -5.69 -46.44 -9.43
C PRO B 253 -4.38 -45.77 -9.00
N GLY B 254 -3.40 -46.57 -8.54
CA GLY B 254 -2.05 -46.08 -8.27
C GLY B 254 -1.84 -45.36 -6.95
N TYR B 255 -0.60 -45.39 -6.46
CA TYR B 255 -0.24 -44.72 -5.20
C TYR B 255 1.11 -44.01 -5.23
N THR B 256 1.27 -43.02 -4.35
CA THR B 256 2.47 -42.17 -4.29
C THR B 256 3.58 -42.85 -3.50
N VAL B 257 4.76 -42.94 -4.11
CA VAL B 257 5.94 -43.52 -3.46
C VAL B 257 7.22 -42.74 -3.81
N THR B 258 8.11 -42.60 -2.83
CA THR B 258 9.34 -41.82 -2.97
C THR B 258 10.28 -42.33 -4.07
N THR B 259 10.95 -41.40 -4.74
CA THR B 259 11.88 -41.72 -5.83
C THR B 259 13.26 -41.06 -5.67
N GLY B 260 13.40 -40.19 -4.67
CA GLY B 260 14.68 -39.54 -4.40
C GLY B 260 15.01 -38.43 -5.37
N TRP B 261 16.24 -38.44 -5.88
CA TRP B 261 16.75 -37.37 -6.74
C TRP B 261 16.35 -37.51 -8.22
N LYS B 262 15.48 -38.48 -8.52
CA LYS B 262 15.13 -38.82 -9.91
C LYS B 262 14.44 -37.69 -10.67
N ASN B 263 13.63 -36.90 -9.98
CA ASN B 263 12.98 -35.75 -10.60
C ASN B 263 13.92 -34.56 -10.74
N PHE B 264 14.84 -34.41 -9.78
CA PHE B 264 15.83 -33.34 -9.81
C PHE B 264 16.89 -33.58 -10.89
N THR B 265 17.26 -34.85 -11.08
CA THR B 265 18.25 -35.22 -12.10
C THR B 265 17.71 -34.99 -13.51
N ARG B 266 16.42 -35.23 -13.71
CA ARG B 266 15.78 -35.07 -15.02
C ARG B 266 15.94 -33.64 -15.56
N VAL B 267 15.93 -32.66 -14.66
CA VAL B 267 16.11 -31.25 -15.03
C VAL B 267 17.53 -31.01 -15.54
N PHE B 268 18.50 -31.72 -14.97
CA PHE B 268 19.90 -31.62 -15.38
C PHE B 268 20.28 -32.63 -16.48
N THR B 269 19.37 -33.56 -16.77
CA THR B 269 19.61 -34.61 -17.75
C THR B 269 18.92 -34.34 -19.10
N ASP B 270 17.66 -33.92 -19.04
CA ASP B 270 16.86 -33.72 -20.24
C ASP B 270 17.33 -32.52 -21.07
N GLU B 271 17.18 -32.66 -22.39
CA GLU B 271 17.54 -31.60 -23.33
C GLU B 271 16.30 -30.83 -23.79
N GLY B 272 15.17 -31.51 -23.83
CA GLY B 272 13.90 -30.92 -24.26
C GLY B 272 13.17 -30.16 -23.16
N ILE B 273 13.55 -30.40 -21.92
CA ILE B 273 13.00 -29.66 -20.78
C ILE B 273 13.86 -28.42 -20.51
N GLN B 274 15.17 -28.58 -20.64
CA GLN B 274 16.13 -27.49 -20.46
C GLN B 274 16.03 -26.45 -21.59
N LYS B 275 15.63 -26.92 -22.77
CA LYS B 275 15.57 -26.09 -23.98
C LYS B 275 14.77 -24.79 -23.82
N PRO B 276 13.47 -24.88 -23.47
CA PRO B 276 12.71 -23.64 -23.27
C PRO B 276 12.90 -23.04 -21.88
N PHE B 277 13.40 -23.85 -20.94
CA PHE B 277 13.55 -23.44 -19.54
C PHE B 277 14.37 -22.15 -19.38
N LEU B 278 15.52 -22.10 -20.05
CA LEU B 278 16.36 -20.90 -20.04
C LEU B 278 15.75 -19.79 -20.90
N ALA B 279 15.05 -20.20 -21.96
CA ALA B 279 14.47 -19.26 -22.94
C ALA B 279 13.31 -18.44 -22.38
N ILE B 280 12.42 -19.08 -21.63
CA ILE B 280 11.28 -18.38 -21.03
C ILE B 280 11.70 -17.52 -19.83
N PHE B 281 12.79 -17.93 -19.16
CA PHE B 281 13.38 -17.16 -18.08
C PHE B 281 13.71 -15.75 -18.55
N VAL B 282 14.28 -15.66 -19.76
CA VAL B 282 14.57 -14.38 -20.39
C VAL B 282 13.28 -13.57 -20.58
N TRP B 283 12.25 -14.21 -21.13
CA TRP B 283 10.96 -13.56 -21.34
C TRP B 283 10.32 -13.11 -20.02
N THR B 284 10.38 -13.98 -19.01
CA THR B 284 9.83 -13.68 -17.70
C THR B 284 10.40 -12.39 -17.13
N VAL B 285 11.73 -12.29 -17.09
CA VAL B 285 12.42 -11.11 -16.55
C VAL B 285 12.20 -9.88 -17.42
N VAL B 286 12.28 -10.06 -18.75
CA VAL B 286 12.05 -8.98 -19.70
C VAL B 286 10.60 -8.46 -19.63
N PHE B 287 9.66 -9.38 -19.49
CA PHE B 287 8.24 -9.03 -19.34
C PHE B 287 7.98 -8.20 -18.08
N SER B 288 8.57 -8.60 -16.97
CA SER B 288 8.35 -7.91 -15.71
C SER B 288 9.11 -6.58 -15.61
N LEU B 289 10.31 -6.52 -16.19
CA LEU B 289 11.06 -5.26 -16.28
C LEU B 289 10.30 -4.19 -17.05
N ILE B 290 9.81 -4.56 -18.24
CA ILE B 290 9.05 -3.65 -19.10
C ILE B 290 7.72 -3.25 -18.46
N THR B 291 7.14 -4.15 -17.67
CA THR B 291 5.91 -3.86 -16.93
C THR B 291 6.16 -2.76 -15.89
N VAL B 292 7.13 -3.00 -15.01
CA VAL B 292 7.51 -2.04 -13.97
C VAL B 292 7.82 -0.67 -14.56
N PHE B 293 8.62 -0.64 -15.62
CA PHE B 293 9.07 0.62 -16.23
C PHE B 293 7.92 1.44 -16.79
N LEU B 294 7.02 0.79 -17.52
CA LEU B 294 5.93 1.51 -18.18
C LEU B 294 4.81 1.90 -17.23
N THR B 295 4.52 1.04 -16.26
CA THR B 295 3.51 1.33 -15.24
C THR B 295 3.94 2.46 -14.30
N VAL B 296 5.23 2.48 -13.93
CA VAL B 296 5.78 3.58 -13.13
C VAL B 296 5.74 4.89 -13.92
N ALA B 297 6.20 4.84 -15.18
CA ALA B 297 6.20 6.02 -16.05
C ALA B 297 4.80 6.62 -16.16
N VAL B 298 3.85 5.82 -16.64
CA VAL B 298 2.46 6.26 -16.79
C VAL B 298 1.85 6.66 -15.45
N GLY B 299 2.10 5.85 -14.42
CA GLY B 299 1.60 6.12 -13.08
C GLY B 299 2.06 7.46 -12.53
N MET B 300 3.36 7.70 -12.61
CA MET B 300 3.97 8.93 -12.06
C MET B 300 3.55 10.19 -12.83
N VAL B 301 3.61 10.13 -14.16
CA VAL B 301 3.30 11.27 -15.00
C VAL B 301 1.88 11.76 -14.78
N LEU B 302 0.94 10.82 -14.63
CA LEU B 302 -0.45 11.16 -14.37
C LEU B 302 -0.67 11.66 -12.94
N ALA B 303 0.01 11.04 -11.97
CA ALA B 303 -0.07 11.46 -10.57
C ALA B 303 0.42 12.90 -10.40
N CYS B 304 1.40 13.29 -11.20
CA CYS B 304 1.89 14.66 -11.21
C CYS B 304 0.84 15.61 -11.82
N LEU B 305 0.15 15.12 -12.86
CA LEU B 305 -0.79 15.94 -13.61
C LEU B 305 -2.13 16.14 -12.90
N VAL B 306 -2.58 15.11 -12.19
CA VAL B 306 -3.85 15.18 -11.48
C VAL B 306 -3.78 16.11 -10.27
N GLN B 307 -2.60 16.19 -9.64
CA GLN B 307 -2.39 17.11 -8.52
C GLN B 307 -1.93 18.50 -8.95
N TRP B 308 -1.69 18.68 -10.24
CA TRP B 308 -1.25 19.96 -10.81
C TRP B 308 -2.31 21.05 -10.61
N GLU B 309 -1.91 22.12 -9.92
CA GLU B 309 -2.80 23.22 -9.53
C GLU B 309 -3.63 23.80 -10.69
N ALA B 310 -2.96 24.06 -11.81
CA ALA B 310 -3.58 24.75 -12.96
C ALA B 310 -4.68 23.94 -13.64
N LEU B 311 -4.66 22.62 -13.49
CA LEU B 311 -5.68 21.75 -14.09
C LEU B 311 -7.05 21.99 -13.49
N ARG B 312 -8.09 21.87 -14.30
CA ARG B 312 -9.45 22.22 -13.88
C ARG B 312 -10.18 21.11 -13.13
N GLY B 313 -10.63 20.08 -13.85
CA GLY B 313 -11.43 19.01 -13.26
C GLY B 313 -10.60 17.90 -12.64
N LYS B 314 -9.71 18.27 -11.73
CA LYS B 314 -8.77 17.32 -11.11
C LYS B 314 -9.48 16.10 -10.52
N ALA B 315 -10.52 16.35 -9.72
CA ALA B 315 -11.26 15.30 -9.02
C ALA B 315 -12.01 14.37 -9.96
N VAL B 316 -12.45 14.89 -11.11
CA VAL B 316 -13.14 14.09 -12.12
C VAL B 316 -12.14 13.20 -12.85
N TYR B 317 -10.98 13.76 -13.22
CA TYR B 317 -9.90 13.00 -13.84
C TYR B 317 -9.41 11.87 -12.92
N ARG B 318 -9.33 12.16 -11.62
CA ARG B 318 -8.79 11.24 -10.63
C ARG B 318 -9.59 9.93 -10.54
N VAL B 319 -10.92 10.04 -10.51
CA VAL B 319 -11.77 8.84 -10.44
C VAL B 319 -11.76 8.04 -11.73
N LEU B 320 -11.71 8.74 -12.87
CA LEU B 320 -11.76 8.12 -14.18
C LEU B 320 -10.51 7.29 -14.49
N LEU B 321 -9.35 7.82 -14.10
CA LEU B 321 -8.07 7.16 -14.35
C LEU B 321 -7.87 5.96 -13.44
N ILE B 322 -8.52 6.01 -12.28
CA ILE B 322 -8.47 4.93 -11.30
C ILE B 322 -9.41 3.77 -11.67
N LEU B 323 -10.53 4.09 -12.32
CA LEU B 323 -11.58 3.11 -12.65
C LEU B 323 -11.13 1.69 -13.09
N PRO B 324 -10.13 1.58 -13.98
CA PRO B 324 -9.64 0.25 -14.35
C PRO B 324 -9.33 -0.67 -13.16
N TYR B 325 -8.88 -0.07 -12.06
CA TYR B 325 -8.53 -0.81 -10.84
C TYR B 325 -9.77 -1.29 -10.08
N ALA B 326 -10.89 -0.60 -10.30
CA ALA B 326 -12.16 -0.94 -9.65
C ALA B 326 -12.85 -2.11 -10.36
N VAL B 327 -12.20 -2.63 -11.40
CA VAL B 327 -12.68 -3.76 -12.16
C VAL B 327 -11.71 -4.92 -11.94
N PRO B 328 -12.21 -6.06 -11.42
CA PRO B 328 -11.32 -7.18 -11.09
C PRO B 328 -10.43 -7.57 -12.26
N SER B 329 -9.19 -7.95 -11.95
CA SER B 329 -8.17 -8.28 -12.97
C SER B 329 -8.67 -9.33 -13.95
N PHE B 330 -9.22 -10.43 -13.42
CA PHE B 330 -9.63 -11.56 -14.25
C PHE B 330 -10.71 -11.22 -15.30
N ILE B 331 -11.66 -10.35 -14.96
CA ILE B 331 -12.68 -9.99 -15.94
C ILE B 331 -12.17 -8.98 -16.97
N SER B 332 -11.17 -8.19 -16.60
CA SER B 332 -10.52 -7.28 -17.55
C SER B 332 -9.77 -8.09 -18.59
N ILE B 333 -8.98 -9.06 -18.11
CA ILE B 333 -8.20 -9.93 -18.98
C ILE B 333 -9.12 -10.69 -19.95
N LEU B 334 -10.22 -11.23 -19.42
CA LEU B 334 -11.19 -11.96 -20.23
C LEU B 334 -11.86 -11.10 -21.30
N ILE B 335 -12.17 -9.84 -20.97
CA ILE B 335 -12.77 -8.95 -21.95
C ILE B 335 -11.71 -8.44 -22.94
N PHE B 336 -10.45 -8.40 -22.50
CA PHE B 336 -9.34 -8.09 -23.39
C PHE B 336 -9.08 -9.22 -24.36
N LYS B 337 -9.18 -10.46 -23.88
CA LYS B 337 -8.94 -11.64 -24.70
C LYS B 337 -9.86 -11.66 -25.92
N GLY B 338 -11.13 -11.31 -25.70
CA GLY B 338 -12.11 -11.22 -26.79
C GLY B 338 -11.92 -10.00 -27.67
N LEU B 339 -11.41 -8.92 -27.08
CA LEU B 339 -11.14 -7.68 -27.78
C LEU B 339 -9.91 -7.78 -28.69
N PHE B 340 -8.95 -8.61 -28.30
CA PHE B 340 -7.69 -8.74 -29.02
C PHE B 340 -7.68 -9.84 -30.07
N ASN B 341 -8.83 -10.43 -30.35
CA ASN B 341 -8.94 -11.49 -31.36
C ASN B 341 -8.33 -11.07 -32.68
N GLN B 342 -7.66 -12.01 -33.36
CA GLN B 342 -6.89 -11.70 -34.57
C GLN B 342 -7.75 -11.30 -35.75
N SER B 343 -8.50 -12.27 -36.30
CA SER B 343 -9.25 -12.07 -37.53
C SER B 343 -10.56 -11.33 -37.30
N PHE B 344 -11.19 -11.60 -36.16
CA PHE B 344 -12.39 -10.88 -35.74
C PHE B 344 -12.01 -10.08 -34.50
N GLY B 345 -12.99 -9.56 -33.77
CA GLY B 345 -12.69 -8.82 -32.55
C GLY B 345 -12.52 -7.33 -32.81
N GLU B 346 -13.09 -6.53 -31.92
CA GLU B 346 -13.34 -5.11 -32.15
C GLU B 346 -12.11 -4.19 -32.28
N ILE B 347 -10.97 -4.60 -31.72
CA ILE B 347 -9.74 -3.80 -31.83
C ILE B 347 -9.23 -3.78 -33.27
N ASN B 348 -9.09 -4.96 -33.87
CA ASN B 348 -8.63 -5.06 -35.26
C ASN B 348 -9.68 -4.62 -36.28
N MET B 349 -10.94 -4.62 -35.89
CA MET B 349 -12.03 -4.13 -36.74
C MET B 349 -11.81 -2.67 -37.10
N MET B 350 -11.39 -1.88 -36.12
CA MET B 350 -11.13 -0.46 -36.33
C MET B 350 -9.66 -0.18 -36.64
N LEU B 351 -8.80 -1.17 -36.35
CA LEU B 351 -7.37 -1.07 -36.64
C LEU B 351 -7.07 -1.47 -38.09
N SER B 352 -8.08 -1.95 -38.80
CA SER B 352 -7.96 -2.24 -40.23
C SER B 352 -8.70 -1.20 -41.06
N ALA B 353 -9.69 -0.53 -40.43
CA ALA B 353 -10.42 0.57 -41.07
C ALA B 353 -9.48 1.73 -41.33
N LEU B 354 -8.82 2.21 -40.28
CA LEU B 354 -7.66 3.08 -40.42
C LEU B 354 -6.41 2.19 -40.43
N PHE B 355 -5.27 2.76 -40.80
CA PHE B 355 -4.03 2.00 -41.05
C PHE B 355 -4.22 0.92 -42.12
N GLY B 356 -4.75 -0.23 -41.72
CA GLY B 356 -5.04 -1.32 -42.66
C GLY B 356 -4.46 -2.67 -42.26
N VAL B 357 -3.91 -2.74 -41.05
CA VAL B 357 -3.23 -3.95 -40.56
C VAL B 357 -4.06 -4.66 -39.49
N LYS B 358 -4.04 -5.99 -39.53
CA LYS B 358 -4.62 -6.81 -38.46
C LYS B 358 -3.53 -7.65 -37.79
N PRO B 359 -2.85 -7.08 -36.76
CA PRO B 359 -1.71 -7.72 -36.11
C PRO B 359 -2.06 -9.09 -35.52
N ALA B 360 -1.13 -10.02 -35.60
CA ALA B 360 -1.35 -11.40 -35.14
C ALA B 360 -1.17 -11.52 -33.63
N TRP B 361 -2.15 -11.00 -32.90
CA TRP B 361 -2.06 -10.87 -31.43
C TRP B 361 -1.88 -12.20 -30.67
N PHE B 362 -2.19 -13.32 -31.32
CA PHE B 362 -2.10 -14.63 -30.68
C PHE B 362 -1.14 -15.59 -31.37
N SER B 363 -1.08 -15.51 -32.71
CA SER B 363 -0.25 -16.40 -33.51
C SER B 363 1.23 -16.05 -33.42
N ASP B 364 1.55 -14.76 -33.53
CA ASP B 364 2.94 -14.30 -33.50
C ASP B 364 3.45 -14.19 -32.06
N PRO B 365 4.67 -14.70 -31.81
CA PRO B 365 5.28 -14.61 -30.49
C PRO B 365 5.45 -13.16 -29.99
N THR B 366 5.97 -12.28 -30.83
CA THR B 366 6.22 -10.89 -30.44
C THR B 366 4.93 -10.09 -30.27
N THR B 367 4.04 -10.19 -31.25
CA THR B 367 2.77 -9.47 -31.23
C THR B 367 1.96 -9.86 -29.99
N ALA B 368 2.01 -11.14 -29.64
CA ALA B 368 1.42 -11.63 -28.39
C ALA B 368 2.10 -11.00 -27.18
N ARG B 369 3.43 -11.07 -27.14
CA ARG B 369 4.23 -10.48 -26.06
C ARG B 369 3.98 -8.98 -25.90
N THR B 370 3.76 -8.29 -27.02
CA THR B 370 3.39 -6.88 -27.02
C THR B 370 2.03 -6.69 -26.35
N MET B 371 1.06 -7.50 -26.76
CA MET B 371 -0.29 -7.44 -26.22
C MET B 371 -0.28 -7.59 -24.70
N LEU B 372 0.41 -8.62 -24.22
CA LEU B 372 0.57 -8.84 -22.79
C LEU B 372 0.95 -7.54 -22.08
N ILE B 373 1.98 -6.87 -22.58
CA ILE B 373 2.49 -5.62 -21.98
C ILE B 373 1.48 -4.48 -22.05
N ILE B 374 0.84 -4.33 -23.21
CA ILE B 374 -0.22 -3.32 -23.37
C ILE B 374 -1.32 -3.55 -22.32
N VAL B 375 -1.78 -4.79 -22.22
CA VAL B 375 -2.81 -5.17 -21.27
C VAL B 375 -2.33 -4.99 -19.83
N ASN B 376 -1.10 -5.40 -19.55
CA ASN B 376 -0.55 -5.32 -18.20
C ASN B 376 -0.33 -3.88 -17.76
N THR B 377 0.07 -3.03 -18.70
CA THR B 377 0.23 -1.59 -18.43
C THR B 377 -1.11 -0.96 -18.08
N TRP B 378 -2.15 -1.34 -18.84
CA TRP B 378 -3.52 -0.93 -18.57
C TRP B 378 -3.91 -1.41 -17.17
N LEU B 379 -3.53 -2.64 -16.85
CA LEU B 379 -3.85 -3.25 -15.57
C LEU B 379 -3.07 -2.66 -14.41
N GLY B 380 -1.85 -2.20 -14.70
CA GLY B 380 -0.89 -1.87 -13.65
C GLY B 380 -0.62 -0.41 -13.36
N TYR B 381 -1.06 0.48 -14.25
CA TYR B 381 -0.83 1.91 -14.05
C TYR B 381 -1.61 2.52 -12.88
N PRO B 382 -2.86 2.07 -12.64
CA PRO B 382 -3.57 2.74 -11.54
C PRO B 382 -2.90 2.55 -10.18
N TYR B 383 -2.32 1.37 -9.95
CA TYR B 383 -1.62 1.10 -8.69
C TYR B 383 -0.40 1.99 -8.49
N MET B 384 0.33 2.25 -9.57
CA MET B 384 1.51 3.12 -9.52
C MET B 384 1.11 4.58 -9.36
N MET B 385 0.00 4.95 -9.97
CA MET B 385 -0.54 6.31 -9.83
C MET B 385 -0.91 6.59 -8.38
N ILE B 386 -1.75 5.73 -7.82
CA ILE B 386 -2.18 5.83 -6.41
C ILE B 386 -0.97 5.95 -5.50
N LEU B 387 0.05 5.14 -5.79
CA LEU B 387 1.27 5.12 -5.00
C LEU B 387 2.00 6.45 -5.10
N CYS B 388 2.21 6.92 -6.32
CA CYS B 388 2.90 8.18 -6.57
C CYS B 388 2.15 9.38 -6.02
N MET B 389 0.82 9.31 -6.05
CA MET B 389 -0.03 10.39 -5.51
C MET B 389 0.26 10.68 -4.06
N GLY B 390 0.32 9.63 -3.24
CA GLY B 390 0.65 9.75 -1.83
C GLY B 390 2.12 10.06 -1.62
N LEU B 391 2.98 9.35 -2.36
CA LEU B 391 4.43 9.50 -2.25
C LEU B 391 4.90 10.88 -2.73
N LEU B 392 4.10 11.51 -3.57
CA LEU B 392 4.38 12.84 -4.11
C LEU B 392 4.24 13.93 -3.04
N LYS B 393 3.42 13.68 -2.03
CA LYS B 393 3.20 14.63 -0.94
C LYS B 393 4.41 14.80 -0.01
N ALA B 394 5.33 13.84 -0.07
CA ALA B 394 6.56 13.90 0.72
C ALA B 394 7.52 14.99 0.24
N ILE B 395 7.25 15.53 -0.95
CA ILE B 395 8.02 16.65 -1.49
C ILE B 395 7.38 17.98 -1.05
N PRO B 396 8.14 18.81 -0.30
CA PRO B 396 7.62 20.11 0.12
C PRO B 396 7.46 21.08 -1.04
N ASP B 397 6.38 21.85 -1.03
CA ASP B 397 6.04 22.76 -2.12
C ASP B 397 7.13 23.76 -2.46
N ASP B 398 7.81 24.27 -1.43
CA ASP B 398 8.80 25.33 -1.60
C ASP B 398 10.05 24.94 -2.40
N LEU B 399 10.21 23.64 -2.66
CA LEU B 399 11.27 23.18 -3.56
C LEU B 399 10.99 23.57 -5.01
N TYR B 400 9.71 23.62 -5.36
CA TYR B 400 9.28 24.03 -6.69
C TYR B 400 9.19 25.55 -6.79
N GLU B 401 9.05 26.21 -5.63
CA GLU B 401 9.04 27.66 -5.56
C GLU B 401 10.45 28.22 -5.73
N ALA B 402 11.43 27.55 -5.12
CA ALA B 402 12.84 27.89 -5.29
C ALA B 402 13.29 27.60 -6.71
N SER B 403 12.67 26.60 -7.33
CA SER B 403 12.92 26.24 -8.72
C SER B 403 12.34 27.28 -9.68
N ALA B 404 11.21 27.87 -9.27
CA ALA B 404 10.52 28.89 -10.07
C ALA B 404 11.31 30.19 -10.12
N MET B 405 12.01 30.51 -9.04
CA MET B 405 12.88 31.68 -8.96
C MET B 405 14.04 31.54 -9.93
N ASP B 406 14.59 30.34 -9.99
CA ASP B 406 15.73 30.04 -10.86
C ASP B 406 15.30 29.92 -12.33
N GLY B 407 13.99 29.75 -12.55
CA GLY B 407 13.42 29.76 -13.89
C GLY B 407 13.38 28.41 -14.57
N ALA B 408 12.79 27.43 -13.89
CA ALA B 408 12.65 26.09 -14.45
C ALA B 408 11.26 25.87 -15.03
N GLY B 409 11.22 25.21 -16.19
CA GLY B 409 9.96 24.83 -16.83
C GLY B 409 9.41 23.54 -16.23
N PRO B 410 8.17 23.19 -16.59
CA PRO B 410 7.53 21.96 -16.13
C PRO B 410 8.37 20.71 -16.34
N PHE B 411 8.96 20.58 -17.53
CA PHE B 411 9.84 19.45 -17.86
C PHE B 411 11.09 19.43 -16.98
N GLN B 412 11.71 20.59 -16.82
CA GLN B 412 12.88 20.74 -15.95
C GLN B 412 12.58 20.33 -14.52
N ASN B 413 11.43 20.78 -14.01
CA ASN B 413 10.97 20.39 -12.67
C ASN B 413 10.86 18.89 -12.50
N PHE B 414 10.31 18.21 -13.50
CA PHE B 414 10.07 16.77 -13.43
C PHE B 414 11.38 15.96 -13.33
N PHE B 415 12.32 16.25 -14.22
CA PHE B 415 13.53 15.43 -14.33
C PHE B 415 14.62 15.78 -13.32
N LYS B 416 14.69 17.04 -12.91
CA LYS B 416 15.74 17.48 -11.98
C LYS B 416 15.29 17.42 -10.51
N ILE B 417 13.98 17.55 -10.28
CA ILE B 417 13.43 17.52 -8.92
C ILE B 417 12.54 16.30 -8.67
N THR B 418 11.39 16.26 -9.33
CA THR B 418 10.33 15.26 -9.06
C THR B 418 10.82 13.81 -9.14
N LEU B 419 11.29 13.40 -10.31
CA LEU B 419 11.71 12.03 -10.57
C LEU B 419 12.77 11.50 -9.59
N PRO B 420 13.95 12.16 -9.52
CA PRO B 420 15.01 11.62 -8.65
C PRO B 420 14.63 11.62 -7.17
N LEU B 421 13.66 12.46 -6.81
CA LEU B 421 13.19 12.55 -5.43
C LEU B 421 12.10 11.53 -5.12
N LEU B 422 11.58 10.89 -6.16
CA LEU B 422 10.55 9.86 -6.02
C LEU B 422 11.10 8.43 -6.15
N ILE B 423 12.17 8.27 -6.91
CA ILE B 423 12.71 6.93 -7.22
C ILE B 423 13.28 6.19 -6.01
N LYS B 424 13.81 6.94 -5.05
CA LYS B 424 14.36 6.33 -3.84
C LYS B 424 13.26 5.67 -3.00
N PRO B 425 12.22 6.43 -2.58
CA PRO B 425 11.13 5.79 -1.82
C PRO B 425 10.31 4.80 -2.65
N LEU B 426 10.55 4.80 -3.96
CA LEU B 426 9.80 3.97 -4.89
C LEU B 426 10.48 2.63 -5.17
N THR B 427 11.81 2.61 -5.09
CA THR B 427 12.62 1.42 -5.39
C THR B 427 12.09 0.12 -4.75
N PRO B 428 11.88 0.11 -3.41
CA PRO B 428 11.42 -1.13 -2.78
C PRO B 428 10.04 -1.60 -3.26
N LEU B 429 9.18 -0.65 -3.64
CA LEU B 429 7.85 -0.99 -4.11
C LEU B 429 7.87 -1.51 -5.54
N MET B 430 8.85 -1.05 -6.32
CA MET B 430 8.97 -1.53 -7.69
C MET B 430 9.83 -2.80 -7.85
N ILE B 431 10.74 -3.04 -6.91
CA ILE B 431 11.41 -4.34 -6.85
C ILE B 431 10.41 -5.39 -6.38
N ALA B 432 9.42 -4.94 -5.61
CA ALA B 432 8.30 -5.78 -5.20
C ALA B 432 7.38 -6.04 -6.39
N SER B 433 7.21 -5.01 -7.23
CA SER B 433 6.40 -5.13 -8.44
C SER B 433 7.03 -6.10 -9.42
N PHE B 434 8.35 -6.13 -9.46
CA PHE B 434 9.10 -7.08 -10.29
C PHE B 434 8.85 -8.50 -9.82
N ALA B 435 8.81 -8.69 -8.51
CA ALA B 435 8.53 -9.98 -7.89
C ALA B 435 7.09 -10.44 -8.17
N PHE B 436 6.15 -9.50 -8.09
CA PHE B 436 4.76 -9.79 -8.41
C PHE B 436 4.62 -10.20 -9.87
N ASN B 437 5.06 -9.32 -10.76
CA ASN B 437 4.95 -9.55 -12.20
C ASN B 437 5.84 -10.66 -12.74
N PHE B 438 6.83 -11.07 -11.95
CA PHE B 438 7.66 -12.22 -12.28
C PHE B 438 6.80 -13.48 -12.29
N ASN B 439 5.91 -13.57 -11.29
CA ASN B 439 5.02 -14.71 -11.16
C ASN B 439 3.56 -14.32 -11.35
N ASN B 440 3.31 -13.47 -12.34
CA ASN B 440 1.96 -13.09 -12.73
C ASN B 440 1.33 -14.22 -13.56
N PHE B 441 0.82 -15.22 -12.84
CA PHE B 441 0.28 -16.44 -13.44
C PHE B 441 -1.07 -16.22 -14.13
N VAL B 442 -1.94 -15.44 -13.47
CA VAL B 442 -3.33 -15.27 -13.90
C VAL B 442 -3.47 -14.51 -15.21
N LEU B 443 -2.54 -13.59 -15.47
CA LEU B 443 -2.55 -12.83 -16.73
C LEU B 443 -2.27 -13.74 -17.93
N ILE B 444 -1.23 -14.56 -17.81
CA ILE B 444 -0.81 -15.42 -18.91
C ILE B 444 -1.84 -16.51 -19.17
N GLN B 445 -2.25 -17.21 -18.11
CA GLN B 445 -3.19 -18.33 -18.24
C GLN B 445 -4.50 -17.92 -18.90
N LEU B 446 -5.03 -16.78 -18.47
CA LEU B 446 -6.33 -16.32 -18.95
C LEU B 446 -6.30 -15.72 -20.36
N LEU B 447 -5.29 -14.90 -20.65
CA LEU B 447 -5.23 -14.20 -21.94
C LEU B 447 -4.74 -15.08 -23.09
N THR B 448 -3.60 -15.74 -22.90
CA THR B 448 -2.94 -16.47 -23.97
C THR B 448 -2.72 -17.94 -23.65
N ASN B 449 -2.60 -18.24 -22.36
CA ASN B 449 -2.23 -19.58 -21.88
C ASN B 449 -0.99 -20.15 -22.59
N GLY B 450 0.07 -19.34 -22.64
CA GLY B 450 1.30 -19.72 -23.33
C GLY B 450 1.47 -19.10 -24.71
N GLY B 451 0.44 -18.40 -25.18
CA GLY B 451 0.48 -17.73 -26.49
C GLY B 451 0.69 -18.73 -27.61
N PRO B 452 1.66 -18.46 -28.49
CA PRO B 452 2.01 -19.42 -29.54
C PRO B 452 2.79 -20.58 -28.94
N ASP B 453 2.56 -21.78 -29.46
CA ASP B 453 3.14 -22.99 -28.91
C ASP B 453 4.63 -23.07 -29.27
N ARG B 454 5.46 -23.44 -28.29
CA ARG B 454 6.87 -23.67 -28.56
C ARG B 454 7.08 -25.03 -29.20
N LEU B 455 7.74 -25.04 -30.35
CA LEU B 455 7.88 -26.24 -31.18
C LEU B 455 8.93 -27.21 -30.65
N GLY B 456 8.65 -28.51 -30.81
CA GLY B 456 9.59 -29.58 -30.50
C GLY B 456 10.08 -29.63 -29.07
N THR B 457 9.15 -29.80 -28.13
CA THR B 457 9.50 -29.89 -26.71
C THR B 457 8.87 -31.12 -26.06
N THR B 458 9.60 -31.72 -25.12
CA THR B 458 9.14 -32.91 -24.40
C THR B 458 8.02 -32.56 -23.41
N THR B 459 8.04 -31.32 -22.92
CA THR B 459 6.98 -30.81 -22.05
C THR B 459 6.16 -29.76 -22.79
N PRO B 460 4.92 -29.49 -22.33
CA PRO B 460 4.12 -28.43 -22.93
C PRO B 460 4.69 -27.05 -22.60
N ALA B 461 5.00 -26.28 -23.63
CA ALA B 461 5.62 -24.96 -23.46
C ALA B 461 5.15 -23.98 -24.52
N GLY B 462 5.01 -22.72 -24.11
CA GLY B 462 4.65 -21.64 -25.02
C GLY B 462 5.68 -20.52 -25.05
N TYR B 463 5.43 -19.52 -25.88
CA TYR B 463 6.34 -18.38 -26.01
C TYR B 463 6.10 -17.30 -24.94
N THR B 464 4.85 -17.15 -24.52
CA THR B 464 4.48 -16.16 -23.52
C THR B 464 4.39 -16.73 -22.10
N ASP B 465 4.69 -18.03 -21.97
CA ASP B 465 4.73 -18.69 -20.66
C ASP B 465 5.79 -18.07 -19.76
N LEU B 466 5.43 -17.89 -18.49
CA LEU B 466 6.41 -17.49 -17.47
C LEU B 466 6.91 -18.74 -16.76
N LEU B 467 7.86 -18.58 -15.83
CA LEU B 467 8.37 -19.72 -15.06
C LEU B 467 7.27 -20.43 -14.28
N VAL B 468 6.32 -19.66 -13.77
CA VAL B 468 5.18 -20.20 -13.03
C VAL B 468 4.22 -20.91 -13.98
N ASN B 469 4.07 -20.39 -15.19
CA ASN B 469 3.20 -20.97 -16.19
C ASN B 469 3.73 -22.29 -16.73
N TYR B 470 5.03 -22.33 -17.03
CA TYR B 470 5.70 -23.51 -17.55
C TYR B 470 5.61 -24.69 -16.56
N THR B 471 5.98 -24.44 -15.32
CA THR B 471 5.90 -25.45 -14.26
C THR B 471 4.47 -25.94 -14.00
N TYR B 472 3.50 -25.04 -14.20
CA TYR B 472 2.08 -25.37 -14.06
C TYR B 472 1.61 -26.31 -15.19
N ARG B 473 2.06 -26.02 -16.41
CA ARG B 473 1.76 -26.83 -17.59
C ARG B 473 2.28 -28.26 -17.42
N ILE B 474 3.48 -28.38 -16.89
CA ILE B 474 4.13 -29.67 -16.64
C ILE B 474 3.30 -30.57 -15.71
N ALA B 475 2.72 -29.96 -14.67
CA ALA B 475 1.98 -30.69 -13.65
C ALA B 475 0.50 -30.93 -13.97
N PHE B 476 -0.21 -29.86 -14.34
CA PHE B 476 -1.67 -29.89 -14.36
C PHE B 476 -2.32 -30.01 -15.74
N GLU B 477 -1.64 -29.57 -16.79
CA GLU B 477 -2.21 -29.56 -18.13
C GLU B 477 -2.44 -30.98 -18.66
N GLY B 478 -3.68 -31.27 -19.04
CA GLY B 478 -4.06 -32.60 -19.52
C GLY B 478 -3.45 -32.88 -20.89
N GLY B 479 -2.76 -34.02 -20.98
CA GLY B 479 -2.03 -34.38 -22.19
C GLY B 479 -0.64 -33.80 -22.17
N GLY B 480 0.32 -34.55 -22.69
CA GLY B 480 1.73 -34.16 -22.64
C GLY B 480 2.31 -34.29 -21.24
N GLY B 481 1.88 -35.34 -20.53
CA GLY B 481 2.40 -35.66 -19.20
C GLY B 481 1.83 -34.80 -18.10
N GLN B 482 1.55 -35.42 -16.96
CA GLN B 482 1.11 -34.71 -15.75
C GLN B 482 1.95 -35.15 -14.56
N ASP B 483 3.19 -34.69 -14.55
CA ASP B 483 4.14 -35.02 -13.48
C ASP B 483 4.20 -33.88 -12.47
N PHE B 484 3.44 -34.03 -11.38
CA PHE B 484 3.45 -33.08 -10.28
C PHE B 484 4.81 -33.03 -9.60
N GLY B 485 5.50 -34.18 -9.57
CA GLY B 485 6.83 -34.30 -8.98
C GLY B 485 7.90 -33.54 -9.73
N LEU B 486 7.93 -33.69 -11.05
CA LEU B 486 8.89 -32.98 -11.90
C LEU B 486 8.70 -31.47 -11.78
N ALA B 487 7.44 -31.05 -11.77
CA ALA B 487 7.09 -29.64 -11.62
C ALA B 487 7.51 -29.10 -10.26
N ALA B 488 7.38 -29.93 -9.23
CA ALA B 488 7.79 -29.56 -7.88
C ALA B 488 9.30 -29.42 -7.77
N ALA B 489 10.03 -30.24 -8.55
CA ALA B 489 11.50 -30.19 -8.60
C ALA B 489 11.99 -28.89 -9.24
N ILE B 490 11.30 -28.46 -10.30
CA ILE B 490 11.62 -27.21 -10.97
C ILE B 490 11.16 -26.00 -10.15
N ALA B 491 10.06 -26.16 -9.43
CA ALA B 491 9.57 -25.11 -8.52
C ALA B 491 10.56 -24.84 -7.39
N THR B 492 11.17 -25.91 -6.88
CA THR B 492 12.20 -25.81 -5.85
C THR B 492 13.47 -25.20 -6.44
N LEU B 493 13.84 -25.66 -7.64
CA LEU B 493 15.06 -25.22 -8.31
C LEU B 493 15.03 -23.74 -8.66
N ILE B 494 13.85 -23.22 -9.00
CA ILE B 494 13.68 -21.78 -9.19
C ILE B 494 13.90 -21.05 -7.87
N PHE B 495 13.08 -21.40 -6.87
CA PHE B 495 13.08 -20.71 -5.58
C PHE B 495 14.43 -20.68 -4.87
N LEU B 496 15.14 -21.82 -4.88
CA LEU B 496 16.44 -21.90 -4.24
C LEU B 496 17.48 -21.03 -4.96
N LEU B 497 17.31 -20.86 -6.27
CA LEU B 497 18.17 -19.99 -7.06
C LEU B 497 17.80 -18.52 -6.92
N VAL B 498 16.54 -18.25 -6.57
CA VAL B 498 16.12 -16.91 -6.17
C VAL B 498 16.66 -16.60 -4.77
N GLY B 499 17.06 -17.65 -4.05
CA GLY B 499 17.76 -17.52 -2.78
C GLY B 499 19.11 -16.84 -2.88
N ALA B 500 19.56 -16.60 -4.12
CA ALA B 500 20.77 -15.82 -4.37
C ALA B 500 20.51 -14.32 -4.22
N LEU B 501 19.24 -13.92 -4.37
CA LEU B 501 18.81 -12.54 -4.13
C LEU B 501 19.03 -12.12 -2.67
N ALA B 502 19.15 -13.11 -1.79
CA ALA B 502 19.49 -12.88 -0.39
C ALA B 502 20.97 -12.56 -0.24
N ILE B 503 21.82 -13.46 -0.72
CA ILE B 503 23.27 -13.31 -0.63
C ILE B 503 23.88 -12.89 -1.96
N ALA C 2 -1.77 32.55 -6.44
CA ALA C 2 -0.89 31.38 -6.18
C ALA C 2 0.14 31.21 -7.30
N MET C 3 1.16 32.06 -7.26
CA MET C 3 2.27 32.07 -8.23
C MET C 3 1.87 32.51 -9.63
N VAL C 4 2.55 33.53 -10.13
CA VAL C 4 2.34 34.04 -11.48
C VAL C 4 2.93 33.07 -12.49
N GLN C 5 2.20 32.84 -13.57
CA GLN C 5 2.56 31.82 -14.55
C GLN C 5 3.07 32.40 -15.88
N PRO C 6 4.04 31.71 -16.52
CA PRO C 6 4.70 32.23 -17.72
C PRO C 6 4.06 31.76 -19.02
N LYS C 7 4.69 32.13 -20.14
CA LYS C 7 4.28 31.76 -21.52
C LYS C 7 2.79 31.39 -21.70
N SER C 8 1.92 32.38 -21.44
CA SER C 8 0.47 32.25 -21.59
C SER C 8 -0.19 31.12 -20.78
N GLN C 9 0.63 30.23 -20.21
CA GLN C 9 0.18 29.08 -19.41
C GLN C 9 -0.64 28.05 -20.19
N LYS C 10 -1.72 28.51 -20.82
CA LYS C 10 -2.68 27.66 -21.51
C LYS C 10 -2.10 26.79 -22.63
N ALA C 11 -0.96 27.21 -23.18
CA ALA C 11 -0.26 26.44 -24.21
C ALA C 11 -0.03 24.99 -23.77
N ARG C 12 0.32 24.83 -22.50
CA ARG C 12 0.54 23.50 -21.93
C ARG C 12 -0.70 22.95 -21.24
N LEU C 13 -1.52 23.84 -20.68
CA LEU C 13 -2.73 23.44 -19.96
C LEU C 13 -3.81 22.88 -20.89
N PHE C 14 -4.05 23.56 -22.00
CA PHE C 14 -5.03 23.11 -23.00
C PHE C 14 -4.61 21.79 -23.65
N ILE C 15 -3.34 21.69 -24.02
CA ILE C 15 -2.81 20.49 -24.67
C ILE C 15 -2.75 19.28 -23.71
N THR C 16 -2.71 19.57 -22.41
CA THR C 16 -2.79 18.53 -21.38
C THR C 16 -4.22 18.01 -21.25
N HIS C 17 -5.19 18.91 -21.31
CA HIS C 17 -6.61 18.56 -21.25
C HIS C 17 -7.00 17.59 -22.35
N LEU C 18 -6.47 17.81 -23.56
CA LEU C 18 -6.74 16.92 -24.69
C LEU C 18 -6.03 15.58 -24.56
N LEU C 19 -4.80 15.59 -24.06
CA LEU C 19 -4.01 14.37 -23.90
C LEU C 19 -4.58 13.40 -22.86
N LEU C 20 -5.09 13.94 -21.75
CA LEU C 20 -5.79 13.15 -20.75
C LEU C 20 -7.16 12.72 -21.25
N LEU C 21 -7.84 13.64 -21.96
CA LEU C 21 -9.16 13.41 -22.52
C LEU C 21 -9.13 12.27 -23.54
N LEU C 22 -8.05 12.22 -24.33
CA LEU C 22 -7.82 11.11 -25.25
C LEU C 22 -7.38 9.85 -24.51
N PHE C 23 -6.62 10.03 -23.43
CA PHE C 23 -6.12 8.90 -22.62
C PHE C 23 -7.26 8.18 -21.89
N ILE C 24 -8.18 8.94 -21.29
CA ILE C 24 -9.33 8.34 -20.60
C ILE C 24 -10.22 7.61 -21.60
N ALA C 25 -10.29 8.11 -22.82
CA ALA C 25 -11.05 7.48 -23.89
C ALA C 25 -10.42 6.14 -24.27
N ALA C 26 -9.08 6.12 -24.35
CA ALA C 26 -8.34 4.91 -24.70
C ALA C 26 -8.50 3.82 -23.63
N ILE C 27 -8.55 4.22 -22.37
CA ILE C 27 -8.65 3.26 -21.27
C ILE C 27 -10.09 2.89 -20.89
N MET C 28 -11.03 3.80 -21.16
CA MET C 28 -12.44 3.54 -20.89
C MET C 28 -13.08 2.68 -21.96
N PHE C 29 -12.50 2.70 -23.16
CA PHE C 29 -13.02 1.95 -24.31
C PHE C 29 -13.37 0.50 -23.97
N PRO C 30 -12.40 -0.29 -23.45
CA PRO C 30 -12.71 -1.68 -23.11
C PRO C 30 -13.93 -1.81 -22.20
N LEU C 31 -14.01 -0.96 -21.19
CA LEU C 31 -15.12 -1.00 -20.22
C LEU C 31 -16.44 -0.58 -20.86
N LEU C 32 -16.37 0.35 -21.82
CA LEU C 32 -17.56 0.77 -22.55
C LEU C 32 -18.04 -0.32 -23.51
N MET C 33 -17.11 -1.14 -24.00
CA MET C 33 -17.46 -2.30 -24.81
C MET C 33 -18.35 -3.26 -24.02
N VAL C 34 -17.90 -3.60 -22.81
CA VAL C 34 -18.64 -4.51 -21.93
C VAL C 34 -20.07 -3.99 -21.72
N VAL C 35 -20.20 -2.72 -21.34
CA VAL C 35 -21.50 -2.09 -21.12
C VAL C 35 -22.36 -2.23 -22.39
N ALA C 36 -21.73 -2.06 -23.55
CA ALA C 36 -22.44 -2.19 -24.83
C ALA C 36 -22.85 -3.63 -25.13
N ILE C 37 -21.94 -4.58 -24.87
CA ILE C 37 -22.23 -6.00 -25.07
C ILE C 37 -23.32 -6.49 -24.13
N SER C 38 -23.34 -5.94 -22.91
CA SER C 38 -24.33 -6.28 -21.90
C SER C 38 -25.75 -5.83 -22.26
N LEU C 39 -25.87 -4.99 -23.29
CA LEU C 39 -27.17 -4.48 -23.74
C LEU C 39 -27.54 -4.98 -25.14
N ARG C 40 -26.57 -5.61 -25.82
CA ARG C 40 -26.75 -6.18 -27.15
C ARG C 40 -27.52 -7.50 -27.07
N GLN C 41 -28.48 -7.70 -27.97
CA GLN C 41 -29.26 -8.94 -27.99
C GLN C 41 -28.45 -10.13 -28.52
N GLY C 42 -28.72 -11.30 -27.95
CA GLY C 42 -28.01 -12.53 -28.31
C GLY C 42 -26.72 -12.70 -27.52
N ASN C 43 -26.21 -13.93 -27.50
CA ASN C 43 -25.00 -14.25 -26.76
C ASN C 43 -23.76 -14.44 -27.62
N PHE C 44 -23.84 -14.04 -28.88
CA PHE C 44 -22.75 -14.23 -29.84
C PHE C 44 -21.48 -13.48 -29.45
N ALA C 45 -20.34 -14.04 -29.84
CA ALA C 45 -19.03 -13.43 -29.57
C ALA C 45 -18.80 -12.18 -30.41
N THR C 46 -19.33 -12.20 -31.64
CA THR C 46 -19.25 -11.06 -32.54
C THR C 46 -20.58 -10.33 -32.62
N GLY C 47 -20.51 -9.01 -32.78
CA GLY C 47 -21.70 -8.18 -32.95
C GLY C 47 -21.35 -6.75 -33.32
N SER C 48 -22.38 -5.93 -33.48
CA SER C 48 -22.20 -4.51 -33.81
C SER C 48 -21.66 -3.72 -32.63
N LEU C 49 -20.71 -2.82 -32.91
CA LEU C 49 -20.03 -2.00 -31.91
C LEU C 49 -21.01 -1.29 -30.96
N ILE C 50 -22.00 -0.61 -31.54
CA ILE C 50 -23.09 0.00 -30.78
C ILE C 50 -24.38 -0.74 -31.14
N PRO C 51 -25.07 -1.28 -30.12
CA PRO C 51 -26.29 -2.07 -30.31
C PRO C 51 -27.38 -1.31 -31.07
N GLU C 52 -27.99 -1.99 -32.04
CA GLU C 52 -29.11 -1.44 -32.81
C GLU C 52 -30.34 -1.23 -31.93
N GLN C 53 -30.61 -2.19 -31.06
CA GLN C 53 -31.70 -2.12 -30.08
C GLN C 53 -31.30 -2.78 -28.77
N ILE C 54 -31.73 -2.18 -27.66
CA ILE C 54 -31.47 -2.67 -26.31
C ILE C 54 -32.05 -4.07 -26.10
N SER C 55 -31.55 -4.80 -25.09
CA SER C 55 -32.02 -6.16 -24.84
C SER C 55 -32.53 -6.42 -23.42
N TRP C 56 -31.76 -5.96 -22.43
CA TRP C 56 -32.04 -6.20 -21.00
C TRP C 56 -31.88 -7.66 -20.55
N ASP C 57 -32.14 -8.59 -21.47
CA ASP C 57 -32.12 -10.03 -21.18
C ASP C 57 -30.92 -10.49 -20.35
N HIS C 58 -29.73 -10.03 -20.71
CA HIS C 58 -28.50 -10.43 -20.03
C HIS C 58 -28.42 -9.89 -18.61
N TRP C 59 -29.00 -8.71 -18.39
CA TRP C 59 -29.08 -8.12 -17.05
C TRP C 59 -30.17 -8.76 -16.20
N LYS C 60 -31.18 -9.31 -16.86
CA LYS C 60 -32.27 -9.97 -16.15
C LYS C 60 -31.83 -11.27 -15.48
N LEU C 61 -31.07 -12.11 -16.20
CA LEU C 61 -30.57 -13.37 -15.64
C LEU C 61 -29.37 -13.21 -14.71
N ALA C 62 -28.73 -12.04 -14.76
CA ALA C 62 -27.65 -11.72 -13.82
C ALA C 62 -28.25 -11.42 -12.45
N LEU C 63 -29.43 -10.81 -12.45
CA LEU C 63 -30.12 -10.43 -11.22
C LEU C 63 -30.99 -11.57 -10.68
N GLY C 64 -31.14 -12.63 -11.46
CA GLY C 64 -31.83 -13.84 -11.00
C GLY C 64 -33.15 -14.15 -11.69
N PHE C 65 -33.62 -13.24 -12.53
CA PHE C 65 -34.89 -13.41 -13.24
C PHE C 65 -34.72 -14.35 -14.43
N SER C 66 -35.75 -15.13 -14.73
CA SER C 66 -35.81 -15.89 -15.97
C SER C 66 -36.43 -15.01 -17.05
N VAL C 67 -36.13 -15.30 -18.31
CA VAL C 67 -36.73 -14.57 -19.43
C VAL C 67 -37.42 -15.50 -20.43
N GLU C 68 -38.42 -14.97 -21.12
CA GLU C 68 -39.15 -15.74 -22.13
C GLU C 68 -38.83 -15.26 -23.54
N GLN C 69 -37.89 -15.96 -24.19
CA GLN C 69 -37.64 -15.77 -25.62
C GLN C 69 -38.79 -16.44 -26.38
N ALA C 70 -39.32 -15.72 -27.39
CA ALA C 70 -40.51 -16.15 -28.14
C ALA C 70 -40.44 -17.61 -28.62
N ASP C 71 -39.22 -18.11 -28.80
CA ASP C 71 -38.98 -19.46 -29.32
C ASP C 71 -39.26 -20.58 -28.30
N GLY C 72 -38.25 -20.94 -27.51
CA GLY C 72 -38.33 -22.10 -26.63
C GLY C 72 -38.56 -21.81 -25.14
N ARG C 73 -39.68 -21.15 -24.85
CA ARG C 73 -40.15 -20.90 -23.48
C ARG C 73 -39.17 -20.12 -22.57
N ILE C 74 -39.30 -20.34 -21.26
CA ILE C 74 -38.55 -19.59 -20.25
C ILE C 74 -37.16 -20.19 -19.93
N THR C 75 -36.13 -19.44 -20.28
CA THR C 75 -34.74 -19.81 -19.95
C THR C 75 -34.34 -19.24 -18.57
N PRO C 76 -33.81 -20.12 -17.68
CA PRO C 76 -33.47 -19.72 -16.32
C PRO C 76 -32.06 -19.12 -16.21
N PRO C 77 -31.80 -18.35 -15.14
CA PRO C 77 -30.46 -17.81 -14.93
C PRO C 77 -29.43 -18.93 -14.79
N PRO C 78 -28.43 -18.96 -15.70
CA PRO C 78 -27.48 -20.07 -15.78
C PRO C 78 -26.56 -20.18 -14.56
N PHE C 79 -26.33 -19.05 -13.89
CA PHE C 79 -25.40 -18.98 -12.76
C PHE C 79 -25.89 -18.02 -11.68
N PRO C 80 -25.66 -18.37 -10.39
CA PRO C 80 -25.98 -17.46 -9.29
C PRO C 80 -24.91 -16.38 -9.13
N VAL C 81 -25.01 -15.34 -9.96
CA VAL C 81 -24.02 -14.26 -9.98
C VAL C 81 -24.08 -13.39 -8.72
N LEU C 82 -25.28 -13.08 -8.26
CA LEU C 82 -25.45 -12.30 -7.03
C LEU C 82 -24.89 -13.00 -5.80
N LEU C 83 -25.09 -14.32 -5.72
CA LEU C 83 -24.51 -15.13 -4.66
C LEU C 83 -22.99 -15.10 -4.78
N TRP C 84 -22.47 -15.36 -5.98
CA TRP C 84 -21.04 -15.26 -6.26
C TRP C 84 -20.47 -13.90 -5.83
N LEU C 85 -21.26 -12.84 -6.04
CA LEU C 85 -20.88 -11.47 -5.71
C LEU C 85 -20.73 -11.31 -4.19
N TRP C 86 -21.76 -11.71 -3.45
CA TRP C 86 -21.75 -11.66 -1.98
C TRP C 86 -20.65 -12.55 -1.41
N ASN C 87 -20.42 -13.69 -2.07
CA ASN C 87 -19.35 -14.60 -1.67
C ASN C 87 -17.98 -13.94 -1.78
N SER C 88 -17.73 -13.26 -2.89
CA SER C 88 -16.47 -12.54 -3.11
C SER C 88 -16.24 -11.46 -2.07
N VAL C 89 -17.30 -10.73 -1.73
CA VAL C 89 -17.25 -9.65 -0.75
C VAL C 89 -16.91 -10.22 0.64
N LYS C 90 -17.60 -11.29 1.02
CA LYS C 90 -17.33 -11.97 2.29
C LYS C 90 -15.86 -12.37 2.39
N VAL C 91 -15.41 -13.20 1.45
CA VAL C 91 -14.05 -13.75 1.46
C VAL C 91 -12.96 -12.67 1.46
N ALA C 92 -13.14 -11.63 0.64
CA ALA C 92 -12.17 -10.52 0.56
C ALA C 92 -12.27 -9.55 1.74
N GLY C 93 -13.49 -9.29 2.21
CA GLY C 93 -13.73 -8.39 3.34
C GLY C 93 -13.10 -8.90 4.63
N ILE C 94 -13.52 -10.11 5.04
CA ILE C 94 -12.97 -10.78 6.21
C ILE C 94 -11.46 -10.97 6.03
N SER C 95 -11.07 -11.38 4.83
CA SER C 95 -9.67 -11.58 4.47
C SER C 95 -8.84 -10.34 4.72
N ALA C 96 -9.35 -9.19 4.29
CA ALA C 96 -8.62 -7.93 4.36
C ALA C 96 -8.52 -7.37 5.78
N ILE C 97 -9.60 -7.48 6.56
CA ILE C 97 -9.55 -7.11 7.98
C ILE C 97 -8.51 -7.97 8.69
N GLY C 98 -8.55 -9.28 8.43
CA GLY C 98 -7.58 -10.22 8.99
C GLY C 98 -6.14 -9.86 8.66
N ILE C 99 -5.89 -9.54 7.40
CA ILE C 99 -4.56 -9.14 6.94
C ILE C 99 -4.09 -7.83 7.60
N VAL C 100 -4.97 -6.83 7.66
CA VAL C 100 -4.66 -5.57 8.34
C VAL C 100 -4.28 -5.79 9.81
N ALA C 101 -5.14 -6.48 10.55
CA ALA C 101 -4.91 -6.75 11.97
C ALA C 101 -3.58 -7.44 12.24
N LEU C 102 -3.28 -8.48 11.44
CA LEU C 102 -2.05 -9.26 11.60
C LEU C 102 -0.81 -8.46 11.20
N SER C 103 -0.88 -7.76 10.07
CA SER C 103 0.26 -7.02 9.54
C SER C 103 0.53 -5.70 10.26
N THR C 104 -0.52 -5.07 10.78
CA THR C 104 -0.37 -3.80 11.50
C THR C 104 0.27 -4.00 12.87
N THR C 105 -0.18 -5.02 13.60
CA THR C 105 0.37 -5.33 14.91
C THR C 105 1.84 -5.76 14.82
N CYS C 106 2.14 -6.62 13.85
CA CYS C 106 3.50 -7.12 13.65
C CYS C 106 4.50 -6.03 13.30
N ALA C 107 4.06 -5.09 12.46
CA ALA C 107 4.91 -3.98 12.03
C ALA C 107 5.19 -3.01 13.17
N TYR C 108 4.25 -2.90 14.11
CA TYR C 108 4.40 -2.07 15.28
C TYR C 108 5.55 -2.55 16.16
N ALA C 109 5.70 -3.86 16.25
CA ALA C 109 6.81 -4.46 16.99
C ALA C 109 8.13 -4.30 16.24
N PHE C 110 8.09 -4.41 14.92
CA PHE C 110 9.27 -4.27 14.07
C PHE C 110 9.82 -2.84 14.06
N ALA C 111 8.93 -1.85 14.14
CA ALA C 111 9.31 -0.45 14.07
C ALA C 111 9.74 0.13 15.43
N ARG C 112 9.10 -0.34 16.50
CA ARG C 112 9.32 0.23 17.84
C ARG C 112 10.12 -0.70 18.75
N MET C 113 9.58 -1.88 19.02
CA MET C 113 10.18 -2.82 19.97
C MET C 113 11.51 -3.40 19.47
N ARG C 114 12.44 -3.56 20.40
CA ARG C 114 13.75 -4.14 20.10
C ARG C 114 13.79 -5.62 20.46
N PHE C 115 14.02 -6.45 19.44
CA PHE C 115 14.25 -7.89 19.63
C PHE C 115 15.24 -8.41 18.59
N PRO C 116 16.19 -9.28 19.00
CA PRO C 116 17.30 -9.72 18.14
C PRO C 116 16.86 -10.38 16.85
N GLY C 117 17.49 -9.99 15.74
CA GLY C 117 17.23 -10.56 14.42
C GLY C 117 15.95 -10.07 13.76
N LYS C 118 15.59 -8.80 14.02
CA LYS C 118 14.39 -8.22 13.43
C LYS C 118 14.57 -7.90 11.95
N ALA C 119 15.83 -7.79 11.53
CA ALA C 119 16.16 -7.48 10.13
C ALA C 119 16.09 -8.71 9.25
N THR C 120 16.66 -9.81 9.73
CA THR C 120 16.68 -11.07 8.98
C THR C 120 15.31 -11.73 8.85
N LEU C 121 14.48 -11.59 9.88
CA LEU C 121 13.12 -12.14 9.86
C LEU C 121 12.25 -11.44 8.83
N LEU C 122 12.40 -10.13 8.70
CA LEU C 122 11.65 -9.36 7.72
C LEU C 122 12.19 -9.65 6.32
N LYS C 123 13.50 -9.78 6.20
CA LYS C 123 14.14 -10.17 4.94
C LYS C 123 13.63 -11.55 4.52
N GLY C 124 13.67 -12.50 5.44
CA GLY C 124 13.20 -13.86 5.21
C GLY C 124 11.71 -13.92 4.87
N MET C 125 10.91 -13.10 5.53
CA MET C 125 9.46 -13.03 5.27
C MET C 125 9.15 -12.66 3.83
N LEU C 126 9.89 -11.71 3.29
CA LEU C 126 9.69 -11.23 1.92
C LEU C 126 10.11 -12.27 0.89
N ILE C 127 11.30 -12.86 1.08
CA ILE C 127 11.85 -13.87 0.18
C ILE C 127 10.95 -15.11 0.10
N PHE C 128 10.47 -15.59 1.25
CA PHE C 128 9.55 -16.73 1.31
C PHE C 128 8.22 -16.44 0.61
N GLN C 129 7.76 -15.19 0.73
CA GLN C 129 6.50 -14.78 0.11
C GLN C 129 6.60 -14.64 -1.41
N MET C 130 7.82 -14.50 -1.92
CA MET C 130 8.07 -14.40 -3.35
C MET C 130 7.69 -15.67 -4.10
N PHE C 131 7.79 -16.82 -3.44
CA PHE C 131 7.37 -18.09 -4.02
C PHE C 131 5.86 -18.09 -4.26
N PRO C 132 5.45 -18.35 -5.52
CA PRO C 132 4.04 -18.27 -5.90
C PRO C 132 3.19 -19.41 -5.33
N ALA C 133 1.99 -19.06 -4.86
CA ALA C 133 1.06 -20.03 -4.28
C ALA C 133 0.57 -21.06 -5.30
N VAL C 134 0.72 -20.71 -6.58
CA VAL C 134 0.28 -21.55 -7.69
C VAL C 134 1.05 -22.87 -7.77
N LEU C 135 2.32 -22.84 -7.35
CA LEU C 135 3.16 -24.02 -7.38
C LEU C 135 3.13 -24.76 -6.04
N SER C 136 2.05 -24.54 -5.30
CA SER C 136 1.85 -25.14 -3.97
C SER C 136 0.48 -25.78 -3.86
N LEU C 137 -0.31 -25.70 -4.93
CA LEU C 137 -1.70 -26.17 -4.96
C LEU C 137 -1.82 -27.64 -4.57
N VAL C 138 -0.83 -28.43 -4.96
CA VAL C 138 -0.76 -29.84 -4.60
C VAL C 138 -0.74 -29.98 -3.08
N ALA C 139 0.13 -29.20 -2.44
CA ALA C 139 0.31 -29.23 -0.99
C ALA C 139 -0.83 -28.53 -0.25
N LEU C 140 -1.38 -27.48 -0.86
CA LEU C 140 -2.47 -26.70 -0.28
C LEU C 140 -3.75 -27.52 -0.14
N TYR C 141 -4.05 -28.31 -1.17
CA TYR C 141 -5.22 -29.20 -1.16
C TYR C 141 -5.07 -30.23 -0.03
N ALA C 142 -3.87 -30.78 0.11
CA ALA C 142 -3.56 -31.75 1.16
C ALA C 142 -3.59 -31.10 2.54
N LEU C 143 -3.21 -29.83 2.62
CA LEU C 143 -3.22 -29.09 3.88
C LEU C 143 -4.65 -28.92 4.41
N PHE C 144 -5.54 -28.39 3.58
CA PHE C 144 -6.94 -28.19 3.96
C PHE C 144 -7.73 -29.50 3.97
N ASP C 145 -7.12 -30.58 3.48
CA ASP C 145 -7.72 -31.90 3.55
C ASP C 145 -7.54 -32.50 4.94
N ARG C 146 -6.34 -32.39 5.50
CA ARG C 146 -6.07 -32.83 6.87
C ARG C 146 -6.62 -31.85 7.90
N LEU C 147 -6.62 -30.57 7.54
CA LEU C 147 -7.10 -29.52 8.44
C LEU C 147 -8.63 -29.52 8.51
N GLY C 148 -9.26 -29.96 7.43
CA GLY C 148 -10.72 -29.93 7.29
C GLY C 148 -11.48 -30.87 8.22
N GLU C 149 -10.92 -32.07 8.42
CA GLU C 149 -11.57 -33.09 9.25
C GLU C 149 -11.49 -32.80 10.75
N TYR C 150 -10.72 -31.77 11.12
CA TYR C 150 -10.58 -31.38 12.52
C TYR C 150 -11.33 -30.08 12.84
N ILE C 151 -11.06 -29.03 12.07
CA ILE C 151 -11.81 -27.78 12.19
C ILE C 151 -12.60 -27.55 10.89
N PRO C 152 -13.84 -28.07 10.83
CA PRO C 152 -14.65 -28.14 9.59
C PRO C 152 -14.94 -26.81 8.91
N PHE C 153 -15.08 -25.72 9.66
CA PHE C 153 -15.47 -24.44 9.05
C PHE C 153 -14.34 -23.70 8.32
N ILE C 154 -13.12 -24.23 8.41
CA ILE C 154 -11.96 -23.67 7.69
C ILE C 154 -11.18 -24.72 6.88
N GLY C 155 -11.88 -25.72 6.36
CA GLY C 155 -11.26 -26.77 5.55
C GLY C 155 -11.49 -26.60 4.07
N LEU C 156 -11.52 -27.73 3.34
CA LEU C 156 -11.85 -27.73 1.92
C LEU C 156 -13.31 -27.34 1.72
N ASN C 157 -13.58 -26.67 0.60
CA ASN C 157 -14.94 -26.28 0.23
C ASN C 157 -15.62 -25.32 1.23
N THR C 158 -14.80 -24.51 1.92
CA THR C 158 -15.29 -23.50 2.84
C THR C 158 -14.67 -22.15 2.54
N HIS C 159 -15.39 -21.08 2.88
CA HIS C 159 -14.89 -19.71 2.72
C HIS C 159 -13.83 -19.36 3.76
N GLY C 160 -14.01 -19.90 4.96
CA GLY C 160 -13.04 -19.74 6.04
C GLY C 160 -11.68 -20.28 5.64
N GLY C 161 -11.68 -21.42 4.96
CA GLY C 161 -10.46 -22.03 4.43
C GLY C 161 -9.75 -21.13 3.43
N VAL C 162 -10.53 -20.54 2.53
CA VAL C 162 -9.99 -19.63 1.52
C VAL C 162 -9.49 -18.32 2.15
N ILE C 163 -10.16 -17.89 3.20
CA ILE C 163 -9.74 -16.69 3.94
C ILE C 163 -8.44 -16.95 4.67
N PHE C 164 -8.38 -18.05 5.41
CA PHE C 164 -7.18 -18.43 6.14
C PHE C 164 -5.99 -18.73 5.23
N ALA C 165 -6.28 -19.08 3.98
CA ALA C 165 -5.24 -19.30 2.97
C ALA C 165 -4.54 -17.99 2.62
N TYR C 166 -5.31 -16.92 2.50
CA TYR C 166 -4.75 -15.61 2.14
C TYR C 166 -4.00 -14.95 3.30
N LEU C 167 -4.39 -15.31 4.52
CA LEU C 167 -3.85 -14.70 5.74
C LEU C 167 -2.33 -14.81 5.90
N GLY C 168 -1.69 -15.58 5.02
CA GLY C 168 -0.24 -15.71 5.01
C GLY C 168 0.47 -14.52 4.43
N GLY C 169 -0.04 -14.02 3.30
CA GLY C 169 0.60 -12.92 2.57
C GLY C 169 0.52 -11.56 3.25
N ILE C 170 1.37 -11.35 4.25
CA ILE C 170 1.40 -10.10 5.02
C ILE C 170 2.78 -9.42 5.04
N ALA C 171 3.80 -10.14 4.60
CA ALA C 171 5.18 -9.64 4.63
C ALA C 171 5.34 -8.27 3.95
N LEU C 172 4.70 -8.12 2.79
CA LEU C 172 4.75 -6.89 2.01
C LEU C 172 4.16 -5.75 2.83
N HIS C 173 2.95 -5.98 3.36
CA HIS C 173 2.22 -5.01 4.16
C HIS C 173 2.98 -4.62 5.42
N VAL C 174 3.49 -5.63 6.15
CA VAL C 174 4.30 -5.42 7.35
C VAL C 174 5.39 -4.38 7.11
N TRP C 175 6.12 -4.53 6.01
CA TRP C 175 7.16 -3.58 5.63
C TRP C 175 6.60 -2.17 5.45
N THR C 176 5.52 -2.06 4.68
CA THR C 176 4.90 -0.77 4.37
C THR C 176 4.41 -0.06 5.64
N ILE C 177 3.73 -0.80 6.50
CA ILE C 177 3.17 -0.27 7.73
C ILE C 177 4.28 0.16 8.68
N LYS C 178 5.32 -0.66 8.80
CA LYS C 178 6.53 -0.33 9.56
C LYS C 178 7.13 0.98 9.06
N GLY C 179 7.31 1.06 7.73
CA GLY C 179 7.80 2.27 7.07
C GLY C 179 6.99 3.51 7.39
N TYR C 180 5.67 3.35 7.48
CA TYR C 180 4.79 4.46 7.85
C TYR C 180 4.94 4.86 9.31
N PHE C 181 5.11 3.87 10.18
CA PHE C 181 5.29 4.11 11.61
C PHE C 181 6.56 4.91 11.89
N GLU C 182 7.62 4.59 11.16
CA GLU C 182 8.91 5.26 11.33
C GLU C 182 8.91 6.68 10.77
N THR C 183 7.73 7.15 10.35
CA THR C 183 7.55 8.53 9.89
C THR C 183 6.90 9.38 10.97
N ILE C 184 6.11 8.75 11.83
CA ILE C 184 5.42 9.45 12.92
C ILE C 184 6.41 9.89 13.99
N ASP C 185 6.23 11.12 14.49
CA ASP C 185 7.08 11.72 15.50
C ASP C 185 7.19 10.85 16.75
N SER C 186 8.43 10.56 17.15
CA SER C 186 8.73 9.70 18.31
C SER C 186 8.15 10.24 19.62
N SER C 187 8.12 11.56 19.74
CA SER C 187 7.70 12.24 20.96
C SER C 187 6.32 11.84 21.45
N LEU C 188 5.41 11.59 20.52
CA LEU C 188 4.01 11.28 20.85
C LEU C 188 3.87 10.02 21.70
N GLU C 189 4.62 8.97 21.33
CA GLU C 189 4.60 7.72 22.07
C GLU C 189 5.39 7.85 23.38
N GLU C 190 6.42 8.68 23.36
CA GLU C 190 7.23 8.95 24.55
C GLU C 190 6.44 9.75 25.57
N ALA C 191 5.67 10.73 25.08
CA ALA C 191 4.79 11.54 25.93
C ALA C 191 3.67 10.70 26.51
N ALA C 192 3.26 9.68 25.76
CA ALA C 192 2.27 8.72 26.21
C ALA C 192 2.84 7.82 27.31
N ALA C 193 4.08 7.38 27.11
CA ALA C 193 4.78 6.54 28.09
C ALA C 193 4.90 7.24 29.46
N LEU C 194 5.28 8.52 29.43
CA LEU C 194 5.39 9.34 30.65
C LEU C 194 4.05 9.57 31.32
N ASP C 195 2.98 9.58 30.52
CA ASP C 195 1.62 9.70 31.03
C ASP C 195 1.13 8.39 31.65
N GLY C 196 1.87 7.29 31.40
CA GLY C 196 1.58 6.00 32.01
C GLY C 196 1.17 4.90 31.05
N ALA C 197 0.93 5.27 29.80
CA ALA C 197 0.41 4.35 28.79
C ALA C 197 1.34 3.16 28.50
N THR C 198 0.78 1.96 28.60
CA THR C 198 1.48 0.73 28.25
C THR C 198 1.67 0.65 26.74
N PRO C 199 2.66 -0.14 26.27
CA PRO C 199 2.90 -0.23 24.82
C PRO C 199 1.64 -0.47 23.98
N TRP C 200 0.68 -1.22 24.52
CA TRP C 200 -0.60 -1.44 23.84
C TRP C 200 -1.48 -0.20 23.86
N GLN C 201 -1.56 0.46 25.01
CA GLN C 201 -2.33 1.70 25.15
C GLN C 201 -1.86 2.77 24.15
N ALA C 202 -0.55 2.86 23.97
CA ALA C 202 0.05 3.77 23.01
C ALA C 202 -0.27 3.38 21.57
N PHE C 203 -0.34 2.06 21.32
CA PHE C 203 -0.69 1.53 20.02
C PHE C 203 -2.12 1.92 19.62
N ARG C 204 -3.07 1.73 20.54
CA ARG C 204 -4.49 1.91 20.24
C ARG C 204 -4.95 3.37 20.29
N LEU C 205 -4.49 4.11 21.30
CA LEU C 205 -4.99 5.47 21.55
C LEU C 205 -4.16 6.59 20.92
N VAL C 206 -2.92 6.26 20.53
CA VAL C 206 -2.03 7.25 19.95
C VAL C 206 -1.66 6.91 18.51
N LEU C 207 -1.10 5.72 18.29
CA LEU C 207 -0.53 5.38 16.99
C LEU C 207 -1.55 4.98 15.94
N LEU C 208 -2.52 4.14 16.32
CA LEU C 208 -3.55 3.69 15.39
C LEU C 208 -4.38 4.83 14.77
N PRO C 209 -4.95 5.72 15.62
CA PRO C 209 -5.83 6.76 15.08
C PRO C 209 -5.12 7.70 14.11
N LEU C 210 -3.79 7.76 14.20
CA LEU C 210 -2.97 8.57 13.29
C LEU C 210 -2.53 7.78 12.05
N SER C 211 -2.81 6.49 12.04
CA SER C 211 -2.42 5.62 10.93
C SER C 211 -3.61 5.21 10.04
N VAL C 212 -4.78 5.79 10.29
CA VAL C 212 -6.00 5.45 9.55
C VAL C 212 -5.77 5.37 8.03
N PRO C 213 -5.18 6.42 7.40
CA PRO C 213 -5.00 6.41 5.95
C PRO C 213 -4.14 5.27 5.38
N ILE C 214 -3.08 4.88 6.09
CA ILE C 214 -2.24 3.78 5.60
C ILE C 214 -2.96 2.44 5.74
N LEU C 215 -3.64 2.25 6.86
CA LEU C 215 -4.41 1.04 7.10
C LEU C 215 -5.59 0.95 6.13
N ALA C 216 -6.09 2.11 5.72
CA ALA C 216 -7.12 2.21 4.70
C ALA C 216 -6.61 1.67 3.37
N VAL C 217 -5.42 2.12 2.98
CA VAL C 217 -4.76 1.68 1.75
C VAL C 217 -4.46 0.17 1.79
N VAL C 218 -3.92 -0.30 2.91
CA VAL C 218 -3.63 -1.72 3.11
C VAL C 218 -4.90 -2.57 2.97
N PHE C 219 -6.02 -2.06 3.51
CA PHE C 219 -7.30 -2.74 3.38
C PHE C 219 -7.77 -2.79 1.92
N ILE C 220 -7.74 -1.64 1.26
CA ILE C 220 -8.17 -1.53 -0.14
C ILE C 220 -7.33 -2.46 -1.03
N LEU C 221 -6.01 -2.41 -0.85
CA LEU C 221 -5.10 -3.28 -1.62
C LEU C 221 -5.37 -4.76 -1.37
N SER C 222 -5.52 -5.14 -0.10
CA SER C 222 -5.84 -6.52 0.25
C SER C 222 -7.21 -6.94 -0.28
N PHE C 223 -8.19 -6.04 -0.21
CA PHE C 223 -9.53 -6.33 -0.69
C PHE C 223 -9.55 -6.58 -2.18
N ILE C 224 -8.80 -5.78 -2.93
CA ILE C 224 -8.65 -5.95 -4.37
C ILE C 224 -7.96 -7.28 -4.66
N ALA C 225 -6.88 -7.54 -3.92
CA ALA C 225 -6.07 -8.75 -4.09
C ALA C 225 -6.90 -10.02 -3.97
N ALA C 226 -7.82 -10.04 -3.01
CA ALA C 226 -8.64 -11.23 -2.76
C ALA C 226 -9.85 -11.34 -3.70
N ILE C 227 -10.34 -10.22 -4.21
CA ILE C 227 -11.44 -10.20 -5.17
C ILE C 227 -11.04 -10.88 -6.48
N THR C 228 -9.77 -10.76 -6.84
CA THR C 228 -9.30 -11.28 -8.12
C THR C 228 -8.44 -12.55 -8.05
N GLU C 229 -8.24 -13.07 -6.84
CA GLU C 229 -7.50 -14.33 -6.67
C GLU C 229 -8.25 -15.48 -7.36
N VAL C 230 -7.55 -16.20 -8.23
CA VAL C 230 -8.15 -17.32 -8.98
C VAL C 230 -7.60 -18.70 -8.59
N PRO C 231 -6.28 -18.94 -8.70
CA PRO C 231 -5.73 -20.31 -8.56
C PRO C 231 -6.18 -21.04 -7.29
N VAL C 232 -5.83 -20.51 -6.13
CA VAL C 232 -6.19 -21.11 -4.84
C VAL C 232 -7.71 -21.15 -4.65
N ALA C 233 -8.37 -20.02 -4.90
CA ALA C 233 -9.82 -19.90 -4.75
C ALA C 233 -10.56 -21.00 -5.49
N SER C 234 -10.27 -21.19 -6.77
CA SER C 234 -10.93 -22.22 -7.58
C SER C 234 -10.43 -23.63 -7.29
N LEU C 235 -9.31 -23.75 -6.58
CA LEU C 235 -8.79 -25.04 -6.15
C LEU C 235 -9.53 -25.56 -4.91
N LEU C 236 -9.80 -24.66 -3.96
CA LEU C 236 -10.42 -25.02 -2.69
C LEU C 236 -11.95 -25.03 -2.76
N LEU C 237 -12.52 -24.06 -3.46
CA LEU C 237 -13.97 -23.93 -3.58
C LEU C 237 -14.49 -24.83 -4.71
N ARG C 238 -15.36 -25.77 -4.35
CA ARG C 238 -15.74 -26.85 -5.24
C ARG C 238 -17.22 -26.76 -5.65
N ASP C 239 -18.09 -26.50 -4.67
CA ASP C 239 -19.53 -26.32 -4.90
C ASP C 239 -19.81 -25.00 -5.62
N VAL C 240 -20.64 -25.07 -6.66
CA VAL C 240 -21.00 -23.90 -7.46
C VAL C 240 -21.57 -22.78 -6.59
N ASN C 241 -22.46 -23.13 -5.67
CA ASN C 241 -23.12 -22.18 -4.78
C ASN C 241 -22.18 -21.46 -3.80
N SER C 242 -20.97 -22.00 -3.64
CA SER C 242 -19.98 -21.37 -2.75
C SER C 242 -18.83 -20.67 -3.50
N TYR C 243 -18.89 -20.69 -4.83
CA TYR C 243 -17.89 -20.00 -5.67
C TYR C 243 -17.80 -18.52 -5.34
N THR C 244 -16.59 -17.97 -5.43
CA THR C 244 -16.43 -16.52 -5.49
C THR C 244 -16.51 -16.12 -6.96
N LEU C 245 -16.76 -14.84 -7.21
CA LEU C 245 -16.84 -14.30 -8.55
C LEU C 245 -15.74 -14.88 -9.44
N ALA C 246 -14.49 -14.78 -8.97
CA ALA C 246 -13.31 -15.26 -9.70
C ALA C 246 -13.40 -16.71 -10.15
N VAL C 247 -13.87 -17.59 -9.27
CA VAL C 247 -14.02 -19.00 -9.59
C VAL C 247 -15.10 -19.17 -10.64
N GLY C 248 -16.27 -18.59 -10.36
CA GLY C 248 -17.47 -18.84 -11.14
C GLY C 248 -17.52 -18.17 -12.49
N MET C 249 -16.96 -16.96 -12.59
CA MET C 249 -17.09 -16.13 -13.79
C MET C 249 -16.43 -16.71 -15.03
N GLN C 250 -15.67 -17.79 -14.85
CA GLN C 250 -14.97 -18.44 -15.95
C GLN C 250 -15.76 -19.60 -16.53
N GLN C 251 -17.00 -19.74 -16.07
CA GLN C 251 -17.91 -20.78 -16.55
C GLN C 251 -18.77 -20.24 -17.69
N TYR C 252 -18.73 -18.92 -17.87
CA TYR C 252 -19.48 -18.25 -18.94
C TYR C 252 -18.90 -18.51 -20.31
N LEU C 253 -17.58 -18.64 -20.38
CA LEU C 253 -16.88 -18.70 -21.66
C LEU C 253 -16.46 -20.11 -22.07
N ASN C 254 -17.40 -21.05 -21.96
CA ASN C 254 -17.26 -22.39 -22.53
C ASN C 254 -17.25 -22.24 -24.05
N PRO C 255 -16.15 -22.69 -24.70
CA PRO C 255 -15.99 -22.53 -26.15
C PRO C 255 -17.21 -22.99 -26.96
N GLN C 256 -17.90 -24.01 -26.47
CA GLN C 256 -19.07 -24.58 -27.17
C GLN C 256 -20.38 -24.11 -26.55
N ASN C 257 -20.30 -23.22 -25.57
CA ASN C 257 -21.48 -22.61 -24.93
C ASN C 257 -21.19 -21.17 -24.51
N TYR C 258 -20.52 -20.44 -25.41
CA TYR C 258 -20.02 -19.09 -25.19
C TYR C 258 -21.15 -18.10 -24.91
N LEU C 259 -21.43 -17.88 -23.63
CA LEU C 259 -22.44 -16.92 -23.20
C LEU C 259 -21.81 -15.53 -22.98
N TRP C 260 -21.34 -14.94 -24.08
CA TRP C 260 -20.60 -13.67 -24.06
C TRP C 260 -21.44 -12.49 -23.59
N GLY C 261 -22.74 -12.52 -23.88
CA GLY C 261 -23.66 -11.47 -23.47
C GLY C 261 -23.97 -11.56 -21.99
N ASP C 262 -24.40 -12.74 -21.55
CA ASP C 262 -24.69 -13.00 -20.15
C ASP C 262 -23.49 -12.64 -19.28
N PHE C 263 -22.29 -12.91 -19.80
CA PHE C 263 -21.05 -12.61 -19.12
C PHE C 263 -20.86 -11.10 -18.91
N ALA C 264 -21.15 -10.32 -19.95
CA ALA C 264 -20.93 -8.88 -19.92
C ALA C 264 -21.71 -8.20 -18.80
N ALA C 265 -22.98 -8.58 -18.65
CA ALA C 265 -23.84 -8.03 -17.60
C ALA C 265 -23.29 -8.33 -16.21
N ALA C 266 -22.78 -9.54 -16.03
CA ALA C 266 -22.15 -9.95 -14.78
C ALA C 266 -20.80 -9.25 -14.55
N ALA C 267 -20.09 -8.98 -15.65
CA ALA C 267 -18.79 -8.31 -15.59
C ALA C 267 -18.90 -6.89 -15.07
N VAL C 268 -19.91 -6.17 -15.53
CA VAL C 268 -20.20 -4.81 -15.05
C VAL C 268 -20.61 -4.86 -13.58
N MET C 269 -21.38 -5.90 -13.24
CA MET C 269 -21.83 -6.11 -11.87
C MET C 269 -20.65 -6.45 -10.96
N SER C 270 -19.62 -7.08 -11.52
CA SER C 270 -18.44 -7.50 -10.76
C SER C 270 -17.54 -6.33 -10.36
N ALA C 271 -17.74 -5.18 -11.02
CA ALA C 271 -16.95 -3.98 -10.73
C ALA C 271 -17.48 -3.24 -9.51
N LEU C 272 -18.69 -3.60 -9.09
CA LEU C 272 -19.43 -2.88 -8.04
C LEU C 272 -18.73 -2.84 -6.67
N PRO C 273 -18.30 -4.01 -6.13
CA PRO C 273 -17.72 -4.02 -4.78
C PRO C 273 -16.46 -3.15 -4.61
N ILE C 274 -15.52 -3.27 -5.53
CA ILE C 274 -14.27 -2.51 -5.47
C ILE C 274 -14.56 -1.01 -5.60
N THR C 275 -15.51 -0.67 -6.46
CA THR C 275 -15.95 0.71 -6.65
C THR C 275 -16.62 1.25 -5.39
N ILE C 276 -17.50 0.44 -4.78
CA ILE C 276 -18.13 0.78 -3.50
C ILE C 276 -17.06 1.14 -2.47
N VAL C 277 -16.00 0.35 -2.41
CA VAL C 277 -14.87 0.60 -1.51
C VAL C 277 -14.19 1.95 -1.80
N PHE C 278 -13.86 2.19 -3.06
CA PHE C 278 -13.23 3.47 -3.48
C PHE C 278 -14.07 4.68 -3.11
N LEU C 279 -15.39 4.56 -3.28
CA LEU C 279 -16.31 5.67 -3.03
C LEU C 279 -16.51 5.96 -1.54
N LEU C 280 -16.39 4.92 -0.71
CA LEU C 280 -16.45 5.10 0.75
C LEU C 280 -15.10 5.56 1.31
N ALA C 281 -14.03 5.31 0.56
CA ALA C 281 -12.68 5.66 0.98
C ALA C 281 -12.27 7.08 0.56
N GLN C 282 -13.19 8.03 0.73
CA GLN C 282 -12.91 9.44 0.46
C GLN C 282 -12.50 10.18 1.74
N ARG C 283 -12.56 9.48 2.87
CA ARG C 283 -12.18 10.02 4.16
C ARG C 283 -10.67 9.95 4.37
N ALA D 2 11.43 15.08 43.47
CA ALA D 2 11.36 16.29 44.34
C ALA D 2 12.72 16.97 44.47
N SER D 3 13.78 16.18 44.38
CA SER D 3 15.16 16.69 44.42
C SER D 3 16.06 15.76 43.63
N VAL D 4 16.23 16.08 42.35
CA VAL D 4 17.04 15.27 41.45
C VAL D 4 18.54 15.55 41.65
N GLN D 5 19.36 14.52 41.46
CA GLN D 5 20.81 14.65 41.51
C GLN D 5 21.52 13.55 40.72
N LEU D 6 22.63 13.94 40.07
CA LEU D 6 23.37 13.05 39.18
C LEU D 6 24.80 12.84 39.67
N GLN D 7 25.19 11.57 39.82
CA GLN D 7 26.54 11.21 40.28
C GLN D 7 27.27 10.38 39.23
N ASN D 8 28.50 10.79 38.92
CA ASN D 8 29.36 10.10 37.94
C ASN D 8 28.65 9.70 36.64
N VAL D 9 27.70 10.54 36.21
CA VAL D 9 26.86 10.23 35.06
C VAL D 9 27.65 10.34 33.74
N THR D 10 27.56 9.29 32.95
CA THR D 10 28.29 9.15 31.69
C THR D 10 27.37 8.55 30.63
N LYS D 11 27.25 9.24 29.50
CA LYS D 11 26.48 8.74 28.36
C LYS D 11 27.40 8.40 27.20
N ALA D 12 27.14 7.25 26.56
CA ALA D 12 27.95 6.78 25.44
C ALA D 12 27.09 6.21 24.33
N TRP D 13 27.57 6.37 23.09
CA TRP D 13 26.93 5.78 21.92
C TRP D 13 27.90 4.87 21.20
N GLY D 14 27.81 3.57 21.48
CA GLY D 14 28.71 2.57 20.92
C GLY D 14 30.10 2.70 21.49
N GLU D 15 30.90 3.57 20.88
CA GLU D 15 32.27 3.85 21.33
C GLU D 15 32.45 5.33 21.69
N VAL D 16 31.71 6.19 21.01
CA VAL D 16 31.76 7.64 21.24
C VAL D 16 31.24 7.98 22.63
N VAL D 17 32.10 8.55 23.47
CA VAL D 17 31.73 8.98 24.81
C VAL D 17 31.44 10.49 24.79
N VAL D 18 30.17 10.84 24.56
CA VAL D 18 29.74 12.24 24.48
C VAL D 18 29.96 12.98 25.81
N SER D 19 29.48 12.38 26.89
CA SER D 19 29.59 12.98 28.21
C SER D 19 30.45 12.14 29.14
N LYS D 20 31.45 12.77 29.77
CA LYS D 20 32.25 12.14 30.81
C LYS D 20 31.53 12.27 32.16
N ASP D 21 32.05 11.59 33.18
CA ASP D 21 31.45 11.61 34.53
C ASP D 21 31.13 13.03 35.01
N ILE D 22 29.85 13.38 34.95
CA ILE D 22 29.38 14.70 35.37
C ILE D 22 28.55 14.64 36.65
N ASN D 23 28.87 15.54 37.58
CA ASN D 23 28.18 15.61 38.86
C ASN D 23 27.27 16.83 38.95
N LEU D 24 26.00 16.59 39.26
CA LEU D 24 25.03 17.67 39.43
C LEU D 24 24.12 17.40 40.62
N ASP D 25 23.96 18.41 41.47
CA ASP D 25 23.05 18.34 42.61
C ASP D 25 22.00 19.44 42.48
N ILE D 26 20.74 19.03 42.40
CA ILE D 26 19.64 19.99 42.24
C ILE D 26 18.69 19.91 43.44
N HIS D 27 18.56 21.03 44.14
CA HIS D 27 17.76 21.10 45.36
C HIS D 27 16.26 21.20 45.09
N GLU D 28 15.47 20.98 46.14
CA GLU D 28 14.01 21.11 46.10
C GLU D 28 13.59 22.54 45.78
N GLY D 29 12.68 22.68 44.81
CA GLY D 29 12.14 23.99 44.41
C GLY D 29 13.14 24.88 43.70
N GLU D 30 14.28 24.30 43.32
CA GLU D 30 15.33 25.01 42.61
C GLU D 30 15.01 25.07 41.12
N PHE D 31 15.31 26.21 40.50
CA PHE D 31 15.11 26.40 39.07
C PHE D 31 16.47 26.35 38.36
N VAL D 32 16.78 25.19 37.78
CA VAL D 32 18.07 24.98 37.14
C VAL D 32 17.97 25.04 35.62
N VAL D 33 18.79 25.89 35.01
CA VAL D 33 18.84 25.99 33.55
C VAL D 33 20.16 25.43 33.01
N PHE D 34 20.05 24.44 32.12
CA PHE D 34 21.20 23.96 31.37
C PHE D 34 21.32 24.80 30.10
N VAL D 35 22.46 25.46 29.92
CA VAL D 35 22.73 26.19 28.67
C VAL D 35 23.93 25.66 27.89
N GLY D 36 23.81 25.78 26.57
CA GLY D 36 24.84 25.32 25.64
C GLY D 36 24.32 25.38 24.22
N PRO D 37 25.22 25.25 23.23
CA PRO D 37 24.84 25.24 21.83
C PRO D 37 24.00 24.02 21.46
N SER D 38 23.33 24.07 20.32
CA SER D 38 22.60 22.91 19.81
C SER D 38 23.57 21.75 19.58
N GLY D 39 23.15 20.55 19.97
CA GLY D 39 23.98 19.35 19.83
C GLY D 39 25.09 19.24 20.85
N CYS D 40 24.89 19.86 22.02
CA CYS D 40 25.83 19.74 23.14
C CYS D 40 25.32 18.74 24.18
N GLY D 41 24.09 18.25 23.98
CA GLY D 41 23.53 17.19 24.82
C GLY D 41 22.50 17.63 25.84
N LYS D 42 21.85 18.77 25.58
CA LYS D 42 20.85 19.31 26.50
C LYS D 42 19.61 18.42 26.60
N SER D 43 19.06 18.02 25.45
CA SER D 43 17.91 17.13 25.43
C SER D 43 18.24 15.79 26.05
N THR D 44 19.42 15.26 25.71
CA THR D 44 19.86 13.95 26.20
C THR D 44 19.88 13.90 27.72
N LEU D 45 20.46 14.91 28.36
CA LEU D 45 20.45 15.01 29.82
C LEU D 45 19.04 14.97 30.38
N LEU D 46 18.15 15.73 29.77
CA LEU D 46 16.76 15.80 30.18
C LEU D 46 16.04 14.47 29.95
N ARG D 47 16.38 13.81 28.84
CA ARG D 47 15.80 12.51 28.49
C ARG D 47 16.28 11.40 29.42
N MET D 48 17.54 11.50 29.84
CA MET D 48 18.12 10.51 30.77
C MET D 48 17.48 10.60 32.15
N ILE D 49 17.13 11.82 32.57
CA ILE D 49 16.41 12.04 33.81
C ILE D 49 14.97 11.52 33.69
N ALA D 50 14.38 11.68 32.51
CA ALA D 50 13.00 11.27 32.27
C ALA D 50 12.84 9.76 32.09
N GLY D 51 13.90 9.10 31.68
CA GLY D 51 13.87 7.65 31.45
C GLY D 51 13.64 7.26 30.00
N LEU D 52 13.65 8.25 29.11
CA LEU D 52 13.50 8.02 27.68
C LEU D 52 14.83 7.63 27.05
N GLU D 53 15.91 7.81 27.80
CA GLU D 53 17.26 7.51 27.34
C GLU D 53 18.06 6.82 28.45
N THR D 54 18.89 5.86 28.08
CA THR D 54 19.62 5.04 29.05
C THR D 54 20.90 5.71 29.54
N ILE D 55 21.12 5.66 30.86
CA ILE D 55 22.38 6.11 31.45
C ILE D 55 23.40 4.97 31.36
N THR D 56 24.47 5.20 30.61
CA THR D 56 25.49 4.18 30.36
C THR D 56 26.25 3.81 31.63
N SER D 57 26.70 4.83 32.36
CA SER D 57 27.46 4.65 33.58
C SER D 57 27.21 5.81 34.54
N GLY D 58 26.77 5.49 35.75
CA GLY D 58 26.51 6.51 36.77
C GLY D 58 25.20 6.31 37.51
N ASP D 59 24.97 7.17 38.50
CA ASP D 59 23.78 7.07 39.35
C ASP D 59 22.89 8.29 39.23
N LEU D 60 21.58 8.05 39.11
CA LEU D 60 20.58 9.10 39.02
C LEU D 60 19.58 8.99 40.17
N PHE D 61 19.54 10.02 41.01
CA PHE D 61 18.61 10.07 42.13
C PHE D 61 17.54 11.13 41.91
N ILE D 62 16.30 10.77 42.22
CA ILE D 62 15.20 11.74 42.24
C ILE D 62 14.50 11.60 43.59
N GLY D 63 14.75 12.55 44.48
CA GLY D 63 14.19 12.53 45.84
C GLY D 63 14.77 11.42 46.70
N GLU D 64 16.10 11.33 46.70
CA GLU D 64 16.86 10.37 47.52
C GLU D 64 16.59 8.89 47.22
N LYS D 65 16.36 8.57 45.94
CA LYS D 65 16.31 7.18 45.48
C LYS D 65 16.76 7.01 44.03
N ARG D 66 17.50 5.93 43.78
CA ARG D 66 18.06 5.64 42.46
C ARG D 66 16.95 5.37 41.43
N MET D 67 17.09 5.98 40.25
CA MET D 67 16.02 5.94 39.24
C MET D 67 16.42 5.32 37.90
N ASN D 68 17.72 5.06 37.72
CA ASN D 68 18.26 4.54 36.45
C ASN D 68 17.38 3.55 35.70
N ASP D 69 16.94 2.50 36.39
CA ASP D 69 16.21 1.40 35.77
C ASP D 69 14.69 1.52 35.91
N THR D 70 14.26 2.52 36.69
CA THR D 70 12.84 2.77 36.91
C THR D 70 12.17 3.27 35.62
N PRO D 71 11.05 2.64 35.22
CA PRO D 71 10.30 3.08 34.04
C PRO D 71 9.88 4.54 34.12
N PRO D 72 9.91 5.25 32.97
CA PRO D 72 9.61 6.68 32.90
C PRO D 72 8.35 7.10 33.67
N ALA D 73 7.28 6.31 33.55
CA ALA D 73 5.99 6.61 34.15
C ALA D 73 6.05 6.75 35.67
N GLU D 74 6.93 5.98 36.31
CA GLU D 74 7.02 5.94 37.77
C GLU D 74 8.18 6.76 38.32
N ARG D 75 8.57 7.81 37.58
CA ARG D 75 9.69 8.67 37.99
C ARG D 75 9.25 9.94 38.70
N GLY D 76 7.95 10.20 38.71
CA GLY D 76 7.39 11.42 39.30
C GLY D 76 7.86 12.65 38.55
N VAL D 77 7.93 12.52 37.23
CA VAL D 77 8.51 13.56 36.38
C VAL D 77 7.57 13.91 35.24
N GLY D 78 7.59 15.18 34.82
CA GLY D 78 6.72 15.67 33.74
C GLY D 78 7.48 16.51 32.76
N MET D 79 7.41 16.14 31.47
CA MET D 79 8.21 16.81 30.45
C MET D 79 7.39 17.63 29.46
N VAL D 80 7.89 18.84 29.18
CA VAL D 80 7.42 19.63 28.06
C VAL D 80 8.42 19.42 26.93
N PHE D 81 7.99 18.68 25.92
CA PHE D 81 8.86 18.30 24.79
C PHE D 81 9.23 19.49 23.93
N GLN D 82 10.34 19.36 23.20
CA GLN D 82 10.80 20.43 22.32
C GLN D 82 9.81 20.67 21.17
N SER D 83 9.19 19.60 20.69
CA SER D 83 8.19 19.67 19.62
C SER D 83 6.79 19.94 20.16
N TYR D 84 6.68 19.99 21.49
CA TYR D 84 5.41 20.08 22.23
C TYR D 84 4.73 18.73 22.40
N ALA D 85 5.08 17.78 21.54
CA ALA D 85 4.50 16.42 21.54
C ALA D 85 2.98 16.41 21.76
N LEU D 86 2.29 17.29 21.06
CA LEU D 86 0.83 17.38 21.17
C LEU D 86 0.17 16.35 20.27
N TYR D 87 -0.71 15.54 20.85
CA TYR D 87 -1.43 14.52 20.10
C TYR D 87 -2.36 15.21 19.10
N PRO D 88 -2.10 15.02 17.79
CA PRO D 88 -2.81 15.74 16.73
C PRO D 88 -4.29 15.38 16.64
N HIS D 89 -4.63 14.14 17.00
CA HIS D 89 -5.99 13.63 16.88
C HIS D 89 -6.87 14.03 18.07
N LEU D 90 -6.24 14.37 19.18
CA LEU D 90 -6.96 14.71 20.41
C LEU D 90 -7.10 16.22 20.58
N SER D 91 -8.15 16.64 21.30
CA SER D 91 -8.40 18.05 21.57
C SER D 91 -7.43 18.60 22.62
N VAL D 92 -7.49 19.91 22.83
CA VAL D 92 -6.65 20.59 23.83
C VAL D 92 -6.95 20.06 25.23
N ALA D 93 -8.23 19.89 25.53
CA ALA D 93 -8.67 19.35 26.81
C ALA D 93 -8.12 17.94 27.03
N GLU D 94 -8.18 17.12 26.00
CA GLU D 94 -7.71 15.74 26.06
C GLU D 94 -6.19 15.63 26.05
N ASN D 95 -5.53 16.63 25.47
CA ASN D 95 -4.06 16.72 25.47
C ASN D 95 -3.50 16.99 26.85
N MET D 96 -4.24 17.77 27.63
CA MET D 96 -3.81 18.16 28.98
C MET D 96 -4.21 17.13 30.04
N SER D 97 -5.25 16.34 29.74
CA SER D 97 -5.80 15.38 30.69
C SER D 97 -5.44 13.93 30.39
N PHE D 98 -4.68 13.71 29.32
CA PHE D 98 -4.38 12.36 28.82
C PHE D 98 -3.76 11.44 29.87
N GLY D 99 -2.94 12.00 30.75
CA GLY D 99 -2.30 11.25 31.82
C GLY D 99 -3.30 10.61 32.78
N LEU D 100 -4.21 11.43 33.30
CA LEU D 100 -5.22 10.96 34.25
C LEU D 100 -6.51 10.51 33.57
N LYS D 101 -6.50 10.44 32.24
CA LYS D 101 -7.59 9.83 31.48
C LYS D 101 -7.45 8.32 31.54
N LEU D 102 -6.25 7.84 31.24
CA LEU D 102 -5.91 6.42 31.37
C LEU D 102 -5.43 6.09 32.78
N ALA D 103 -5.28 4.79 33.05
CA ALA D 103 -4.78 4.31 34.35
C ALA D 103 -5.57 4.83 35.55
N GLY D 104 -6.90 4.76 35.46
CA GLY D 104 -7.78 5.24 36.52
C GLY D 104 -8.44 6.55 36.16
N ALA D 105 -9.53 6.46 35.41
CA ALA D 105 -10.28 7.64 34.96
C ALA D 105 -11.11 8.22 36.10
N LYS D 106 -11.15 9.55 36.17
CA LYS D 106 -11.99 10.26 37.13
C LYS D 106 -12.70 11.44 36.46
N LYS D 107 -13.80 11.13 35.77
CA LYS D 107 -14.56 12.10 34.96
C LYS D 107 -14.76 13.46 35.63
N GLU D 108 -15.21 13.42 36.89
CA GLU D 108 -15.43 14.63 37.68
C GLU D 108 -14.14 15.43 37.88
N VAL D 109 -13.05 14.72 38.20
CA VAL D 109 -11.76 15.33 38.50
C VAL D 109 -11.09 15.89 37.25
N ILE D 110 -11.16 15.15 36.15
CA ILE D 110 -10.62 15.57 34.86
C ILE D 110 -11.08 16.99 34.52
N ASN D 111 -12.39 17.20 34.51
CA ASN D 111 -13.00 18.51 34.24
C ASN D 111 -12.40 19.61 35.11
N GLN D 112 -12.26 19.34 36.41
CA GLN D 112 -11.71 20.29 37.36
C GLN D 112 -10.25 20.65 37.07
N ARG D 113 -9.39 19.62 37.01
CA ARG D 113 -7.95 19.81 36.86
C ARG D 113 -7.54 20.54 35.59
N VAL D 114 -8.29 20.34 34.51
CA VAL D 114 -8.05 21.02 33.25
C VAL D 114 -8.45 22.50 33.35
N ASN D 115 -9.67 22.75 33.82
CA ASN D 115 -10.21 24.10 33.94
C ASN D 115 -9.44 25.01 34.90
N GLN D 116 -8.83 24.41 35.92
CA GLN D 116 -7.99 25.14 36.87
C GLN D 116 -6.67 25.58 36.22
N VAL D 117 -6.16 24.73 35.33
CA VAL D 117 -4.91 24.99 34.62
C VAL D 117 -5.15 25.88 33.41
N ALA D 118 -6.29 25.67 32.74
CA ALA D 118 -6.67 26.47 31.57
C ALA D 118 -7.02 27.90 31.93
N GLU D 119 -7.37 28.11 33.21
CA GLU D 119 -7.64 29.45 33.73
C GLU D 119 -6.34 30.25 33.87
N VAL D 120 -5.31 29.60 34.41
CA VAL D 120 -4.02 30.26 34.66
C VAL D 120 -3.08 30.26 33.43
N LEU D 121 -3.64 29.94 32.26
CA LEU D 121 -2.92 29.99 31.00
C LEU D 121 -3.77 30.65 29.91
N GLN D 122 -5.06 30.83 30.23
CA GLN D 122 -6.07 31.39 29.30
C GLN D 122 -6.31 30.50 28.08
N LEU D 123 -6.75 29.26 28.35
CA LEU D 123 -7.05 28.27 27.32
C LEU D 123 -8.51 27.82 27.39
N ALA D 124 -9.32 28.61 28.09
CA ALA D 124 -10.71 28.27 28.39
C ALA D 124 -11.61 28.20 27.14
N HIS D 125 -11.35 29.07 26.17
CA HIS D 125 -12.15 29.14 24.95
C HIS D 125 -11.60 28.23 23.84
N LEU D 126 -10.47 27.59 24.11
CA LEU D 126 -9.80 26.75 23.11
C LEU D 126 -9.74 25.27 23.53
N LEU D 127 -10.56 24.90 24.51
CA LEU D 127 -10.54 23.54 25.07
C LEU D 127 -10.92 22.46 24.06
N ASP D 128 -11.99 22.70 23.31
CA ASP D 128 -12.52 21.73 22.35
C ASP D 128 -11.81 21.77 20.99
N ARG D 129 -10.82 22.64 20.88
CA ARG D 129 -10.03 22.80 19.65
C ARG D 129 -8.94 21.73 19.53
N LYS D 130 -8.40 21.57 18.33
CA LYS D 130 -7.37 20.58 18.05
C LYS D 130 -6.06 21.27 17.66
N PRO D 131 -4.89 20.65 17.95
CA PRO D 131 -3.56 21.25 17.78
C PRO D 131 -3.26 21.92 16.45
N LYS D 132 -3.98 21.54 15.39
CA LYS D 132 -3.77 22.11 14.07
C LYS D 132 -4.45 23.48 13.92
N ALA D 133 -5.54 23.67 14.67
CA ALA D 133 -6.29 24.92 14.64
C ALA D 133 -5.58 26.03 15.43
N LEU D 134 -4.81 25.63 16.45
CA LEU D 134 -4.11 26.59 17.30
C LEU D 134 -2.88 27.17 16.61
N SER D 135 -2.38 28.28 17.16
CA SER D 135 -1.12 28.86 16.73
C SER D 135 0.02 28.30 17.56
N GLY D 136 1.26 28.55 17.12
CA GLY D 136 2.46 28.08 17.83
C GLY D 136 2.57 28.58 19.26
N GLY D 137 2.09 29.80 19.49
CA GLY D 137 2.08 30.41 20.83
C GLY D 137 1.06 29.77 21.76
N GLN D 138 -0.06 29.35 21.20
CA GLN D 138 -1.12 28.68 21.94
C GLN D 138 -0.73 27.22 22.21
N ARG D 139 -0.09 26.60 21.22
CA ARG D 139 0.36 25.22 21.32
C ARG D 139 1.37 25.01 22.45
N GLN D 140 2.25 25.99 22.63
CA GLN D 140 3.23 25.97 23.71
C GLN D 140 2.57 25.89 25.08
N ARG D 141 1.56 26.73 25.30
CA ARG D 141 0.85 26.79 26.57
C ARG D 141 0.08 25.49 26.86
N VAL D 142 -0.38 24.83 25.81
CA VAL D 142 -1.03 23.52 25.93
C VAL D 142 -0.04 22.47 26.42
N ALA D 143 1.17 22.48 25.84
CA ALA D 143 2.23 21.54 26.21
C ALA D 143 2.65 21.68 27.67
N ILE D 144 2.73 22.92 28.15
CA ILE D 144 3.02 23.22 29.55
C ILE D 144 1.82 22.82 30.42
N GLY D 145 0.62 23.13 29.93
CA GLY D 145 -0.62 22.77 30.62
C GLY D 145 -0.72 21.31 30.98
N ARG D 146 -0.35 20.45 30.03
CA ARG D 146 -0.35 18.99 30.23
C ARG D 146 0.37 18.57 31.50
N THR D 147 1.57 19.12 31.71
CA THR D 147 2.37 18.82 32.89
C THR D 147 1.81 19.51 34.15
N LEU D 148 1.22 20.69 33.96
CA LEU D 148 0.57 21.40 35.06
C LEU D 148 -0.65 20.63 35.59
N VAL D 149 -1.34 19.93 34.70
CA VAL D 149 -2.42 19.03 35.10
C VAL D 149 -1.84 17.81 35.80
N ALA D 150 -0.72 17.31 35.30
CA ALA D 150 -0.04 16.14 35.86
C ALA D 150 0.46 16.38 37.28
N GLU D 151 0.88 17.62 37.55
CA GLU D 151 1.45 18.02 38.86
C GLU D 151 2.57 17.09 39.34
N PRO D 152 3.67 16.98 38.57
CA PRO D 152 4.77 16.12 39.00
C PRO D 152 5.68 16.83 40.00
N SER D 153 6.55 16.06 40.65
CA SER D 153 7.53 16.64 41.57
C SER D 153 8.64 17.36 40.80
N VAL D 154 8.98 16.85 39.62
CA VAL D 154 10.02 17.44 38.78
C VAL D 154 9.46 17.85 37.40
N PHE D 155 9.78 19.07 36.98
CA PHE D 155 9.43 19.56 35.65
C PHE D 155 10.64 19.53 34.73
N LEU D 156 10.43 19.07 33.50
CA LEU D 156 11.50 19.05 32.50
C LEU D 156 11.09 19.79 31.24
N LEU D 157 11.55 21.03 31.11
CA LEU D 157 11.20 21.87 29.96
C LEU D 157 12.36 21.94 28.96
N ASP D 158 12.13 21.38 27.77
CA ASP D 158 13.14 21.34 26.72
C ASP D 158 12.88 22.47 25.72
N GLU D 159 13.56 23.60 25.93
CA GLU D 159 13.45 24.79 25.09
C GLU D 159 12.00 25.23 24.84
N PRO D 160 11.27 25.59 25.92
CA PRO D 160 9.86 25.93 25.77
C PRO D 160 9.63 27.28 25.08
N LEU D 161 10.68 28.09 24.96
CA LEU D 161 10.56 29.41 24.35
C LEU D 161 11.25 29.48 22.99
N SER D 162 11.85 28.37 22.57
CA SER D 162 12.74 28.33 21.41
C SER D 162 12.09 28.69 20.08
N ASN D 163 10.82 28.31 19.91
CA ASN D 163 10.14 28.48 18.62
C ASN D 163 9.15 29.65 18.53
N LEU D 164 8.96 30.35 19.65
CA LEU D 164 8.03 31.49 19.71
C LEU D 164 8.63 32.74 19.10
N ASP D 165 7.77 33.74 18.88
CA ASP D 165 8.20 35.07 18.45
C ASP D 165 9.03 35.76 19.51
N ALA D 166 9.91 36.67 19.09
CA ALA D 166 10.80 37.38 19.99
C ALA D 166 10.05 38.14 21.09
N ALA D 167 9.01 38.87 20.70
CA ALA D 167 8.19 39.64 21.63
C ALA D 167 7.38 38.74 22.56
N LEU D 168 6.96 37.59 22.05
CA LEU D 168 6.21 36.62 22.84
C LEU D 168 7.14 35.81 23.73
N ARG D 169 8.41 35.72 23.34
CA ARG D 169 9.44 35.03 24.11
C ARG D 169 9.82 35.81 25.37
N VAL D 170 9.73 37.13 25.28
CA VAL D 170 9.99 38.00 26.42
C VAL D 170 8.83 37.95 27.41
N GLN D 171 7.60 38.04 26.90
CA GLN D 171 6.39 37.98 27.70
C GLN D 171 6.30 36.69 28.52
N MET D 172 6.58 35.57 27.87
CA MET D 172 6.48 34.24 28.51
C MET D 172 7.52 34.00 29.60
N ARG D 173 8.68 34.67 29.50
CA ARG D 173 9.71 34.59 30.52
C ARG D 173 9.19 35.03 31.89
N ILE D 174 8.35 36.06 31.90
CA ILE D 174 7.73 36.56 33.12
C ILE D 174 6.69 35.56 33.62
N GLU D 175 5.86 35.05 32.70
CA GLU D 175 4.87 34.02 33.00
C GLU D 175 5.48 32.76 33.61
N ILE D 176 6.73 32.46 33.25
CA ILE D 176 7.46 31.30 33.78
C ILE D 176 7.95 31.55 35.22
N SER D 177 8.63 32.68 35.44
CA SER D 177 9.15 33.04 36.76
C SER D 177 8.05 33.24 37.81
N ARG D 178 6.89 33.74 37.37
CA ARG D 178 5.74 33.90 38.25
C ARG D 178 5.11 32.55 38.60
N LEU D 179 5.19 31.62 37.65
CA LEU D 179 4.68 30.25 37.85
C LEU D 179 5.59 29.45 38.77
N HIS D 180 6.89 29.75 38.75
CA HIS D 180 7.86 29.05 39.57
C HIS D 180 7.70 29.33 41.06
N LYS D 181 7.62 30.61 41.41
CA LYS D 181 7.46 31.00 42.81
C LYS D 181 6.06 30.64 43.34
N ARG D 182 5.11 30.47 42.43
CA ARG D 182 3.76 30.06 42.78
C ARG D 182 3.71 28.58 43.14
N LEU D 183 4.26 27.75 42.25
CA LEU D 183 4.27 26.30 42.46
C LEU D 183 5.32 25.87 43.48
N GLY D 184 6.48 26.50 43.44
CA GLY D 184 7.58 26.22 44.38
C GLY D 184 8.12 24.80 44.27
N ARG D 185 8.18 24.28 43.05
CA ARG D 185 8.67 22.91 42.81
C ARG D 185 9.87 22.86 41.87
N THR D 186 10.59 21.75 41.91
CA THR D 186 11.84 21.57 41.16
C THR D 186 11.64 21.72 39.65
N MET D 187 12.47 22.53 39.02
CA MET D 187 12.38 22.76 37.58
C MET D 187 13.72 22.70 36.86
N ILE D 188 13.83 21.77 35.92
CA ILE D 188 15.02 21.63 35.10
C ILE D 188 14.72 22.17 33.70
N TYR D 189 15.40 23.26 33.37
CA TYR D 189 15.13 24.02 32.15
C TYR D 189 16.28 23.88 31.18
N VAL D 190 15.97 23.78 29.90
CA VAL D 190 16.98 23.58 28.86
C VAL D 190 16.82 24.62 27.75
N THR D 191 17.88 25.36 27.46
CA THR D 191 17.85 26.36 26.39
C THR D 191 19.24 26.67 25.83
N HIS D 192 19.27 27.19 24.61
CA HIS D 192 20.48 27.65 23.96
C HIS D 192 20.68 29.14 24.21
N ASP D 193 19.58 29.83 24.53
CA ASP D 193 19.57 31.27 24.75
C ASP D 193 20.13 31.60 26.13
N GLN D 194 21.21 32.37 26.16
CA GLN D 194 21.87 32.72 27.42
C GLN D 194 21.02 33.67 28.29
N VAL D 195 20.22 34.50 27.63
CA VAL D 195 19.32 35.43 28.32
C VAL D 195 18.36 34.69 29.25
N GLU D 196 17.74 33.62 28.73
CA GLU D 196 16.80 32.81 29.51
C GLU D 196 17.47 32.19 30.73
N ALA D 197 18.73 31.78 30.56
CA ALA D 197 19.52 31.25 31.67
C ALA D 197 19.71 32.31 32.75
N MET D 198 20.09 33.52 32.32
CA MET D 198 20.45 34.60 33.24
C MET D 198 19.27 35.13 34.06
N THR D 199 18.08 35.15 33.45
CA THR D 199 16.90 35.73 34.09
C THR D 199 16.14 34.73 34.98
N LEU D 200 15.89 33.54 34.45
CA LEU D 200 15.04 32.54 35.10
C LEU D 200 15.71 31.72 36.19
N ALA D 201 16.97 31.33 35.95
CA ALA D 201 17.66 30.35 36.77
C ALA D 201 18.02 30.84 38.17
N ASP D 202 18.02 29.90 39.11
CA ASP D 202 18.63 30.09 40.42
C ASP D 202 20.07 29.59 40.34
N LYS D 203 20.29 28.61 39.46
CA LYS D 203 21.59 27.97 39.27
C LYS D 203 21.72 27.55 37.80
N ILE D 204 22.82 27.95 37.16
CA ILE D 204 23.04 27.66 35.75
C ILE D 204 24.12 26.60 35.55
N VAL D 205 23.87 25.68 34.62
CA VAL D 205 24.87 24.70 34.21
C VAL D 205 25.20 24.89 32.73
N VAL D 206 26.44 25.26 32.47
CA VAL D 206 26.91 25.49 31.10
C VAL D 206 27.53 24.21 30.54
N LEU D 207 27.07 23.81 29.35
CA LEU D 207 27.53 22.59 28.70
C LEU D 207 28.36 22.88 27.45
N ASP D 208 29.50 22.19 27.33
CA ASP D 208 30.40 22.35 26.19
C ASP D 208 30.86 20.98 25.69
N ALA D 209 30.27 20.54 24.58
CA ALA D 209 30.56 19.25 23.96
C ALA D 209 30.29 18.06 24.90
N GLY D 210 29.18 18.15 25.64
CA GLY D 210 28.77 17.11 26.58
C GLY D 210 29.46 17.20 27.93
N ARG D 211 30.20 18.29 28.14
CA ARG D 211 30.96 18.50 29.37
C ARG D 211 30.43 19.70 30.14
N VAL D 212 30.27 19.55 31.45
CA VAL D 212 29.90 20.65 32.33
C VAL D 212 31.11 21.57 32.53
N ALA D 213 30.98 22.80 32.03
CA ALA D 213 32.08 23.77 32.08
C ALA D 213 32.08 24.58 33.38
N GLN D 214 30.88 24.87 33.89
CA GLN D 214 30.71 25.64 35.13
C GLN D 214 29.30 25.47 35.69
N VAL D 215 29.19 25.50 37.02
CA VAL D 215 27.91 25.54 37.70
C VAL D 215 27.94 26.68 38.72
N GLY D 216 26.85 27.42 38.81
CA GLY D 216 26.71 28.50 39.80
C GLY D 216 25.57 29.45 39.49
N LYS D 217 25.43 30.48 40.34
CA LYS D 217 24.42 31.52 40.15
C LYS D 217 24.72 32.33 38.90
N PRO D 218 23.69 32.84 38.22
CA PRO D 218 23.87 33.59 36.96
C PRO D 218 24.90 34.72 37.05
N LEU D 219 24.87 35.45 38.17
CA LEU D 219 25.74 36.60 38.35
C LEU D 219 27.19 36.19 38.65
N GLU D 220 27.35 34.98 39.18
CA GLU D 220 28.67 34.39 39.42
C GLU D 220 29.30 33.97 38.09
N LEU D 221 28.49 33.40 37.22
CA LEU D 221 28.91 32.97 35.88
C LEU D 221 29.33 34.16 35.02
N TYR D 222 28.62 35.28 35.19
CA TYR D 222 28.86 36.50 34.43
C TYR D 222 30.16 37.18 34.84
N HIS D 223 30.34 37.38 36.15
CA HIS D 223 31.51 38.07 36.66
C HIS D 223 32.75 37.20 36.72
N TYR D 224 32.57 35.93 37.06
CA TYR D 224 33.69 35.00 37.19
C TYR D 224 33.47 33.70 36.41
N PRO D 225 33.79 33.72 35.10
CA PRO D 225 33.77 32.50 34.30
C PRO D 225 35.00 31.65 34.61
N ALA D 226 34.84 30.33 34.55
CA ALA D 226 35.92 29.41 34.89
C ALA D 226 36.80 29.08 33.69
N ASP D 227 36.28 29.30 32.49
CA ASP D 227 37.05 29.14 31.25
C ASP D 227 36.61 30.12 30.17
N ARG D 228 37.29 30.07 29.03
CA ARG D 228 37.01 30.95 27.91
C ARG D 228 35.61 30.73 27.32
N PHE D 229 35.17 29.46 27.30
CA PHE D 229 33.86 29.10 26.76
C PHE D 229 32.71 29.77 27.52
N VAL D 230 32.76 29.67 28.85
CA VAL D 230 31.74 30.24 29.72
C VAL D 230 31.65 31.75 29.55
N ALA D 231 32.81 32.39 29.51
CA ALA D 231 32.92 33.82 29.30
C ALA D 231 32.30 34.25 27.98
N GLY D 232 32.56 33.47 26.93
CA GLY D 232 32.06 33.78 25.59
C GLY D 232 30.62 33.34 25.33
N PHE D 233 30.02 32.65 26.30
CA PHE D 233 28.64 32.19 26.14
C PHE D 233 27.62 33.10 26.85
N ILE D 234 28.06 33.79 27.89
CA ILE D 234 27.19 34.68 28.65
C ILE D 234 27.46 36.15 28.28
N GLY D 235 26.39 36.95 28.25
CA GLY D 235 26.48 38.36 27.92
C GLY D 235 25.91 38.65 26.55
N SER D 236 25.11 39.72 26.47
CA SER D 236 24.35 40.07 25.26
C SER D 236 25.16 39.95 23.96
N PRO D 237 26.14 40.86 23.73
CA PRO D 237 27.11 40.56 22.68
C PRO D 237 28.28 39.80 23.28
N LYS D 238 28.96 39.02 22.45
CA LYS D 238 30.08 38.18 22.91
C LYS D 238 31.20 39.04 23.49
N MET D 239 31.78 38.58 24.59
CA MET D 239 32.95 39.20 25.22
C MET D 239 34.07 39.36 24.20
N ASN D 240 34.82 40.44 24.30
CA ASN D 240 35.99 40.65 23.46
C ASN D 240 37.17 39.84 23.96
N PHE D 241 37.92 39.24 23.03
CA PHE D 241 39.10 38.47 23.36
C PHE D 241 40.34 38.96 22.61
N LEU D 242 41.42 39.21 23.35
CA LEU D 242 42.65 39.76 22.79
C LEU D 242 43.84 38.86 23.09
N PRO D 243 44.60 38.46 22.04
CA PRO D 243 45.76 37.60 22.21
C PRO D 243 46.92 38.34 22.86
N VAL D 244 47.21 37.99 24.10
CA VAL D 244 48.24 38.68 24.89
C VAL D 244 49.39 37.76 25.28
N LYS D 245 50.54 38.34 25.59
CA LYS D 245 51.72 37.62 26.03
C LYS D 245 52.09 38.09 27.42
N VAL D 246 52.23 37.14 28.35
CA VAL D 246 52.60 37.45 29.74
C VAL D 246 54.06 37.88 29.81
N THR D 247 54.31 39.02 30.47
CA THR D 247 55.65 39.59 30.54
C THR D 247 56.25 39.55 31.94
N ALA D 248 55.40 39.68 32.95
CA ALA D 248 55.82 39.65 34.35
C ALA D 248 54.70 39.09 35.22
N THR D 249 55.06 38.60 36.41
CA THR D 249 54.08 38.04 37.33
C THR D 249 54.26 38.54 38.75
N ALA D 250 53.16 38.57 39.50
CA ALA D 250 53.15 39.00 40.89
C ALA D 250 51.98 38.35 41.62
N ILE D 251 52.17 38.04 42.89
CA ILE D 251 51.13 37.41 43.73
C ILE D 251 49.76 38.10 43.62
N ASP D 252 49.80 39.43 43.47
CA ASP D 252 48.61 40.27 43.53
C ASP D 252 47.95 40.48 42.17
N GLN D 253 48.74 40.34 41.10
CA GLN D 253 48.28 40.67 39.75
C GLN D 253 49.19 40.13 38.64
N VAL D 254 48.67 40.06 37.41
CA VAL D 254 49.43 39.57 36.26
C VAL D 254 49.58 40.63 35.17
N GLN D 255 50.79 40.79 34.66
CA GLN D 255 51.09 41.77 33.61
C GLN D 255 51.21 41.11 32.24
N VAL D 256 50.47 41.65 31.27
CA VAL D 256 50.45 41.12 29.90
C VAL D 256 50.79 42.19 28.87
N GLU D 257 51.21 41.75 27.68
CA GLU D 257 51.55 42.65 26.57
C GLU D 257 50.54 42.51 25.42
N LEU D 258 49.96 43.64 25.01
CA LEU D 258 49.02 43.67 23.89
C LEU D 258 49.74 43.47 22.55
N PRO D 259 49.04 42.92 21.53
CA PRO D 259 49.67 42.60 20.24
C PRO D 259 49.88 43.82 19.32
N MET D 260 49.70 45.02 19.85
CA MET D 260 49.82 46.28 19.08
C MET D 260 51.27 46.70 18.83
N PRO D 261 51.51 47.52 17.77
CA PRO D 261 52.82 48.12 17.52
C PRO D 261 53.23 49.05 18.67
N ASN D 262 52.25 49.73 19.25
CA ASN D 262 52.41 50.36 20.55
C ASN D 262 52.20 49.28 21.62
N ARG D 263 53.29 48.58 21.95
CA ARG D 263 53.22 47.40 22.80
C ARG D 263 53.00 47.74 24.27
N GLN D 264 51.77 48.14 24.59
CA GLN D 264 51.39 48.51 25.94
C GLN D 264 51.35 47.28 26.85
N GLN D 265 51.67 47.48 28.13
CA GLN D 265 51.68 46.40 29.11
C GLN D 265 50.91 46.80 30.37
N VAL D 266 49.81 46.10 30.62
CA VAL D 266 48.92 46.44 31.73
C VAL D 266 48.95 45.38 32.86
N TRP D 267 48.84 45.85 34.10
CA TRP D 267 48.72 44.97 35.25
C TRP D 267 47.25 44.63 35.51
N LEU D 268 46.94 43.34 35.52
CA LEU D 268 45.57 42.87 35.72
C LEU D 268 45.42 42.22 37.09
N PRO D 269 44.46 42.70 37.91
CA PRO D 269 44.19 42.12 39.23
C PRO D 269 43.61 40.72 39.11
N VAL D 270 44.49 39.75 38.86
CA VAL D 270 44.06 38.38 38.56
C VAL D 270 45.06 37.37 39.13
N GLU D 271 44.55 36.20 39.51
CA GLU D 271 45.35 35.11 40.10
C GLU D 271 46.56 34.79 39.24
N SER D 272 47.74 34.87 39.84
CA SER D 272 48.99 34.57 39.13
C SER D 272 49.28 33.07 39.14
N ARG D 273 48.39 32.31 39.78
CA ARG D 273 48.55 30.88 39.96
C ARG D 273 48.68 30.15 38.62
N ASP D 274 49.75 29.36 38.51
CA ASP D 274 50.02 28.49 37.35
C ASP D 274 50.10 29.25 36.02
N VAL D 275 50.65 30.46 36.05
CA VAL D 275 50.90 31.24 34.84
C VAL D 275 52.39 31.58 34.70
N GLN D 276 52.94 31.33 33.51
CA GLN D 276 54.36 31.53 33.24
C GLN D 276 54.60 32.74 32.33
N VAL D 277 55.79 33.31 32.40
CA VAL D 277 56.15 34.45 31.53
C VAL D 277 56.45 33.97 30.11
N GLY D 278 55.89 34.69 29.14
CA GLY D 278 56.03 34.34 27.73
C GLY D 278 54.88 33.49 27.21
N ALA D 279 54.04 33.03 28.13
CA ALA D 279 52.89 32.20 27.79
C ALA D 279 51.80 33.02 27.10
N ASN D 280 51.35 32.53 25.94
CA ASN D 280 50.32 33.20 25.16
C ASN D 280 48.94 32.99 25.75
N MET D 281 48.23 34.09 25.98
CA MET D 281 46.96 34.07 26.69
C MET D 281 45.90 34.95 26.02
N SER D 282 44.68 34.87 26.52
CA SER D 282 43.58 35.68 26.00
C SER D 282 43.06 36.66 27.04
N LEU D 283 43.04 37.94 26.67
CA LEU D 283 42.48 38.98 27.51
C LEU D 283 41.00 39.13 27.21
N GLY D 284 40.18 38.95 28.24
CA GLY D 284 38.74 39.07 28.10
C GLY D 284 38.24 40.40 28.62
N ILE D 285 37.35 41.02 27.86
CA ILE D 285 36.72 42.28 28.26
C ILE D 285 35.36 42.46 27.57
N ARG D 286 34.32 42.66 28.37
CA ARG D 286 32.96 42.80 27.85
C ARG D 286 32.72 44.18 27.24
N PRO D 287 31.92 44.24 26.15
CA PRO D 287 31.59 45.50 25.49
C PRO D 287 31.04 46.57 26.43
N GLU D 288 30.28 46.15 27.44
CA GLU D 288 29.70 47.06 28.42
C GLU D 288 30.77 47.66 29.34
N HIS D 289 31.83 46.88 29.58
CA HIS D 289 32.86 47.26 30.55
C HIS D 289 33.96 48.18 29.99
N LEU D 290 34.03 48.28 28.66
CA LEU D 290 34.93 49.23 28.02
C LEU D 290 34.48 50.66 28.31
N LEU D 291 35.45 51.54 28.55
CA LEU D 291 35.15 52.91 28.95
C LEU D 291 35.48 53.91 27.83
N PRO D 292 34.84 55.09 27.84
CA PRO D 292 35.21 56.18 26.94
C PRO D 292 36.68 56.60 27.14
N SER D 293 37.33 56.98 26.04
CA SER D 293 38.78 57.25 26.01
C SER D 293 39.29 58.24 27.06
N ASP D 294 38.48 59.27 27.35
CA ASP D 294 38.89 60.34 28.27
C ASP D 294 39.05 59.88 29.72
N ILE D 295 38.34 58.81 30.09
CA ILE D 295 38.36 58.27 31.45
C ILE D 295 39.69 57.55 31.76
N ALA D 296 39.95 56.44 31.05
CA ALA D 296 41.11 55.59 31.33
C ALA D 296 42.40 56.07 30.66
N ASP D 297 43.50 55.34 30.91
CA ASP D 297 44.79 55.65 30.29
C ASP D 297 45.25 54.57 29.28
N VAL D 298 44.79 53.33 29.47
CA VAL D 298 45.02 52.27 28.49
C VAL D 298 44.02 52.43 27.34
N ILE D 299 44.48 53.00 26.24
CA ILE D 299 43.61 53.37 25.12
C ILE D 299 43.73 52.38 23.96
N LEU D 300 42.60 52.13 23.31
CA LEU D 300 42.55 51.34 22.08
C LEU D 300 41.85 52.14 20.98
N GLU D 301 42.56 52.39 19.89
CA GLU D 301 42.08 53.25 18.81
C GLU D 301 42.04 52.52 17.47
N GLY D 302 41.00 52.80 16.67
CA GLY D 302 40.84 52.19 15.36
C GLY D 302 39.70 52.78 14.54
N GLU D 303 39.35 52.09 13.44
CA GLU D 303 38.32 52.56 12.52
C GLU D 303 36.99 51.83 12.77
N VAL D 304 35.90 52.60 12.75
CA VAL D 304 34.56 52.05 12.96
C VAL D 304 34.08 51.28 11.72
N GLN D 305 33.73 50.01 11.92
CA GLN D 305 33.20 49.16 10.86
C GLN D 305 31.68 49.13 10.84
N VAL D 306 31.07 49.01 12.02
CA VAL D 306 29.62 48.90 12.15
C VAL D 306 29.11 49.81 13.28
N VAL D 307 27.98 50.47 13.02
CA VAL D 307 27.27 51.24 14.04
C VAL D 307 25.84 50.74 14.12
N GLU D 308 25.48 50.16 15.25
CA GLU D 308 24.15 49.57 15.44
C GLU D 308 23.31 50.39 16.41
N GLN D 309 22.38 51.18 15.85
CA GLN D 309 21.50 52.03 16.65
C GLN D 309 20.30 51.24 17.16
N LEU D 310 20.44 50.69 18.37
CA LEU D 310 19.38 49.90 19.00
C LEU D 310 18.29 50.77 19.63
N GLY D 311 18.55 52.07 19.75
CA GLY D 311 17.62 53.02 20.36
C GLY D 311 17.94 53.24 21.82
N ASN D 312 17.75 52.20 22.62
CA ASN D 312 18.05 52.25 24.05
C ASN D 312 19.55 52.27 24.34
N GLU D 313 20.33 51.70 23.42
CA GLU D 313 21.77 51.69 23.51
C GLU D 313 22.39 51.84 22.13
N THR D 314 23.73 51.85 22.06
CA THR D 314 24.44 51.95 20.80
C THR D 314 25.61 50.97 20.77
N GLN D 315 25.58 50.05 19.80
CA GLN D 315 26.65 49.08 19.63
C GLN D 315 27.57 49.46 18.48
N ILE D 316 28.87 49.50 18.77
CA ILE D 316 29.87 49.98 17.82
C ILE D 316 30.99 48.96 17.64
N HIS D 317 31.22 48.55 16.40
CA HIS D 317 32.28 47.60 16.08
C HIS D 317 33.48 48.33 15.49
N ILE D 318 34.64 48.18 16.13
CA ILE D 318 35.84 48.93 15.75
C ILE D 318 36.96 47.99 15.29
N GLN D 319 37.56 48.31 14.15
CA GLN D 319 38.70 47.55 13.63
C GLN D 319 40.00 48.11 14.21
N ILE D 320 40.56 47.40 15.17
CA ILE D 320 41.85 47.79 15.76
C ILE D 320 42.98 47.09 15.00
N PRO D 321 43.90 47.87 14.40
CA PRO D 321 45.06 47.30 13.72
C PRO D 321 45.95 46.49 14.67
N SER D 322 46.37 45.31 14.23
CA SER D 322 47.16 44.33 15.00
C SER D 322 46.29 43.30 15.73
N ILE D 323 44.99 43.32 15.47
CA ILE D 323 44.07 42.26 15.89
C ILE D 323 42.89 42.16 14.91
N ARG D 324 42.86 41.08 14.14
CA ARG D 324 41.84 40.86 13.11
C ARG D 324 40.52 40.31 13.67
N GLN D 325 40.14 40.83 14.83
CA GLN D 325 38.82 40.65 15.39
C GLN D 325 38.34 42.02 15.85
N ASN D 326 37.13 42.38 15.44
CA ASN D 326 36.56 43.67 15.77
C ASN D 326 36.25 43.81 17.25
N LEU D 327 36.74 44.90 17.83
CA LEU D 327 36.42 45.26 19.19
C LEU D 327 35.00 45.82 19.23
N VAL D 328 34.14 45.19 20.03
CA VAL D 328 32.75 45.60 20.11
C VAL D 328 32.54 46.51 21.32
N TYR D 329 31.94 47.67 21.08
CA TYR D 329 31.66 48.65 22.13
C TYR D 329 30.15 48.84 22.31
N ARG D 330 29.76 49.18 23.54
CA ARG D 330 28.35 49.26 23.91
C ARG D 330 28.15 50.44 24.86
N GLN D 331 27.31 51.38 24.46
CA GLN D 331 27.09 52.60 25.24
C GLN D 331 25.60 52.93 25.33
N ASN D 332 25.15 53.33 26.53
CA ASN D 332 23.76 53.66 26.79
C ASN D 332 23.28 54.94 26.11
N ASP D 333 21.95 55.14 26.14
CA ASP D 333 21.28 56.26 25.48
C ASP D 333 21.52 56.25 23.97
N VAL D 334 22.06 57.34 23.42
CA VAL D 334 22.32 57.46 21.98
C VAL D 334 23.65 58.15 21.68
N VAL D 335 24.45 57.54 20.82
CA VAL D 335 25.75 58.08 20.42
C VAL D 335 25.78 58.32 18.91
N LEU D 336 26.07 59.56 18.52
CA LEU D 336 26.09 59.92 17.09
C LEU D 336 27.48 59.79 16.47
N VAL D 337 27.78 58.58 16.02
CA VAL D 337 29.04 58.28 15.33
C VAL D 337 28.73 57.65 13.98
N GLU D 338 29.24 58.25 12.91
CA GLU D 338 29.10 57.69 11.57
C GLU D 338 30.11 56.57 11.33
N GLU D 339 29.71 55.59 10.51
CA GLU D 339 30.57 54.47 10.12
C GLU D 339 31.80 54.97 9.35
N GLY D 340 32.96 54.42 9.69
CA GLY D 340 34.21 54.80 9.03
C GLY D 340 35.03 55.81 9.80
N ALA D 341 34.42 56.45 10.80
CA ALA D 341 35.10 57.43 11.63
C ALA D 341 36.08 56.78 12.60
N THR D 342 37.03 57.56 13.11
CA THR D 342 38.00 57.08 14.09
C THR D 342 37.45 57.15 15.52
N PHE D 343 37.61 56.04 16.25
CA PHE D 343 37.04 55.92 17.60
C PHE D 343 38.02 55.27 18.57
N ALA D 344 38.17 55.89 19.74
CA ALA D 344 39.05 55.38 20.77
C ALA D 344 38.29 55.08 22.05
N ILE D 345 38.65 53.97 22.71
CA ILE D 345 38.04 53.58 23.97
C ILE D 345 39.10 53.19 25.00
N GLY D 346 38.70 53.21 26.28
CA GLY D 346 39.57 52.83 27.39
C GLY D 346 39.39 51.39 27.80
N LEU D 347 40.52 50.74 28.12
CA LEU D 347 40.53 49.35 28.54
C LEU D 347 40.81 49.29 30.05
N PRO D 348 39.75 49.13 30.87
CA PRO D 348 39.93 49.13 32.32
C PRO D 348 40.50 47.82 32.85
N PRO D 349 41.67 47.87 33.50
CA PRO D 349 42.33 46.66 34.00
C PRO D 349 41.51 45.89 35.06
N GLU D 350 40.77 46.61 35.90
CA GLU D 350 40.02 46.00 36.99
C GLU D 350 38.93 45.05 36.49
N ARG D 351 38.38 45.36 35.31
CA ARG D 351 37.25 44.62 34.76
C ARG D 351 37.64 43.55 33.73
N CYS D 352 38.91 43.16 33.71
CA CYS D 352 39.42 42.24 32.69
C CYS D 352 39.53 40.79 33.14
N HIS D 353 39.24 39.87 32.22
CA HIS D 353 39.43 38.43 32.42
C HIS D 353 40.72 37.98 31.74
N LEU D 354 41.34 36.93 32.25
CA LEU D 354 42.55 36.37 31.64
C LEU D 354 42.47 34.85 31.57
N PHE D 355 42.77 34.31 30.39
CA PHE D 355 42.66 32.87 30.14
C PHE D 355 43.97 32.26 29.65
N ARG D 356 44.29 31.07 30.15
CA ARG D 356 45.51 30.36 29.77
C ARG D 356 45.39 29.72 28.36
N GLU D 357 46.46 29.07 27.92
CA GLU D 357 46.47 28.33 26.64
C GLU D 357 45.33 27.32 26.56
N ASP D 358 45.13 26.58 27.65
CA ASP D 358 44.06 25.58 27.75
C ASP D 358 42.68 26.22 28.02
N GLY D 359 42.60 27.54 27.91
CA GLY D 359 41.33 28.25 28.02
C GLY D 359 40.83 28.48 29.43
N THR D 360 41.49 27.86 30.41
CA THR D 360 41.12 28.00 31.82
C THR D 360 41.35 29.44 32.30
N ALA D 361 40.41 29.94 33.11
CA ALA D 361 40.45 31.31 33.59
C ALA D 361 41.36 31.50 34.80
N CYS D 362 42.07 32.62 34.82
CA CYS D 362 42.78 33.07 36.02
C CYS D 362 41.78 33.79 36.91
N ARG D 363 41.64 33.30 38.15
CA ARG D 363 40.64 33.81 39.08
C ARG D 363 40.77 35.32 39.28
N ARG D 364 39.69 36.04 39.00
CA ARG D 364 39.67 37.50 39.20
C ARG D 364 39.70 37.87 40.68
N LEU D 365 40.58 38.80 41.03
CA LEU D 365 40.73 39.22 42.42
C LEU D 365 39.94 40.49 42.73
N HIS D 366 39.32 41.06 41.70
CA HIS D 366 38.45 42.22 41.85
C HIS D 366 37.06 41.79 42.35
N LYS D 367 36.56 42.49 43.37
CA LYS D 367 35.25 42.17 43.95
C LYS D 367 34.13 42.92 43.23
N GLU D 368 33.28 42.14 42.56
CA GLU D 368 32.11 42.68 41.87
C GLU D 368 30.86 42.52 42.74
N PRO D 369 29.98 43.54 42.75
CA PRO D 369 28.82 43.50 43.63
C PRO D 369 27.75 42.53 43.13
N GLY D 370 27.16 41.78 44.06
CA GLY D 370 26.13 40.79 43.74
C GLY D 370 26.62 39.36 43.75
N VAL D 371 27.85 39.14 44.23
CA VAL D 371 28.43 37.80 44.34
C VAL D 371 29.01 37.55 45.74
N ALA E 2 15.55 46.67 -9.44
CA ALA E 2 16.49 47.22 -8.43
C ALA E 2 15.75 48.12 -7.44
N SER E 3 15.10 49.16 -7.95
CA SER E 3 14.20 49.98 -7.15
C SER E 3 12.82 49.35 -7.20
N VAL E 4 12.36 48.85 -6.04
CA VAL E 4 11.07 48.17 -5.95
C VAL E 4 10.02 49.04 -5.23
N GLN E 5 8.87 49.22 -5.88
CA GLN E 5 7.81 50.07 -5.31
C GLN E 5 6.41 49.49 -5.47
N LEU E 6 5.60 49.64 -4.43
CA LEU E 6 4.25 49.09 -4.37
C LEU E 6 3.21 50.20 -4.29
N GLN E 7 2.23 50.15 -5.20
CA GLN E 7 1.12 51.11 -5.22
C GLN E 7 -0.20 50.39 -4.97
N ASN E 8 -0.84 50.71 -3.83
CA ASN E 8 -2.14 50.16 -3.45
C ASN E 8 -2.24 48.62 -3.51
N VAL E 9 -1.12 47.95 -3.25
CA VAL E 9 -1.08 46.47 -3.31
C VAL E 9 -1.97 45.86 -2.23
N THR E 10 -2.88 44.99 -2.66
CA THR E 10 -3.86 44.35 -1.79
C THR E 10 -3.91 42.85 -2.06
N LYS E 11 -3.86 42.07 -1.00
CA LYS E 11 -4.01 40.62 -1.13
C LYS E 11 -5.30 40.15 -0.46
N ALA E 12 -6.08 39.37 -1.20
CA ALA E 12 -7.32 38.82 -0.69
C ALA E 12 -7.36 37.31 -0.92
N TRP E 13 -8.07 36.62 -0.02
CA TRP E 13 -8.30 35.19 -0.17
C TRP E 13 -9.80 34.92 -0.20
N GLY E 14 -10.39 35.13 -1.37
CA GLY E 14 -11.84 34.98 -1.56
C GLY E 14 -12.61 36.15 -0.99
N GLU E 15 -12.64 36.23 0.34
CA GLU E 15 -13.35 37.30 1.05
C GLU E 15 -12.45 37.95 2.11
N VAL E 16 -11.45 37.21 2.57
CA VAL E 16 -10.53 37.68 3.60
C VAL E 16 -9.50 38.66 3.02
N VAL E 17 -9.69 39.94 3.30
CA VAL E 17 -8.74 40.97 2.89
C VAL E 17 -7.58 40.99 3.90
N VAL E 18 -6.60 40.12 3.66
CA VAL E 18 -5.48 39.91 4.58
C VAL E 18 -4.53 41.12 4.64
N SER E 19 -4.48 41.90 3.56
CA SER E 19 -3.65 43.10 3.48
C SER E 19 -4.40 44.26 2.86
N LYS E 20 -4.53 45.36 3.61
CA LYS E 20 -5.14 46.59 3.09
C LYS E 20 -4.28 47.23 1.99
N ASP E 21 -4.90 48.12 1.20
CA ASP E 21 -4.18 48.83 0.13
C ASP E 21 -2.99 49.62 0.67
N ILE E 22 -1.81 49.01 0.59
CA ILE E 22 -0.61 49.56 1.21
C ILE E 22 0.46 49.99 0.23
N ASN E 23 0.94 51.22 0.41
CA ASN E 23 1.97 51.80 -0.45
C ASN E 23 3.35 51.72 0.18
N LEU E 24 4.33 51.31 -0.62
CA LEU E 24 5.72 51.25 -0.20
C LEU E 24 6.66 51.70 -1.31
N ASP E 25 7.59 52.59 -0.96
CA ASP E 25 8.59 53.06 -1.91
C ASP E 25 9.97 52.67 -1.41
N ILE E 26 10.59 51.72 -2.10
CA ILE E 26 11.89 51.19 -1.72
C ILE E 26 12.92 51.55 -2.78
N HIS E 27 13.91 52.36 -2.38
CA HIS E 27 14.90 52.90 -3.29
C HIS E 27 16.03 51.91 -3.57
N GLU E 28 16.79 52.20 -4.63
CA GLU E 28 17.94 51.39 -5.05
C GLU E 28 18.93 51.19 -3.90
N GLY E 29 19.33 49.93 -3.70
CA GLY E 29 20.37 49.58 -2.71
C GLY E 29 19.97 49.72 -1.26
N GLU E 30 18.68 49.88 -0.99
CA GLU E 30 18.18 50.13 0.36
C GLU E 30 17.87 48.84 1.12
N PHE E 31 18.32 48.78 2.37
CA PHE E 31 18.04 47.66 3.26
C PHE E 31 16.73 47.93 3.98
N VAL E 32 15.68 47.22 3.56
CA VAL E 32 14.34 47.42 4.13
C VAL E 32 13.92 46.18 4.90
N VAL E 33 13.47 46.38 6.14
CA VAL E 33 13.00 45.28 6.98
C VAL E 33 11.50 45.41 7.24
N PHE E 34 10.76 44.35 6.88
CA PHE E 34 9.36 44.22 7.27
C PHE E 34 9.31 43.49 8.60
N VAL E 35 8.74 44.14 9.62
CA VAL E 35 8.57 43.54 10.94
C VAL E 35 7.12 43.47 11.38
N GLY E 36 6.81 42.43 12.15
CA GLY E 36 5.49 42.24 12.72
C GLY E 36 5.36 40.88 13.39
N PRO E 37 4.26 40.67 14.13
CA PRO E 37 4.01 39.38 14.78
C PRO E 37 3.69 38.32 13.72
N SER E 38 3.75 37.05 14.12
CA SER E 38 3.47 35.95 13.20
C SER E 38 2.06 36.06 12.64
N GLY E 39 1.93 35.88 11.33
CA GLY E 39 0.65 35.92 10.64
C GLY E 39 0.16 37.30 10.26
N CYS E 40 1.03 38.30 10.35
CA CYS E 40 0.66 39.68 10.04
C CYS E 40 0.80 40.00 8.55
N GLY E 41 1.27 39.02 7.77
CA GLY E 41 1.31 39.12 6.31
C GLY E 41 2.68 39.41 5.71
N LYS E 42 3.73 39.20 6.49
CA LYS E 42 5.10 39.50 6.06
C LYS E 42 5.53 38.66 4.86
N SER E 43 5.33 37.34 4.95
CA SER E 43 5.73 36.43 3.89
C SER E 43 4.83 36.58 2.66
N THR E 44 3.57 36.91 2.88
CA THR E 44 2.62 37.18 1.80
C THR E 44 3.14 38.32 0.93
N LEU E 45 3.62 39.39 1.56
CA LEU E 45 4.20 40.53 0.85
C LEU E 45 5.43 40.14 0.07
N LEU E 46 6.33 39.40 0.72
CA LEU E 46 7.57 38.98 0.10
C LEU E 46 7.30 38.11 -1.12
N ARG E 47 6.34 37.19 -0.97
CA ARG E 47 5.92 36.29 -2.05
C ARG E 47 5.22 37.03 -3.20
N MET E 48 4.55 38.14 -2.87
CA MET E 48 3.92 38.97 -3.89
C MET E 48 4.96 39.71 -4.72
N ILE E 49 6.01 40.18 -4.04
CA ILE E 49 7.15 40.83 -4.71
C ILE E 49 7.90 39.81 -5.57
N ALA E 50 8.09 38.60 -5.03
CA ALA E 50 8.83 37.53 -5.70
C ALA E 50 8.07 36.95 -6.88
N GLY E 51 6.75 36.94 -6.80
CA GLY E 51 5.91 36.37 -7.84
C GLY E 51 5.33 35.03 -7.44
N LEU E 52 5.63 34.59 -6.22
CA LEU E 52 5.13 33.32 -5.70
C LEU E 52 3.67 33.41 -5.27
N GLU E 53 3.15 34.64 -5.25
CA GLU E 53 1.75 34.90 -4.91
C GLU E 53 1.21 36.04 -5.77
N THR E 54 0.02 35.84 -6.34
CA THR E 54 -0.56 36.83 -7.23
C THR E 54 -1.06 38.06 -6.47
N ILE E 55 -1.09 39.20 -7.14
CA ILE E 55 -1.57 40.44 -6.55
C ILE E 55 -3.03 40.65 -6.94
N THR E 56 -3.91 40.63 -5.94
CA THR E 56 -5.36 40.74 -6.17
C THR E 56 -5.75 42.13 -6.69
N SER E 57 -5.13 43.16 -6.14
CA SER E 57 -5.42 44.54 -6.50
C SER E 57 -4.19 45.42 -6.28
N GLY E 58 -3.95 46.35 -7.20
CA GLY E 58 -2.84 47.30 -7.09
C GLY E 58 -1.69 47.01 -8.04
N ASP E 59 -0.65 47.84 -7.95
CA ASP E 59 0.49 47.75 -8.87
C ASP E 59 1.83 47.60 -8.17
N LEU E 60 2.69 46.77 -8.75
CA LEU E 60 4.03 46.53 -8.23
C LEU E 60 5.07 46.79 -9.32
N PHE E 61 6.08 47.59 -8.99
CA PHE E 61 7.13 47.91 -9.94
C PHE E 61 8.50 47.52 -9.40
N ILE E 62 9.33 46.95 -10.28
CA ILE E 62 10.72 46.67 -9.98
C ILE E 62 11.56 47.25 -11.11
N GLY E 63 12.38 48.24 -10.79
CA GLY E 63 13.17 48.94 -11.82
C GLY E 63 12.27 49.77 -12.71
N GLU E 64 11.15 50.22 -12.16
CA GLU E 64 10.18 51.11 -12.81
C GLU E 64 9.35 50.48 -13.95
N LYS E 65 9.33 49.15 -14.01
CA LYS E 65 8.37 48.43 -14.86
C LYS E 65 7.46 47.53 -14.03
N ARG E 66 6.21 47.41 -14.47
CA ARG E 66 5.19 46.65 -13.75
C ARG E 66 5.49 45.16 -13.80
N MET E 67 5.36 44.50 -12.64
CA MET E 67 5.73 43.08 -12.51
C MET E 67 4.56 42.14 -12.16
N ASN E 68 3.40 42.72 -11.83
CA ASN E 68 2.23 41.94 -11.42
C ASN E 68 2.02 40.65 -12.21
N ASP E 69 2.13 40.74 -13.53
CA ASP E 69 1.86 39.61 -14.42
C ASP E 69 3.13 39.00 -15.02
N THR E 70 4.29 39.40 -14.51
CA THR E 70 5.57 38.86 -14.95
C THR E 70 5.94 37.67 -14.08
N PRO E 71 6.29 36.52 -14.71
CA PRO E 71 6.74 35.31 -14.01
C PRO E 71 7.93 35.56 -13.09
N PRO E 72 8.01 34.83 -11.96
CA PRO E 72 8.99 35.10 -10.90
C PRO E 72 10.45 35.18 -11.36
N ALA E 73 10.83 34.36 -12.32
CA ALA E 73 12.21 34.25 -12.80
C ALA E 73 12.71 35.53 -13.47
N GLU E 74 11.82 36.19 -14.20
CA GLU E 74 12.18 37.35 -15.02
C GLU E 74 12.06 38.67 -14.25
N ARG E 75 11.88 38.58 -12.95
CA ARG E 75 11.74 39.76 -12.10
C ARG E 75 13.08 40.34 -11.63
N GLY E 76 14.17 39.64 -11.90
CA GLY E 76 15.50 40.03 -11.43
C GLY E 76 15.59 39.98 -9.93
N VAL E 77 14.96 38.96 -9.35
CA VAL E 77 14.80 38.87 -7.91
C VAL E 77 15.12 37.46 -7.40
N GLY E 78 15.81 37.39 -6.26
CA GLY E 78 16.13 36.12 -5.64
C GLY E 78 15.53 36.03 -4.25
N MET E 79 15.42 34.81 -3.72
CA MET E 79 14.91 34.64 -2.36
C MET E 79 15.61 33.55 -1.55
N VAL E 80 16.05 33.93 -0.36
CA VAL E 80 16.40 32.98 0.68
C VAL E 80 15.09 32.60 1.36
N PHE E 81 14.72 31.33 1.26
CA PHE E 81 13.46 30.85 1.83
C PHE E 81 13.54 30.64 3.33
N GLN E 82 12.39 30.73 4.00
CA GLN E 82 12.29 30.56 5.45
C GLN E 82 12.81 29.20 5.90
N SER E 83 12.45 28.15 5.17
CA SER E 83 12.84 26.77 5.47
C SER E 83 14.13 26.38 4.74
N TYR E 84 14.79 27.39 4.15
CA TYR E 84 16.00 27.22 3.33
C TYR E 84 15.72 26.65 1.94
N ALA E 85 14.65 25.85 1.83
CA ALA E 85 14.22 25.23 0.57
C ALA E 85 15.38 24.59 -0.19
N LEU E 86 16.24 23.88 0.54
CA LEU E 86 17.38 23.21 -0.06
C LEU E 86 16.95 21.91 -0.71
N TYR E 87 17.45 21.67 -1.92
CA TYR E 87 17.17 20.44 -2.64
C TYR E 87 17.85 19.26 -1.96
N PRO E 88 17.06 18.34 -1.38
CA PRO E 88 17.55 17.25 -0.54
C PRO E 88 18.47 16.28 -1.27
N HIS E 89 18.21 16.07 -2.55
CA HIS E 89 18.94 15.10 -3.36
C HIS E 89 20.23 15.68 -3.94
N LEU E 90 20.31 17.00 -4.01
CA LEU E 90 21.46 17.68 -4.61
C LEU E 90 22.50 18.11 -3.57
N SER E 91 23.76 18.17 -4.00
CA SER E 91 24.85 18.64 -3.14
C SER E 91 24.81 20.16 -2.95
N VAL E 92 25.66 20.67 -2.07
CA VAL E 92 25.75 22.11 -1.81
C VAL E 92 26.15 22.87 -3.07
N ALA E 93 27.20 22.39 -3.75
CA ALA E 93 27.67 22.97 -5.00
C ALA E 93 26.58 22.93 -6.08
N GLU E 94 25.76 21.88 -6.05
CA GLU E 94 24.66 21.74 -7.00
C GLU E 94 23.44 22.56 -6.60
N ASN E 95 23.25 22.73 -5.29
CA ASN E 95 22.22 23.61 -4.75
C ASN E 95 22.49 25.08 -5.06
N MET E 96 23.77 25.46 -4.94
CA MET E 96 24.20 26.84 -5.15
C MET E 96 24.22 27.23 -6.63
N SER E 97 24.54 26.28 -7.49
CA SER E 97 24.66 26.55 -8.92
C SER E 97 23.39 26.24 -9.72
N PHE E 98 22.46 25.51 -9.09
CA PHE E 98 21.22 25.07 -9.74
C PHE E 98 20.55 26.13 -10.62
N GLY E 99 20.51 27.37 -10.11
CA GLY E 99 19.90 28.50 -10.80
C GLY E 99 20.36 28.72 -12.23
N LEU E 100 21.65 29.03 -12.39
CA LEU E 100 22.24 29.25 -13.71
C LEU E 100 22.66 27.94 -14.39
N LYS E 101 22.56 26.83 -13.66
CA LYS E 101 22.79 25.50 -14.22
C LYS E 101 21.78 25.19 -15.33
N LEU E 102 20.51 25.47 -15.05
CA LEU E 102 19.45 25.30 -16.05
C LEU E 102 19.34 26.54 -16.93
N ALA E 103 19.35 26.31 -18.24
CA ALA E 103 19.31 27.36 -19.27
C ALA E 103 20.48 28.36 -19.20
N GLY E 104 21.35 28.30 -20.21
CA GLY E 104 22.56 29.14 -20.24
C GLY E 104 23.66 28.55 -19.38
N ALA E 105 23.79 27.23 -19.40
CA ALA E 105 24.77 26.49 -18.62
C ALA E 105 26.19 26.78 -19.09
N LYS E 106 27.07 27.13 -18.15
CA LYS E 106 28.48 27.38 -18.45
C LYS E 106 29.38 26.75 -17.40
N LYS E 107 30.01 25.64 -17.77
CA LYS E 107 30.81 24.80 -16.86
C LYS E 107 31.85 25.57 -16.06
N GLU E 108 32.61 26.43 -16.75
CA GLU E 108 33.71 27.18 -16.14
C GLU E 108 33.20 28.34 -15.27
N VAL E 109 32.12 28.98 -15.70
CA VAL E 109 31.51 30.11 -14.99
C VAL E 109 30.85 29.67 -13.69
N ILE E 110 30.28 28.46 -13.70
CA ILE E 110 29.69 27.85 -12.51
C ILE E 110 30.74 27.75 -11.39
N ASN E 111 31.85 27.09 -11.70
CA ASN E 111 32.94 26.88 -10.74
C ASN E 111 33.41 28.16 -10.07
N GLN E 112 33.54 29.23 -10.86
CA GLN E 112 33.92 30.54 -10.36
C GLN E 112 32.92 31.07 -9.33
N ARG E 113 31.68 31.27 -9.76
CA ARG E 113 30.64 31.86 -8.92
C ARG E 113 30.38 31.05 -7.64
N VAL E 114 30.54 29.73 -7.73
CA VAL E 114 30.38 28.86 -6.57
C VAL E 114 31.52 29.06 -5.57
N ASN E 115 32.76 28.86 -6.03
CA ASN E 115 33.94 28.97 -5.18
C ASN E 115 34.15 30.36 -4.56
N GLN E 116 33.72 31.39 -5.28
CA GLN E 116 33.81 32.78 -4.80
C GLN E 116 32.85 33.04 -3.65
N VAL E 117 31.62 32.54 -3.79
CA VAL E 117 30.58 32.69 -2.76
C VAL E 117 30.84 31.73 -1.59
N ALA E 118 31.40 30.57 -1.89
CA ALA E 118 31.80 29.61 -0.87
C ALA E 118 32.99 30.12 -0.06
N GLU E 119 33.77 31.02 -0.66
CA GLU E 119 34.91 31.64 0.01
C GLU E 119 34.46 32.61 1.11
N VAL E 120 33.52 33.48 0.77
CA VAL E 120 33.05 34.52 1.70
C VAL E 120 32.11 33.98 2.79
N LEU E 121 31.66 32.75 2.62
CA LEU E 121 30.78 32.10 3.60
C LEU E 121 31.44 30.87 4.23
N GLN E 122 32.70 30.64 3.88
CA GLN E 122 33.46 29.47 4.31
C GLN E 122 32.65 28.18 4.13
N LEU E 123 32.41 27.85 2.86
CA LEU E 123 31.60 26.69 2.48
C LEU E 123 32.32 25.78 1.48
N ALA E 124 33.59 26.07 1.23
CA ALA E 124 34.41 25.33 0.26
C ALA E 124 34.64 23.87 0.64
N HIS E 125 34.53 23.57 1.94
CA HIS E 125 34.73 22.22 2.46
C HIS E 125 33.40 21.45 2.58
N LEU E 126 32.30 22.11 2.23
CA LEU E 126 30.97 21.50 2.34
C LEU E 126 30.31 21.29 0.97
N LEU E 127 30.99 21.71 -0.09
CA LEU E 127 30.44 21.67 -1.45
C LEU E 127 30.04 20.28 -1.90
N ASP E 128 30.81 19.27 -1.50
CA ASP E 128 30.60 17.88 -1.89
C ASP E 128 29.56 17.18 -1.01
N ARG E 129 29.10 17.87 0.03
CA ARG E 129 28.17 17.31 1.02
C ARG E 129 26.70 17.56 0.67
N LYS E 130 25.82 16.75 1.28
CA LYS E 130 24.38 16.86 1.08
C LYS E 130 23.75 17.54 2.30
N PRO E 131 22.68 18.34 2.10
CA PRO E 131 22.05 19.17 3.15
C PRO E 131 21.72 18.47 4.46
N LYS E 132 21.48 17.16 4.43
CA LYS E 132 21.12 16.40 5.63
C LYS E 132 22.32 16.19 6.56
N ALA E 133 23.52 16.24 5.99
CA ALA E 133 24.76 16.07 6.76
C ALA E 133 25.17 17.37 7.46
N LEU E 134 24.66 18.49 6.97
CA LEU E 134 25.02 19.80 7.50
C LEU E 134 24.19 20.16 8.74
N SER E 135 24.75 21.04 9.56
CA SER E 135 24.02 21.61 10.69
C SER E 135 23.11 22.74 10.22
N GLY E 136 22.13 23.11 11.05
CA GLY E 136 21.20 24.18 10.73
C GLY E 136 21.86 25.47 10.31
N GLY E 137 22.89 25.87 11.06
CA GLY E 137 23.65 27.08 10.79
C GLY E 137 24.37 27.11 9.45
N GLN E 138 24.89 25.94 9.05
CA GLN E 138 25.56 25.79 7.76
C GLN E 138 24.56 25.84 6.62
N ARG E 139 23.42 25.18 6.81
CA ARG E 139 22.35 25.11 5.81
C ARG E 139 21.81 26.49 5.46
N GLN E 140 21.79 27.37 6.46
CA GLN E 140 21.42 28.77 6.26
C GLN E 140 22.40 29.45 5.32
N ARG E 141 23.69 29.19 5.53
CA ARG E 141 24.75 29.77 4.70
C ARG E 141 24.73 29.25 3.26
N VAL E 142 24.21 28.04 3.08
CA VAL E 142 24.00 27.49 1.75
C VAL E 142 22.81 28.18 1.08
N ALA E 143 21.76 28.44 1.87
CA ALA E 143 20.55 29.11 1.38
C ALA E 143 20.85 30.52 0.90
N ILE E 144 21.60 31.27 1.71
CA ILE E 144 22.04 32.62 1.33
C ILE E 144 23.07 32.53 0.21
N GLY E 145 23.98 31.55 0.32
CA GLY E 145 24.99 31.30 -0.69
C GLY E 145 24.42 31.05 -2.07
N ARG E 146 23.30 30.33 -2.12
CA ARG E 146 22.61 30.02 -3.36
C ARG E 146 22.22 31.26 -4.15
N THR E 147 21.59 32.22 -3.47
CA THR E 147 21.12 33.46 -4.11
C THR E 147 22.27 34.41 -4.43
N LEU E 148 23.34 34.36 -3.63
CA LEU E 148 24.53 35.15 -3.88
C LEU E 148 25.22 34.74 -5.18
N VAL E 149 25.14 33.45 -5.51
CA VAL E 149 25.67 32.93 -6.78
C VAL E 149 24.85 33.49 -7.94
N ALA E 150 23.53 33.58 -7.74
CA ALA E 150 22.61 34.08 -8.76
C ALA E 150 22.77 35.57 -9.02
N GLU E 151 23.24 36.30 -8.01
CA GLU E 151 23.45 37.75 -8.09
C GLU E 151 22.22 38.51 -8.64
N PRO E 152 21.11 38.51 -7.87
CA PRO E 152 19.93 39.25 -8.29
C PRO E 152 20.06 40.73 -7.95
N SER E 153 19.22 41.56 -8.57
CA SER E 153 19.19 42.99 -8.28
C SER E 153 18.48 43.27 -6.96
N VAL E 154 17.52 42.42 -6.60
CA VAL E 154 16.80 42.56 -5.34
C VAL E 154 16.89 41.25 -4.54
N PHE E 155 17.34 41.37 -3.30
CA PHE E 155 17.41 40.23 -2.39
C PHE E 155 16.19 40.21 -1.48
N LEU E 156 15.53 39.06 -1.40
CA LEU E 156 14.38 38.89 -0.52
C LEU E 156 14.68 37.82 0.53
N LEU E 157 14.67 38.22 1.79
CA LEU E 157 15.03 37.31 2.88
C LEU E 157 13.87 37.11 3.85
N ASP E 158 13.36 35.88 3.88
CA ASP E 158 12.23 35.53 4.75
C ASP E 158 12.74 34.85 6.02
N GLU E 159 13.01 35.66 7.04
CA GLU E 159 13.46 35.18 8.36
C GLU E 159 14.67 34.23 8.31
N PRO E 160 15.82 34.72 7.78
CA PRO E 160 17.00 33.87 7.63
C PRO E 160 17.64 33.45 8.96
N LEU E 161 17.55 34.32 9.97
CA LEU E 161 18.17 34.07 11.26
C LEU E 161 17.24 33.34 12.23
N SER E 162 15.96 33.33 11.90
CA SER E 162 14.87 32.95 12.81
C SER E 162 14.99 31.56 13.45
N ASN E 163 15.73 30.66 12.81
CA ASN E 163 15.84 29.27 13.25
C ASN E 163 17.22 28.87 13.77
N LEU E 164 17.96 29.84 14.32
CA LEU E 164 19.30 29.60 14.79
C LEU E 164 19.46 29.82 16.30
N ASP E 165 20.54 29.30 16.87
CA ASP E 165 20.90 29.57 18.25
C ASP E 165 21.06 31.06 18.44
N ALA E 166 20.65 31.55 19.61
CA ALA E 166 20.69 32.98 19.93
C ALA E 166 22.05 33.60 19.67
N ALA E 167 23.12 32.89 20.03
CA ALA E 167 24.49 33.37 19.86
C ALA E 167 24.92 33.36 18.39
N LEU E 168 24.32 32.46 17.62
CA LEU E 168 24.61 32.33 16.20
C LEU E 168 23.77 33.32 15.40
N ARG E 169 22.62 33.68 15.97
CA ARG E 169 21.71 34.67 15.39
C ARG E 169 22.34 36.06 15.45
N VAL E 170 22.90 36.39 16.61
CA VAL E 170 23.58 37.67 16.82
C VAL E 170 24.77 37.83 15.88
N GLN E 171 25.59 36.77 15.78
CA GLN E 171 26.75 36.77 14.91
C GLN E 171 26.37 36.95 13.44
N MET E 172 25.32 36.24 13.01
CA MET E 172 24.86 36.30 11.62
C MET E 172 24.28 37.66 11.22
N ARG E 173 23.82 38.44 12.20
CA ARG E 173 23.37 39.81 11.95
C ARG E 173 24.49 40.67 11.36
N ILE E 174 25.69 40.56 11.95
CA ILE E 174 26.86 41.31 11.52
C ILE E 174 27.23 40.94 10.08
N GLU E 175 27.23 39.64 9.79
CA GLU E 175 27.50 39.13 8.45
C GLU E 175 26.59 39.73 7.38
N ILE E 176 25.29 39.79 7.69
CA ILE E 176 24.30 40.35 6.76
C ILE E 176 24.54 41.84 6.52
N SER E 177 24.84 42.58 7.59
CA SER E 177 25.17 44.01 7.49
C SER E 177 26.39 44.23 6.59
N ARG E 178 27.43 43.44 6.82
CA ARG E 178 28.68 43.55 6.10
C ARG E 178 28.57 43.03 4.67
N LEU E 179 27.61 42.12 4.45
CA LEU E 179 27.31 41.64 3.11
C LEU E 179 26.54 42.72 2.34
N HIS E 180 25.65 43.42 3.05
CA HIS E 180 24.86 44.48 2.46
C HIS E 180 25.73 45.61 1.91
N LYS E 181 26.64 46.13 2.74
CA LYS E 181 27.49 47.25 2.33
C LYS E 181 28.54 46.86 1.29
N ARG E 182 28.93 45.59 1.28
CA ARG E 182 29.91 45.09 0.32
C ARG E 182 29.30 44.93 -1.07
N LEU E 183 28.00 44.62 -1.13
CA LEU E 183 27.29 44.48 -2.40
C LEU E 183 26.59 45.77 -2.81
N GLY E 184 25.99 46.45 -1.84
CA GLY E 184 25.30 47.73 -2.08
C GLY E 184 24.00 47.58 -2.86
N ARG E 185 23.39 46.40 -2.80
CA ARG E 185 22.16 46.13 -3.56
C ARG E 185 20.93 46.09 -2.66
N THR E 186 19.76 46.21 -3.28
CA THR E 186 18.47 46.30 -2.59
C THR E 186 18.13 45.00 -1.86
N MET E 187 17.88 45.11 -0.56
CA MET E 187 17.56 43.94 0.27
C MET E 187 16.27 44.13 1.05
N ILE E 188 15.30 43.24 0.80
CA ILE E 188 14.08 43.21 1.61
C ILE E 188 14.16 42.07 2.62
N TYR E 189 14.05 42.43 3.89
CA TYR E 189 14.25 41.53 5.01
C TYR E 189 12.94 41.35 5.75
N VAL E 190 12.66 40.12 6.15
CA VAL E 190 11.46 39.83 6.93
C VAL E 190 11.82 39.13 8.24
N THR E 191 11.34 39.67 9.35
CA THR E 191 11.56 39.09 10.67
C THR E 191 10.44 39.47 11.64
N HIS E 192 10.41 38.78 12.78
CA HIS E 192 9.49 39.11 13.87
C HIS E 192 10.26 39.77 15.00
N ASP E 193 11.59 39.65 14.93
CA ASP E 193 12.48 40.21 15.94
C ASP E 193 12.73 41.69 15.67
N GLN E 194 12.30 42.53 16.60
CA GLN E 194 12.48 43.98 16.48
C GLN E 194 13.95 44.37 16.52
N VAL E 195 14.76 43.55 17.19
CA VAL E 195 16.20 43.75 17.30
C VAL E 195 16.88 43.73 15.93
N GLU E 196 16.43 42.82 15.07
CA GLU E 196 16.98 42.68 13.73
C GLU E 196 16.61 43.87 12.88
N ALA E 197 15.39 44.37 13.04
CA ALA E 197 14.92 45.53 12.30
C ALA E 197 15.80 46.75 12.58
N MET E 198 16.07 46.99 13.86
CA MET E 198 16.84 48.15 14.29
C MET E 198 18.29 48.11 13.81
N THR E 199 18.89 46.93 13.90
CA THR E 199 20.33 46.77 13.68
C THR E 199 20.74 46.50 12.23
N LEU E 200 19.76 46.29 11.36
CA LEU E 200 20.03 45.99 9.95
C LEU E 200 19.47 47.03 8.98
N ALA E 201 18.25 47.51 9.26
CA ALA E 201 17.50 48.32 8.32
C ALA E 201 17.95 49.76 8.16
N ASP E 202 17.98 50.21 6.90
CA ASP E 202 17.99 51.63 6.60
C ASP E 202 16.59 52.16 6.87
N LYS E 203 15.59 51.36 6.51
CA LYS E 203 14.18 51.74 6.62
C LYS E 203 13.36 50.57 7.16
N ILE E 204 12.52 50.86 8.15
CA ILE E 204 11.67 49.84 8.79
C ILE E 204 10.22 50.00 8.36
N VAL E 205 9.56 48.88 8.08
CA VAL E 205 8.12 48.85 7.79
C VAL E 205 7.41 47.94 8.79
N VAL E 206 6.58 48.54 9.63
CA VAL E 206 5.84 47.79 10.65
C VAL E 206 4.47 47.38 10.14
N LEU E 207 4.15 46.09 10.30
CA LEU E 207 2.88 45.53 9.84
C LEU E 207 2.02 45.08 11.01
N ASP E 208 0.76 45.54 11.01
CA ASP E 208 -0.20 45.17 12.04
C ASP E 208 -1.47 44.59 11.40
N ALA E 209 -1.57 43.26 11.42
CA ALA E 209 -2.67 42.53 10.79
C ALA E 209 -2.93 42.99 9.34
N GLY E 210 -1.87 42.98 8.54
CA GLY E 210 -1.94 43.39 7.14
C GLY E 210 -1.62 44.85 6.92
N ARG E 211 -2.23 45.72 7.73
CA ARG E 211 -2.04 47.16 7.65
C ARG E 211 -0.60 47.57 7.97
N VAL E 212 -0.05 48.48 7.15
CA VAL E 212 1.23 49.10 7.45
C VAL E 212 1.00 50.18 8.52
N ALA E 213 1.63 49.98 9.68
CA ALA E 213 1.48 50.89 10.80
C ALA E 213 2.34 52.13 10.64
N GLN E 214 3.61 51.93 10.27
CA GLN E 214 4.56 53.03 10.10
C GLN E 214 5.75 52.63 9.22
N VAL E 215 6.33 53.63 8.56
CA VAL E 215 7.53 53.44 7.76
C VAL E 215 8.55 54.55 8.07
N GLY E 216 9.82 54.16 8.21
CA GLY E 216 10.90 55.13 8.42
C GLY E 216 12.17 54.55 9.02
N LYS E 217 13.11 55.44 9.34
CA LYS E 217 14.39 55.07 9.92
C LYS E 217 14.19 54.35 11.26
N PRO E 218 15.08 53.38 11.58
CA PRO E 218 14.96 52.63 12.83
C PRO E 218 14.92 53.55 14.05
N LEU E 219 15.79 54.55 14.06
CA LEU E 219 15.92 55.47 15.18
C LEU E 219 14.74 56.45 15.26
N GLU E 220 14.01 56.58 14.14
CA GLU E 220 12.82 57.42 14.08
C GLU E 220 11.62 56.67 14.66
N LEU E 221 11.52 55.39 14.34
CA LEU E 221 10.47 54.51 14.84
C LEU E 221 10.53 54.32 16.36
N TYR E 222 11.75 54.34 16.89
CA TYR E 222 12.00 54.18 18.32
C TYR E 222 11.50 55.37 19.14
N HIS E 223 11.96 56.57 18.76
CA HIS E 223 11.63 57.81 19.48
C HIS E 223 10.21 58.28 19.20
N TYR E 224 9.81 58.26 17.93
CA TYR E 224 8.51 58.77 17.51
C TYR E 224 7.66 57.70 16.83
N PRO E 225 6.88 56.92 17.61
CA PRO E 225 5.95 55.96 17.04
C PRO E 225 4.66 56.64 16.58
N ALA E 226 4.02 56.09 15.56
CA ALA E 226 2.79 56.66 15.01
C ALA E 226 1.55 56.22 15.79
N ASP E 227 1.63 55.04 16.40
CA ASP E 227 0.53 54.50 17.21
C ASP E 227 1.04 53.61 18.36
N ARG E 228 0.09 53.13 19.18
CA ARG E 228 0.38 52.29 20.35
C ARG E 228 1.09 50.98 20.00
N PHE E 229 0.86 50.49 18.79
CA PHE E 229 1.40 49.22 18.34
C PHE E 229 2.89 49.31 18.06
N VAL E 230 3.30 50.37 17.37
CA VAL E 230 4.70 50.61 17.03
C VAL E 230 5.53 50.79 18.31
N ALA E 231 5.01 51.60 19.22
CA ALA E 231 5.64 51.84 20.52
C ALA E 231 5.81 50.55 21.31
N GLY E 232 4.79 49.69 21.26
CA GLY E 232 4.81 48.43 21.99
C GLY E 232 5.58 47.33 21.31
N PHE E 233 5.93 47.52 20.04
CA PHE E 233 6.63 46.49 19.27
C PHE E 233 8.13 46.72 19.19
N ILE E 234 8.56 47.98 19.20
CA ILE E 234 9.99 48.30 19.14
C ILE E 234 10.51 48.71 20.52
N GLY E 235 11.62 48.10 20.91
CA GLY E 235 12.19 48.29 22.24
C GLY E 235 12.47 46.95 22.89
N SER E 236 13.60 46.85 23.60
CA SER E 236 14.05 45.58 24.20
C SER E 236 12.97 44.95 25.07
N PRO E 237 12.67 45.54 26.26
CA PRO E 237 11.44 45.15 26.93
C PRO E 237 10.30 46.07 26.48
N LYS E 238 9.07 45.57 26.55
CA LYS E 238 7.90 46.33 26.09
C LYS E 238 7.74 47.63 26.88
N MET E 239 7.30 48.68 26.19
CA MET E 239 7.06 49.99 26.79
C MET E 239 5.92 49.94 27.80
N ASN E 240 6.06 50.68 28.90
CA ASN E 240 5.04 50.73 29.95
C ASN E 240 3.84 51.56 29.52
N PHE E 241 2.65 50.95 29.60
CA PHE E 241 1.41 51.62 29.25
C PHE E 241 0.53 51.85 30.48
N LEU E 242 0.30 53.12 30.79
CA LEU E 242 -0.52 53.50 31.94
C LEU E 242 -1.78 54.24 31.50
N PRO E 243 -2.96 53.70 31.86
CA PRO E 243 -4.23 54.36 31.55
C PRO E 243 -4.35 55.70 32.27
N VAL E 244 -4.44 56.78 31.49
CA VAL E 244 -4.51 58.13 32.04
C VAL E 244 -5.77 58.88 31.59
N LYS E 245 -6.17 59.88 32.37
CA LYS E 245 -7.35 60.69 32.07
C LYS E 245 -6.97 62.15 31.87
N VAL E 246 -7.35 62.70 30.72
CA VAL E 246 -7.06 64.09 30.37
C VAL E 246 -7.90 65.04 31.22
N THR E 247 -7.23 65.97 31.89
CA THR E 247 -7.91 66.94 32.76
C THR E 247 -7.76 68.37 32.25
N ALA E 248 -6.58 68.69 31.73
CA ALA E 248 -6.28 70.02 31.20
C ALA E 248 -5.56 69.95 29.85
N THR E 249 -5.86 70.93 28.99
CA THR E 249 -5.26 71.01 27.66
C THR E 249 -4.75 72.42 27.34
N ALA E 250 -3.52 72.49 26.83
CA ALA E 250 -2.89 73.75 26.44
C ALA E 250 -2.51 73.73 24.96
N ILE E 251 -1.85 74.79 24.50
CA ILE E 251 -1.40 74.88 23.11
C ILE E 251 -0.05 74.19 22.90
N ASP E 252 0.70 74.02 23.99
CA ASP E 252 2.04 73.44 23.94
C ASP E 252 2.07 72.00 24.44
N GLN E 253 1.43 71.74 25.58
CA GLN E 253 1.46 70.44 26.25
C GLN E 253 0.09 70.01 26.76
N VAL E 254 -0.01 68.78 27.25
CA VAL E 254 -1.26 68.23 27.77
C VAL E 254 -1.06 67.63 29.17
N GLN E 255 -1.99 67.95 30.08
CA GLN E 255 -1.96 67.42 31.45
C GLN E 255 -2.91 66.24 31.61
N VAL E 256 -2.40 65.17 32.23
CA VAL E 256 -3.20 63.96 32.46
C VAL E 256 -3.16 63.49 33.92
N GLU E 257 -4.18 62.74 34.33
CA GLU E 257 -4.30 62.22 35.68
C GLU E 257 -3.87 60.76 35.76
N LEU E 258 -3.13 60.42 36.82
CA LEU E 258 -2.65 59.06 37.04
C LEU E 258 -3.71 58.20 37.75
N PRO E 259 -3.71 56.86 37.49
CA PRO E 259 -4.71 55.96 38.08
C PRO E 259 -4.46 55.57 39.54
N MET E 260 -3.51 56.23 40.20
CA MET E 260 -3.17 55.97 41.61
C MET E 260 -4.25 56.52 42.55
N PRO E 261 -4.31 55.99 43.80
CA PRO E 261 -5.14 56.59 44.84
C PRO E 261 -4.68 58.01 45.16
N ASN E 262 -3.36 58.21 45.18
CA ASN E 262 -2.77 59.54 45.25
C ASN E 262 -2.79 60.17 43.85
N ARG E 263 -3.86 60.91 43.56
CA ARG E 263 -4.08 61.47 42.23
C ARG E 263 -3.13 62.64 41.91
N GLN E 264 -2.02 62.29 41.25
CA GLN E 264 -1.03 63.27 40.83
C GLN E 264 -1.28 63.69 39.38
N GLN E 265 -0.85 64.89 39.03
CA GLN E 265 -1.03 65.43 37.67
C GLN E 265 0.25 66.09 37.15
N VAL E 266 0.54 65.87 35.87
CA VAL E 266 1.77 66.37 35.25
C VAL E 266 1.57 66.73 33.76
N TRP E 267 2.28 67.78 33.33
CA TRP E 267 2.23 68.24 31.94
C TRP E 267 3.23 67.48 31.08
N LEU E 268 2.79 67.10 29.88
CA LEU E 268 3.63 66.35 28.93
C LEU E 268 3.78 67.11 27.61
N PRO E 269 5.02 67.53 27.28
CA PRO E 269 5.31 68.29 26.05
C PRO E 269 4.99 67.50 24.79
N VAL E 270 3.73 67.50 24.39
CA VAL E 270 3.25 66.69 23.27
C VAL E 270 2.15 67.43 22.48
N GLU E 271 1.81 66.91 21.31
CA GLU E 271 0.78 67.48 20.43
C GLU E 271 -0.56 67.64 21.14
N SER E 272 -1.23 68.76 20.88
CA SER E 272 -2.53 69.05 21.48
C SER E 272 -3.59 69.38 20.42
N ARG E 273 -3.34 68.91 19.19
CA ARG E 273 -4.30 69.05 18.09
C ARG E 273 -5.31 67.90 18.15
N ASP E 274 -6.59 68.27 18.20
CA ASP E 274 -7.70 67.31 18.30
C ASP E 274 -7.60 66.44 19.57
N VAL E 275 -7.73 67.09 20.73
CA VAL E 275 -7.77 66.40 22.02
C VAL E 275 -8.92 66.92 22.89
N GLN E 276 -9.46 66.05 23.74
CA GLN E 276 -10.60 66.40 24.59
C GLN E 276 -10.35 66.10 26.07
N VAL E 277 -10.96 66.91 26.94
CA VAL E 277 -10.85 66.73 28.39
C VAL E 277 -11.81 65.67 28.93
N GLY E 278 -11.24 64.66 29.59
CA GLY E 278 -12.03 63.54 30.10
C GLY E 278 -11.89 62.27 29.27
N ALA E 279 -10.98 62.31 28.29
CA ALA E 279 -10.74 61.18 27.40
C ALA E 279 -9.73 60.21 27.99
N ASN E 280 -10.11 58.94 28.08
CA ASN E 280 -9.24 57.89 28.61
C ASN E 280 -8.10 57.54 27.66
N MET E 281 -6.91 58.04 27.98
CA MET E 281 -5.73 57.87 27.13
C MET E 281 -4.70 56.92 27.73
N SER E 282 -3.60 56.70 27.01
CA SER E 282 -2.54 55.82 27.47
C SER E 282 -1.20 56.56 27.54
N LEU E 283 -0.56 56.48 28.70
CA LEU E 283 0.76 57.06 28.89
C LEU E 283 1.85 56.09 28.44
N GLY E 284 2.78 56.59 27.64
CA GLY E 284 3.89 55.79 27.14
C GLY E 284 5.22 56.20 27.77
N ILE E 285 5.87 55.26 28.43
CA ILE E 285 7.19 55.49 29.02
C ILE E 285 8.05 54.23 28.93
N ARG E 286 9.25 54.38 28.37
CA ARG E 286 10.17 53.26 28.17
C ARG E 286 10.98 52.97 29.43
N PRO E 287 11.28 51.68 29.69
CA PRO E 287 12.01 51.24 30.88
C PRO E 287 13.37 51.91 31.07
N GLU E 288 14.05 52.20 29.97
CA GLU E 288 15.38 52.82 30.01
C GLU E 288 15.29 54.28 30.42
N HIS E 289 14.22 54.95 30.01
CA HIS E 289 14.07 56.39 30.24
C HIS E 289 13.71 56.74 31.67
N LEU E 290 13.16 55.78 32.42
CA LEU E 290 12.78 56.00 33.82
C LEU E 290 13.99 56.33 34.70
N LEU E 291 13.74 57.14 35.74
CA LEU E 291 14.81 57.69 36.57
C LEU E 291 14.78 57.18 38.01
N PRO E 292 15.91 57.31 38.74
CA PRO E 292 15.92 57.08 40.19
C PRO E 292 15.03 58.06 40.95
N SER E 293 14.57 57.66 42.13
CA SER E 293 13.59 58.41 42.91
C SER E 293 14.09 59.74 43.47
N ASP E 294 15.38 59.83 43.74
CA ASP E 294 15.98 61.03 44.35
C ASP E 294 16.20 62.19 43.38
N ILE E 295 16.16 61.89 42.08
CA ILE E 295 16.39 62.90 41.03
C ILE E 295 15.11 63.64 40.64
N ALA E 296 14.13 62.90 40.13
CA ALA E 296 12.88 63.48 39.61
C ALA E 296 11.91 63.93 40.72
N ASP E 297 10.76 64.45 40.29
CA ASP E 297 9.71 64.90 41.21
C ASP E 297 8.46 64.02 41.13
N VAL E 298 8.21 63.44 39.95
CA VAL E 298 7.09 62.54 39.75
C VAL E 298 7.48 61.13 40.19
N ILE E 299 6.90 60.68 41.31
CA ILE E 299 7.32 59.44 41.96
C ILE E 299 6.25 58.35 41.87
N LEU E 300 6.68 57.16 41.47
CA LEU E 300 5.83 55.97 41.47
C LEU E 300 6.46 54.92 42.36
N GLU E 301 5.70 54.45 43.36
CA GLU E 301 6.20 53.50 44.33
C GLU E 301 5.30 52.26 44.41
N GLY E 302 5.94 51.09 44.45
CA GLY E 302 5.21 49.82 44.54
C GLY E 302 6.00 48.71 45.18
N GLU E 303 5.63 47.47 44.87
CA GLU E 303 6.28 46.29 45.41
C GLU E 303 7.01 45.53 44.31
N VAL E 304 8.28 45.21 44.55
CA VAL E 304 9.10 44.47 43.59
C VAL E 304 8.67 43.01 43.52
N GLN E 305 8.31 42.57 42.32
CA GLN E 305 7.88 41.19 42.10
C GLN E 305 8.98 40.36 41.44
N VAL E 306 9.53 40.87 40.34
CA VAL E 306 10.56 40.17 39.58
C VAL E 306 11.84 41.00 39.49
N VAL E 307 12.97 40.38 39.82
CA VAL E 307 14.28 40.98 39.62
C VAL E 307 15.07 40.09 38.66
N GLU E 308 15.42 40.66 37.51
CA GLU E 308 16.20 39.94 36.50
C GLU E 308 17.62 40.49 36.43
N GLN E 309 18.57 39.72 36.97
CA GLN E 309 19.98 40.10 36.96
C GLN E 309 20.62 39.64 35.66
N LEU E 310 20.80 40.57 34.74
CA LEU E 310 21.36 40.28 33.41
C LEU E 310 22.88 40.44 33.36
N GLY E 311 23.45 41.03 34.41
CA GLY E 311 24.89 41.25 34.49
C GLY E 311 25.28 42.61 33.96
N ASN E 312 24.97 42.86 32.68
CA ASN E 312 25.24 44.15 32.04
C ASN E 312 24.24 45.22 32.45
N GLU E 313 23.08 44.78 32.93
CA GLU E 313 21.99 45.67 33.34
C GLU E 313 21.09 44.96 34.35
N THR E 314 20.28 45.74 35.06
CA THR E 314 19.30 45.19 35.98
C THR E 314 17.90 45.66 35.59
N GLN E 315 17.01 44.70 35.41
CA GLN E 315 15.61 44.99 35.09
C GLN E 315 14.71 44.58 36.25
N ILE E 316 13.91 45.55 36.72
CA ILE E 316 13.08 45.37 37.91
C ILE E 316 11.60 45.57 37.58
N HIS E 317 10.79 44.56 37.92
CA HIS E 317 9.35 44.61 37.71
C HIS E 317 8.64 45.00 39.01
N ILE E 318 7.92 46.11 38.98
CA ILE E 318 7.31 46.70 40.18
C ILE E 318 5.78 46.69 40.15
N GLN E 319 5.18 46.09 41.17
CA GLN E 319 3.73 46.06 41.34
C GLN E 319 3.23 47.40 41.92
N ILE E 320 2.80 48.29 41.03
CA ILE E 320 2.23 49.58 41.41
C ILE E 320 0.74 49.37 41.75
N PRO E 321 0.29 49.88 42.92
CA PRO E 321 -1.11 49.75 43.33
C PRO E 321 -2.10 50.42 42.39
N SER E 322 -3.32 49.89 42.33
CA SER E 322 -4.43 50.40 41.51
C SER E 322 -4.23 50.26 39.99
N ILE E 323 -3.21 49.51 39.58
CA ILE E 323 -2.99 49.18 38.17
C ILE E 323 -2.43 47.76 38.03
N ARG E 324 -3.21 46.89 37.39
CA ARG E 324 -2.80 45.51 37.17
C ARG E 324 -1.82 45.38 35.99
N GLN E 325 -0.68 46.04 36.13
CA GLN E 325 0.42 45.96 35.19
C GLN E 325 1.72 46.30 35.92
N ASN E 326 2.63 45.33 35.97
CA ASN E 326 3.91 45.51 36.63
C ASN E 326 4.83 46.42 35.81
N LEU E 327 5.20 47.55 36.40
CA LEU E 327 6.04 48.54 35.73
C LEU E 327 7.50 48.07 35.64
N VAL E 328 8.09 48.25 34.47
CA VAL E 328 9.43 47.74 34.18
C VAL E 328 10.48 48.86 34.19
N TYR E 329 11.53 48.66 34.99
CA TYR E 329 12.63 49.61 35.09
C TYR E 329 13.91 49.03 34.51
N ARG E 330 14.80 49.89 34.03
CA ARG E 330 16.04 49.47 33.40
C ARG E 330 17.20 50.39 33.76
N GLN E 331 18.31 49.80 34.22
CA GLN E 331 19.48 50.55 34.66
C GLN E 331 20.77 49.74 34.51
N ASN E 332 21.88 50.45 34.27
CA ASN E 332 23.19 49.84 34.04
C ASN E 332 23.83 49.19 35.27
N ASP E 333 24.87 48.40 35.00
CA ASP E 333 25.65 47.67 36.02
C ASP E 333 24.77 46.77 36.89
N VAL E 334 25.12 46.65 38.18
CA VAL E 334 24.38 45.80 39.11
C VAL E 334 23.68 46.62 40.20
N VAL E 335 22.40 46.33 40.42
CA VAL E 335 21.60 46.99 41.45
C VAL E 335 21.21 45.97 42.51
N LEU E 336 21.60 46.23 43.76
CA LEU E 336 21.34 45.31 44.86
C LEU E 336 19.98 45.55 45.50
N VAL E 337 18.94 44.97 44.90
CA VAL E 337 17.57 45.04 45.42
C VAL E 337 16.94 43.65 45.40
N GLU E 338 16.47 43.20 46.56
CA GLU E 338 15.87 41.87 46.70
C GLU E 338 14.40 41.84 46.25
N GLU E 339 13.92 40.65 45.89
CA GLU E 339 12.54 40.44 45.47
C GLU E 339 11.59 40.54 46.67
N GLY E 340 10.58 41.41 46.55
CA GLY E 340 9.61 41.62 47.61
C GLY E 340 9.74 42.96 48.31
N ALA E 341 10.93 43.55 48.23
CA ALA E 341 11.22 44.83 48.87
C ALA E 341 10.53 46.00 48.15
N THR E 342 10.37 47.11 48.86
CA THR E 342 9.76 48.32 48.30
C THR E 342 10.74 49.11 47.43
N PHE E 343 10.22 49.74 46.39
CA PHE E 343 11.05 50.51 45.45
C PHE E 343 10.27 51.67 44.84
N ALA E 344 10.97 52.78 44.59
CA ALA E 344 10.38 53.97 44.00
C ALA E 344 11.21 54.48 42.83
N ILE E 345 10.55 54.97 41.80
CA ILE E 345 11.21 55.48 40.59
C ILE E 345 10.69 56.87 40.17
N GLY E 346 11.45 57.52 39.29
CA GLY E 346 11.09 58.85 38.79
C GLY E 346 10.57 58.82 37.37
N LEU E 347 9.48 59.56 37.14
CA LEU E 347 8.85 59.64 35.83
C LEU E 347 9.18 60.98 35.14
N PRO E 348 9.99 60.93 34.07
CA PRO E 348 10.35 62.14 33.34
C PRO E 348 9.35 62.48 32.23
N PRO E 349 8.79 63.71 32.25
CA PRO E 349 7.76 64.14 31.30
C PRO E 349 8.29 64.36 29.87
N GLU E 350 9.59 64.58 29.75
CA GLU E 350 10.23 64.84 28.46
C GLU E 350 10.27 63.59 27.58
N ARG E 351 10.37 62.43 28.23
CA ARG E 351 10.47 61.15 27.54
C ARG E 351 9.15 60.37 27.55
N CYS E 352 8.03 61.10 27.55
CA CYS E 352 6.71 60.48 27.62
C CYS E 352 5.98 60.48 26.28
N HIS E 353 5.30 59.37 25.99
CA HIS E 353 4.45 59.24 24.81
C HIS E 353 2.98 59.29 25.23
N LEU E 354 2.10 59.65 24.31
CA LEU E 354 0.66 59.73 24.58
C LEU E 354 -0.16 59.21 23.41
N PHE E 355 -1.18 58.41 23.72
CA PHE E 355 -1.99 57.73 22.70
C PHE E 355 -3.49 57.94 22.92
N ARG E 356 -4.23 58.07 21.82
CA ARG E 356 -5.68 58.30 21.86
C ARG E 356 -6.45 57.01 22.14
N GLU E 357 -7.78 57.13 22.26
CA GLU E 357 -8.66 55.98 22.50
C GLU E 357 -8.54 54.91 21.40
N ASP E 358 -8.47 55.38 20.16
CA ASP E 358 -8.26 54.50 19.01
C ASP E 358 -6.85 53.92 18.98
N GLY E 359 -5.90 54.66 19.55
CA GLY E 359 -4.51 54.21 19.64
C GLY E 359 -3.52 55.11 18.92
N THR E 360 -4.03 56.18 18.30
CA THR E 360 -3.20 57.12 17.56
C THR E 360 -2.31 57.93 18.50
N ALA E 361 -1.02 57.93 18.22
CA ALA E 361 -0.04 58.63 19.05
C ALA E 361 -0.04 60.12 18.78
N CYS E 362 0.07 60.90 19.86
CA CYS E 362 0.22 62.35 19.75
C CYS E 362 1.67 62.68 19.43
N ARG E 363 1.86 63.51 18.39
CA ARG E 363 3.18 63.87 17.88
C ARG E 363 4.05 64.49 18.98
N ARG E 364 5.20 63.86 19.23
CA ARG E 364 6.12 64.33 20.26
C ARG E 364 6.89 65.56 19.80
N LEU E 365 6.87 66.60 20.63
CA LEU E 365 7.54 67.86 20.33
C LEU E 365 8.94 67.91 20.93
N HIS E 366 9.23 66.98 21.84
CA HIS E 366 10.55 66.89 22.48
C HIS E 366 11.61 66.45 21.47
N LYS E 367 12.56 67.34 21.21
CA LYS E 367 13.62 67.11 20.24
C LYS E 367 14.63 66.09 20.73
N GLU E 368 14.77 65.00 19.97
CA GLU E 368 15.68 63.91 20.32
C GLU E 368 16.90 63.90 19.40
N PRO E 369 18.08 63.56 19.95
CA PRO E 369 19.26 63.43 19.09
C PRO E 369 19.26 62.11 18.31
N GLY E 370 19.41 62.21 17.00
CA GLY E 370 19.44 61.04 16.12
C GLY E 370 18.52 61.10 14.92
N VAL E 371 17.67 62.13 14.87
CA VAL E 371 16.72 62.31 13.77
C VAL E 371 17.03 63.57 12.95
#